data_8Z51
# 
_entry.id   8Z51 
# 
_audit_conform.dict_name       mmcif_pdbx.dic 
_audit_conform.dict_version    5.403 
_audit_conform.dict_location   http://mmcif.pdb.org/dictionaries/ascii/mmcif_pdbx.dic 
# 
loop_
_database_2.database_id 
_database_2.database_code 
_database_2.pdbx_database_accession 
_database_2.pdbx_DOI 
PDB   8Z51         pdb_00008z51 10.2210/pdb8z51/pdb 
WWPDB D_1300045280 ?            ?                   
# 
_pdbx_audit_revision_history.ordinal             1 
_pdbx_audit_revision_history.data_content_type   'Structure model' 
_pdbx_audit_revision_history.major_revision      1 
_pdbx_audit_revision_history.minor_revision      0 
_pdbx_audit_revision_history.revision_date       2025-04-23 
_pdbx_audit_revision_history.part_number         ? 
# 
_pdbx_audit_revision_details.ordinal             1 
_pdbx_audit_revision_details.revision_ordinal    1 
_pdbx_audit_revision_details.data_content_type   'Structure model' 
_pdbx_audit_revision_details.provider            repository 
_pdbx_audit_revision_details.type                'Initial release' 
_pdbx_audit_revision_details.description         ? 
_pdbx_audit_revision_details.details             ? 
# 
_pdbx_database_status.status_code                     REL 
_pdbx_database_status.status_code_sf                  REL 
_pdbx_database_status.status_code_mr                  ? 
_pdbx_database_status.entry_id                        8Z51 
_pdbx_database_status.recvd_initial_deposition_date   2024-04-18 
_pdbx_database_status.SG_entry                        N 
_pdbx_database_status.deposit_site                    PDBJ 
_pdbx_database_status.process_site                    PDBJ 
_pdbx_database_status.status_code_cs                  ? 
_pdbx_database_status.status_code_nmr_data            ? 
_pdbx_database_status.methods_development_category    ? 
_pdbx_database_status.pdb_format_compatible           Y 
# 
loop_
_pdbx_contact_author.id 
_pdbx_contact_author.email 
_pdbx_contact_author.name_first 
_pdbx_contact_author.name_last 
_pdbx_contact_author.name_mi 
_pdbx_contact_author.role 
_pdbx_contact_author.identifier_ORCID 
4 ncmaiti@iicb.res.in      Nakul  Maiti Chandra 'principal investigator/group leader' 0000-0002-8498-6502 
5 saumen_datta@iicb.res.in Saumen Datta ?       'principal investigator/group leader' 0000-0002-3638-9383 
# 
loop_
_audit_author.name 
_audit_author.pdbx_ordinal 
_audit_author.identifier_ORCID 
'Roy, A.'         1 ? 
'Khanppnavar, B.' 2 ? 
'Dolui, S.'       3 ? 
'Datta, S.'       4 ? 
'Maiti, N.C.'     5 ? 
# 
_citation.abstract                  ? 
_citation.abstract_id_CAS           ? 
_citation.book_id_ISBN              ? 
_citation.book_publisher            ? 
_citation.book_publisher_city       ? 
_citation.book_title                ? 
_citation.coordinate_linkage        ? 
_citation.country                   ? 
_citation.database_id_Medline       ? 
_citation.details                   ? 
_citation.id                        primary 
_citation.journal_abbrev            'To Be Published' 
_citation.journal_id_ASTM           ? 
_citation.journal_id_CSD            0353 
_citation.journal_id_ISSN           ? 
_citation.journal_full              ? 
_citation.journal_issue             ? 
_citation.journal_volume            ? 
_citation.language                  ? 
_citation.page_first                ? 
_citation.page_last                 ? 
_citation.title                     'Hen Egg-White Lysozyme (HEWL) complexed with Emetine' 
_citation.year                      ? 
_citation.database_id_CSD           ? 
_citation.pdbx_database_id_DOI      ? 
_citation.pdbx_database_id_PubMed   ? 
_citation.pdbx_database_id_patent   ? 
_citation.unpublished_flag          ? 
# 
loop_
_citation_author.citation_id 
_citation_author.name 
_citation_author.ordinal 
_citation_author.identifier_ORCID 
primary 'Roy, A.'         1 ? 
primary 'Khanppnavar, B.' 2 ? 
primary 'Dolui, S.'       3 ? 
primary 'Datta, S.'       4 ? 
primary 'Maiti, N.C.'     5 ? 
# 
loop_
_entity.id 
_entity.type 
_entity.src_method 
_entity.pdbx_description 
_entity.formula_weight 
_entity.pdbx_number_of_molecules 
_entity.pdbx_ec 
_entity.pdbx_mutation 
_entity.pdbx_fragment 
_entity.details 
1 polymer     nat 'Lysozyme C' 14331.160 1   3.2.1.17 ? ? ? 
2 non-polymer syn emetine      480.639   1   ?        ? ? ? 
3 water       nat water        18.015    172 ?        ? ? ? 
# 
_entity_name_com.entity_id   1 
_entity_name_com.name        '1,4-beta-N-acetylmuramidase C,Allergen Gal d IV' 
# 
_entity_poly.entity_id                      1 
_entity_poly.type                           'polypeptide(L)' 
_entity_poly.nstd_linkage                   no 
_entity_poly.nstd_monomer                   no 
_entity_poly.pdbx_seq_one_letter_code       
;KVFGRCELAAAMKRHGLDNYRGYSLGNWVCAAKFESNFNTQATNRNTDGSTDYGILQINSRWWCNDGRTPGSRNLCNIPC
SALLSSDITASVNCAKKIVSDGNGMNAWVAWRNRCKGTDVQAWIRGCRL
;
_entity_poly.pdbx_seq_one_letter_code_can   
;KVFGRCELAAAMKRHGLDNYRGYSLGNWVCAAKFESNFNTQATNRNTDGSTDYGILQINSRWWCNDGRTPGSRNLCNIPC
SALLSSDITASVNCAKKIVSDGNGMNAWVAWRNRCKGTDVQAWIRGCRL
;
_entity_poly.pdbx_strand_id                 A 
_entity_poly.pdbx_target_identifier         ? 
# 
loop_
_pdbx_entity_nonpoly.entity_id 
_pdbx_entity_nonpoly.name 
_pdbx_entity_nonpoly.comp_id 
2 emetine 34G 
3 water   HOH 
# 
loop_
_entity_poly_seq.entity_id 
_entity_poly_seq.num 
_entity_poly_seq.mon_id 
_entity_poly_seq.hetero 
1 1   LYS n 
1 2   VAL n 
1 3   PHE n 
1 4   GLY n 
1 5   ARG n 
1 6   CYS n 
1 7   GLU n 
1 8   LEU n 
1 9   ALA n 
1 10  ALA n 
1 11  ALA n 
1 12  MET n 
1 13  LYS n 
1 14  ARG n 
1 15  HIS n 
1 16  GLY n 
1 17  LEU n 
1 18  ASP n 
1 19  ASN n 
1 20  TYR n 
1 21  ARG n 
1 22  GLY n 
1 23  TYR n 
1 24  SER n 
1 25  LEU n 
1 26  GLY n 
1 27  ASN n 
1 28  TRP n 
1 29  VAL n 
1 30  CYS n 
1 31  ALA n 
1 32  ALA n 
1 33  LYS n 
1 34  PHE n 
1 35  GLU n 
1 36  SER n 
1 37  ASN n 
1 38  PHE n 
1 39  ASN n 
1 40  THR n 
1 41  GLN n 
1 42  ALA n 
1 43  THR n 
1 44  ASN n 
1 45  ARG n 
1 46  ASN n 
1 47  THR n 
1 48  ASP n 
1 49  GLY n 
1 50  SER n 
1 51  THR n 
1 52  ASP n 
1 53  TYR n 
1 54  GLY n 
1 55  ILE n 
1 56  LEU n 
1 57  GLN n 
1 58  ILE n 
1 59  ASN n 
1 60  SER n 
1 61  ARG n 
1 62  TRP n 
1 63  TRP n 
1 64  CYS n 
1 65  ASN n 
1 66  ASP n 
1 67  GLY n 
1 68  ARG n 
1 69  THR n 
1 70  PRO n 
1 71  GLY n 
1 72  SER n 
1 73  ARG n 
1 74  ASN n 
1 75  LEU n 
1 76  CYS n 
1 77  ASN n 
1 78  ILE n 
1 79  PRO n 
1 80  CYS n 
1 81  SER n 
1 82  ALA n 
1 83  LEU n 
1 84  LEU n 
1 85  SER n 
1 86  SER n 
1 87  ASP n 
1 88  ILE n 
1 89  THR n 
1 90  ALA n 
1 91  SER n 
1 92  VAL n 
1 93  ASN n 
1 94  CYS n 
1 95  ALA n 
1 96  LYS n 
1 97  LYS n 
1 98  ILE n 
1 99  VAL n 
1 100 SER n 
1 101 ASP n 
1 102 GLY n 
1 103 ASN n 
1 104 GLY n 
1 105 MET n 
1 106 ASN n 
1 107 ALA n 
1 108 TRP n 
1 109 VAL n 
1 110 ALA n 
1 111 TRP n 
1 112 ARG n 
1 113 ASN n 
1 114 ARG n 
1 115 CYS n 
1 116 LYS n 
1 117 GLY n 
1 118 THR n 
1 119 ASP n 
1 120 VAL n 
1 121 GLN n 
1 122 ALA n 
1 123 TRP n 
1 124 ILE n 
1 125 ARG n 
1 126 GLY n 
1 127 CYS n 
1 128 ARG n 
1 129 LEU n 
# 
_entity_src_nat.entity_id                  1 
_entity_src_nat.pdbx_src_id                1 
_entity_src_nat.pdbx_alt_source_flag       sample 
_entity_src_nat.pdbx_beg_seq_num           1 
_entity_src_nat.pdbx_end_seq_num           129 
_entity_src_nat.common_name                chicken 
_entity_src_nat.pdbx_organism_scientific   'Gallus gallus' 
_entity_src_nat.pdbx_ncbi_taxonomy_id      9031 
_entity_src_nat.genus                      ? 
_entity_src_nat.species                    ? 
_entity_src_nat.strain                     ? 
_entity_src_nat.tissue                     ? 
_entity_src_nat.tissue_fraction            ? 
_entity_src_nat.pdbx_secretion             ? 
_entity_src_nat.pdbx_fragment              ? 
_entity_src_nat.pdbx_variant               ? 
_entity_src_nat.pdbx_cell_line             ? 
_entity_src_nat.pdbx_atcc                  ? 
_entity_src_nat.pdbx_cellular_location     ? 
_entity_src_nat.pdbx_organ                 ? 
_entity_src_nat.pdbx_organelle             ? 
_entity_src_nat.pdbx_cell                  ? 
_entity_src_nat.pdbx_plasmid_name          ? 
_entity_src_nat.pdbx_plasmid_details       ? 
_entity_src_nat.details                    ? 
# 
loop_
_chem_comp.id 
_chem_comp.type 
_chem_comp.mon_nstd_flag 
_chem_comp.name 
_chem_comp.pdbx_synonyms 
_chem_comp.formula 
_chem_comp.formula_weight 
34G non-polymer         . emetine         "(3beta,14beta)-6',7',10,11-tetramethoxyemetan" 'C29 H40 N2 O4'  480.639 
ALA 'L-peptide linking' y ALANINE         ?                                               'C3 H7 N O2'     89.093  
ARG 'L-peptide linking' y ARGININE        ?                                               'C6 H15 N4 O2 1' 175.209 
ASN 'L-peptide linking' y ASPARAGINE      ?                                               'C4 H8 N2 O3'    132.118 
ASP 'L-peptide linking' y 'ASPARTIC ACID' ?                                               'C4 H7 N O4'     133.103 
CYS 'L-peptide linking' y CYSTEINE        ?                                               'C3 H7 N O2 S'   121.158 
GLN 'L-peptide linking' y GLUTAMINE       ?                                               'C5 H10 N2 O3'   146.144 
GLU 'L-peptide linking' y 'GLUTAMIC ACID' ?                                               'C5 H9 N O4'     147.129 
GLY 'peptide linking'   y GLYCINE         ?                                               'C2 H5 N O2'     75.067  
HIS 'L-peptide linking' y HISTIDINE       ?                                               'C6 H10 N3 O2 1' 156.162 
HOH non-polymer         . WATER           ?                                               'H2 O'           18.015  
ILE 'L-peptide linking' y ISOLEUCINE      ?                                               'C6 H13 N O2'    131.173 
LEU 'L-peptide linking' y LEUCINE         ?                                               'C6 H13 N O2'    131.173 
LYS 'L-peptide linking' y LYSINE          ?                                               'C6 H15 N2 O2 1' 147.195 
MET 'L-peptide linking' y METHIONINE      ?                                               'C5 H11 N O2 S'  149.211 
PHE 'L-peptide linking' y PHENYLALANINE   ?                                               'C9 H11 N O2'    165.189 
PRO 'L-peptide linking' y PROLINE         ?                                               'C5 H9 N O2'     115.130 
SER 'L-peptide linking' y SERINE          ?                                               'C3 H7 N O3'     105.093 
THR 'L-peptide linking' y THREONINE       ?                                               'C4 H9 N O3'     119.119 
TRP 'L-peptide linking' y TRYPTOPHAN      ?                                               'C11 H12 N2 O2'  204.225 
TYR 'L-peptide linking' y TYROSINE        ?                                               'C9 H11 N O3'    181.189 
VAL 'L-peptide linking' y VALINE          ?                                               'C5 H11 N O2'    117.146 
# 
loop_
_pdbx_poly_seq_scheme.asym_id 
_pdbx_poly_seq_scheme.entity_id 
_pdbx_poly_seq_scheme.seq_id 
_pdbx_poly_seq_scheme.mon_id 
_pdbx_poly_seq_scheme.ndb_seq_num 
_pdbx_poly_seq_scheme.pdb_seq_num 
_pdbx_poly_seq_scheme.auth_seq_num 
_pdbx_poly_seq_scheme.pdb_mon_id 
_pdbx_poly_seq_scheme.auth_mon_id 
_pdbx_poly_seq_scheme.pdb_strand_id 
_pdbx_poly_seq_scheme.pdb_ins_code 
_pdbx_poly_seq_scheme.hetero 
A 1 1   LYS 1   1   1   LYS LYS A . n 
A 1 2   VAL 2   2   2   VAL VAL A . n 
A 1 3   PHE 3   3   3   PHE PHE A . n 
A 1 4   GLY 4   4   4   GLY GLY A . n 
A 1 5   ARG 5   5   5   ARG ARG A . n 
A 1 6   CYS 6   6   6   CYS CYS A . n 
A 1 7   GLU 7   7   7   GLU GLU A . n 
A 1 8   LEU 8   8   8   LEU LEU A . n 
A 1 9   ALA 9   9   9   ALA ALA A . n 
A 1 10  ALA 10  10  10  ALA ALA A . n 
A 1 11  ALA 11  11  11  ALA ALA A . n 
A 1 12  MET 12  12  12  MET MET A . n 
A 1 13  LYS 13  13  13  LYS LYS A . n 
A 1 14  ARG 14  14  14  ARG ARG A . n 
A 1 15  HIS 15  15  15  HIS HIS A . n 
A 1 16  GLY 16  16  16  GLY GLY A . n 
A 1 17  LEU 17  17  17  LEU LEU A . n 
A 1 18  ASP 18  18  18  ASP ASP A . n 
A 1 19  ASN 19  19  19  ASN ASN A . n 
A 1 20  TYR 20  20  20  TYR TYR A . n 
A 1 21  ARG 21  21  21  ARG ARG A . n 
A 1 22  GLY 22  22  22  GLY GLY A . n 
A 1 23  TYR 23  23  23  TYR TYR A . n 
A 1 24  SER 24  24  24  SER SER A . n 
A 1 25  LEU 25  25  25  LEU LEU A . n 
A 1 26  GLY 26  26  26  GLY GLY A . n 
A 1 27  ASN 27  27  27  ASN ASN A . n 
A 1 28  TRP 28  28  28  TRP TRP A . n 
A 1 29  VAL 29  29  29  VAL VAL A . n 
A 1 30  CYS 30  30  30  CYS CYS A . n 
A 1 31  ALA 31  31  31  ALA ALA A . n 
A 1 32  ALA 32  32  32  ALA ALA A . n 
A 1 33  LYS 33  33  33  LYS LYS A . n 
A 1 34  PHE 34  34  34  PHE PHE A . n 
A 1 35  GLU 35  35  35  GLU GLU A . n 
A 1 36  SER 36  36  36  SER SER A . n 
A 1 37  ASN 37  37  37  ASN ASN A . n 
A 1 38  PHE 38  38  38  PHE PHE A . n 
A 1 39  ASN 39  39  39  ASN ASN A . n 
A 1 40  THR 40  40  40  THR THR A . n 
A 1 41  GLN 41  41  41  GLN GLN A . n 
A 1 42  ALA 42  42  42  ALA ALA A . n 
A 1 43  THR 43  43  43  THR THR A . n 
A 1 44  ASN 44  44  44  ASN ASN A . n 
A 1 45  ARG 45  45  45  ARG ARG A . n 
A 1 46  ASN 46  46  46  ASN ASN A . n 
A 1 47  THR 47  47  47  THR THR A . n 
A 1 48  ASP 48  48  48  ASP ASP A . n 
A 1 49  GLY 49  49  49  GLY GLY A . n 
A 1 50  SER 50  50  50  SER SER A . n 
A 1 51  THR 51  51  51  THR THR A . n 
A 1 52  ASP 52  52  52  ASP ASP A . n 
A 1 53  TYR 53  53  53  TYR TYR A . n 
A 1 54  GLY 54  54  54  GLY GLY A . n 
A 1 55  ILE 55  55  55  ILE ILE A . n 
A 1 56  LEU 56  56  56  LEU LEU A . n 
A 1 57  GLN 57  57  57  GLN GLN A . n 
A 1 58  ILE 58  58  58  ILE ILE A . n 
A 1 59  ASN 59  59  59  ASN ASN A . n 
A 1 60  SER 60  60  60  SER SER A . n 
A 1 61  ARG 61  61  61  ARG ARG A . n 
A 1 62  TRP 62  62  62  TRP TRP A . n 
A 1 63  TRP 63  63  63  TRP TRP A . n 
A 1 64  CYS 64  64  64  CYS CYS A . n 
A 1 65  ASN 65  65  65  ASN ASN A . n 
A 1 66  ASP 66  66  66  ASP ASP A . n 
A 1 67  GLY 67  67  67  GLY GLY A . n 
A 1 68  ARG 68  68  68  ARG ARG A . n 
A 1 69  THR 69  69  69  THR THR A . n 
A 1 70  PRO 70  70  70  PRO PRO A . n 
A 1 71  GLY 71  71  71  GLY GLY A . n 
A 1 72  SER 72  72  72  SER SER A . n 
A 1 73  ARG 73  73  73  ARG ARG A . n 
A 1 74  ASN 74  74  74  ASN ASN A . n 
A 1 75  LEU 75  75  75  LEU LEU A . n 
A 1 76  CYS 76  76  76  CYS CYS A . n 
A 1 77  ASN 77  77  77  ASN ASN A . n 
A 1 78  ILE 78  78  78  ILE ILE A . n 
A 1 79  PRO 79  79  79  PRO PRO A . n 
A 1 80  CYS 80  80  80  CYS CYS A . n 
A 1 81  SER 81  81  81  SER SER A . n 
A 1 82  ALA 82  82  82  ALA ALA A . n 
A 1 83  LEU 83  83  83  LEU LEU A . n 
A 1 84  LEU 84  84  84  LEU LEU A . n 
A 1 85  SER 85  85  85  SER SER A . n 
A 1 86  SER 86  86  86  SER SER A . n 
A 1 87  ASP 87  87  87  ASP ASP A . n 
A 1 88  ILE 88  88  88  ILE ILE A . n 
A 1 89  THR 89  89  89  THR THR A . n 
A 1 90  ALA 90  90  90  ALA ALA A . n 
A 1 91  SER 91  91  91  SER SER A . n 
A 1 92  VAL 92  92  92  VAL VAL A . n 
A 1 93  ASN 93  93  93  ASN ASN A . n 
A 1 94  CYS 94  94  94  CYS CYS A . n 
A 1 95  ALA 95  95  95  ALA ALA A . n 
A 1 96  LYS 96  96  96  LYS LYS A . n 
A 1 97  LYS 97  97  97  LYS LYS A . n 
A 1 98  ILE 98  98  98  ILE ILE A . n 
A 1 99  VAL 99  99  99  VAL VAL A . n 
A 1 100 SER 100 100 100 SER SER A . n 
A 1 101 ASP 101 101 101 ASP ASP A . n 
A 1 102 GLY 102 102 102 GLY GLY A . n 
A 1 103 ASN 103 103 103 ASN ASN A . n 
A 1 104 GLY 104 104 104 GLY GLY A . n 
A 1 105 MET 105 105 105 MET MET A . n 
A 1 106 ASN 106 106 106 ASN ASN A . n 
A 1 107 ALA 107 107 107 ALA ALA A . n 
A 1 108 TRP 108 108 108 TRP TRP A . n 
A 1 109 VAL 109 109 109 VAL VAL A . n 
A 1 110 ALA 110 110 110 ALA ALA A . n 
A 1 111 TRP 111 111 111 TRP TRP A . n 
A 1 112 ARG 112 112 112 ARG ARG A . n 
A 1 113 ASN 113 113 113 ASN ASN A . n 
A 1 114 ARG 114 114 114 ARG ARG A . n 
A 1 115 CYS 115 115 115 CYS CYS A . n 
A 1 116 LYS 116 116 116 LYS LYS A . n 
A 1 117 GLY 117 117 117 GLY GLY A . n 
A 1 118 THR 118 118 118 THR THR A . n 
A 1 119 ASP 119 119 119 ASP ASP A . n 
A 1 120 VAL 120 120 120 VAL VAL A . n 
A 1 121 GLN 121 121 121 GLN GLN A . n 
A 1 122 ALA 122 122 122 ALA ALA A . n 
A 1 123 TRP 123 123 123 TRP TRP A . n 
A 1 124 ILE 124 124 124 ILE ILE A . n 
A 1 125 ARG 125 125 125 ARG ARG A . n 
A 1 126 GLY 126 126 126 GLY GLY A . n 
A 1 127 CYS 127 127 127 CYS CYS A . n 
A 1 128 ARG 128 128 128 ARG ARG A . n 
A 1 129 LEU 129 129 129 LEU LEU A . n 
# 
_pdbx_entity_instance_feature.ordinal        1 
_pdbx_entity_instance_feature.comp_id        34G 
_pdbx_entity_instance_feature.asym_id        ? 
_pdbx_entity_instance_feature.seq_num        ? 
_pdbx_entity_instance_feature.auth_comp_id   34G 
_pdbx_entity_instance_feature.auth_asym_id   ? 
_pdbx_entity_instance_feature.auth_seq_num   ? 
_pdbx_entity_instance_feature.feature_type   'SUBJECT OF INVESTIGATION' 
_pdbx_entity_instance_feature.details        ? 
# 
loop_
_pdbx_nonpoly_scheme.asym_id 
_pdbx_nonpoly_scheme.entity_id 
_pdbx_nonpoly_scheme.mon_id 
_pdbx_nonpoly_scheme.ndb_seq_num 
_pdbx_nonpoly_scheme.pdb_seq_num 
_pdbx_nonpoly_scheme.auth_seq_num 
_pdbx_nonpoly_scheme.pdb_mon_id 
_pdbx_nonpoly_scheme.auth_mon_id 
_pdbx_nonpoly_scheme.pdb_strand_id 
_pdbx_nonpoly_scheme.pdb_ins_code 
B 2 34G 1   201 1   34G 34G A . 
C 3 HOH 1   301 1   HOH HOH A . 
C 3 HOH 2   302 43  HOH HOH A . 
C 3 HOH 3   303 96  HOH HOH A . 
C 3 HOH 4   304 159 HOH HOH A . 
C 3 HOH 5   305 104 HOH HOH A . 
C 3 HOH 6   306 59  HOH HOH A . 
C 3 HOH 7   307 178 HOH HOH A . 
C 3 HOH 8   308 157 HOH HOH A . 
C 3 HOH 9   309 77  HOH HOH A . 
C 3 HOH 10  310 180 HOH HOH A . 
C 3 HOH 11  311 177 HOH HOH A . 
C 3 HOH 12  312 26  HOH HOH A . 
C 3 HOH 13  313 53  HOH HOH A . 
C 3 HOH 14  314 45  HOH HOH A . 
C 3 HOH 15  315 55  HOH HOH A . 
C 3 HOH 16  316 123 HOH HOH A . 
C 3 HOH 17  317 57  HOH HOH A . 
C 3 HOH 18  318 78  HOH HOH A . 
C 3 HOH 19  319 94  HOH HOH A . 
C 3 HOH 20  320 162 HOH HOH A . 
C 3 HOH 21  321 58  HOH HOH A . 
C 3 HOH 22  322 98  HOH HOH A . 
C 3 HOH 23  323 181 HOH HOH A . 
C 3 HOH 24  324 39  HOH HOH A . 
C 3 HOH 25  325 18  HOH HOH A . 
C 3 HOH 26  326 83  HOH HOH A . 
C 3 HOH 27  327 120 HOH HOH A . 
C 3 HOH 28  328 23  HOH HOH A . 
C 3 HOH 29  329 49  HOH HOH A . 
C 3 HOH 30  330 112 HOH HOH A . 
C 3 HOH 31  331 2   HOH HOH A . 
C 3 HOH 32  332 52  HOH HOH A . 
C 3 HOH 33  333 48  HOH HOH A . 
C 3 HOH 34  334 89  HOH HOH A . 
C 3 HOH 35  335 87  HOH HOH A . 
C 3 HOH 36  336 15  HOH HOH A . 
C 3 HOH 37  337 111 HOH HOH A . 
C 3 HOH 38  338 118 HOH HOH A . 
C 3 HOH 39  339 70  HOH HOH A . 
C 3 HOH 40  340 79  HOH HOH A . 
C 3 HOH 41  341 138 HOH HOH A . 
C 3 HOH 42  342 116 HOH HOH A . 
C 3 HOH 43  343 4   HOH HOH A . 
C 3 HOH 44  344 128 HOH HOH A . 
C 3 HOH 45  345 100 HOH HOH A . 
C 3 HOH 46  346 76  HOH HOH A . 
C 3 HOH 47  347 28  HOH HOH A . 
C 3 HOH 48  348 121 HOH HOH A . 
C 3 HOH 49  349 37  HOH HOH A . 
C 3 HOH 50  350 114 HOH HOH A . 
C 3 HOH 51  351 187 HOH HOH A . 
C 3 HOH 52  352 41  HOH HOH A . 
C 3 HOH 53  353 29  HOH HOH A . 
C 3 HOH 54  354 22  HOH HOH A . 
C 3 HOH 55  355 62  HOH HOH A . 
C 3 HOH 56  356 25  HOH HOH A . 
C 3 HOH 57  357 33  HOH HOH A . 
C 3 HOH 58  358 168 HOH HOH A . 
C 3 HOH 59  359 93  HOH HOH A . 
C 3 HOH 60  360 35  HOH HOH A . 
C 3 HOH 61  361 14  HOH HOH A . 
C 3 HOH 62  362 115 HOH HOH A . 
C 3 HOH 63  363 65  HOH HOH A . 
C 3 HOH 64  364 84  HOH HOH A . 
C 3 HOH 65  365 20  HOH HOH A . 
C 3 HOH 66  366 5   HOH HOH A . 
C 3 HOH 67  367 133 HOH HOH A . 
C 3 HOH 68  368 197 HOH HOH A . 
C 3 HOH 69  369 72  HOH HOH A . 
C 3 HOH 70  370 17  HOH HOH A . 
C 3 HOH 71  371 7   HOH HOH A . 
C 3 HOH 72  372 166 HOH HOH A . 
C 3 HOH 73  373 13  HOH HOH A . 
C 3 HOH 74  374 16  HOH HOH A . 
C 3 HOH 75  375 31  HOH HOH A . 
C 3 HOH 76  376 63  HOH HOH A . 
C 3 HOH 77  377 171 HOH HOH A . 
C 3 HOH 78  378 46  HOH HOH A . 
C 3 HOH 79  379 82  HOH HOH A . 
C 3 HOH 80  380 34  HOH HOH A . 
C 3 HOH 81  381 183 HOH HOH A . 
C 3 HOH 82  382 10  HOH HOH A . 
C 3 HOH 83  383 73  HOH HOH A . 
C 3 HOH 84  384 85  HOH HOH A . 
C 3 HOH 85  385 61  HOH HOH A . 
C 3 HOH 86  386 38  HOH HOH A . 
C 3 HOH 87  387 172 HOH HOH A . 
C 3 HOH 88  388 195 HOH HOH A . 
C 3 HOH 89  389 97  HOH HOH A . 
C 3 HOH 90  390 67  HOH HOH A . 
C 3 HOH 91  391 101 HOH HOH A . 
C 3 HOH 92  392 75  HOH HOH A . 
C 3 HOH 93  393 32  HOH HOH A . 
C 3 HOH 94  394 92  HOH HOH A . 
C 3 HOH 95  395 40  HOH HOH A . 
C 3 HOH 96  396 27  HOH HOH A . 
C 3 HOH 97  397 19  HOH HOH A . 
C 3 HOH 98  398 99  HOH HOH A . 
C 3 HOH 99  399 66  HOH HOH A . 
C 3 HOH 100 400 110 HOH HOH A . 
C 3 HOH 101 401 146 HOH HOH A . 
C 3 HOH 102 402 129 HOH HOH A . 
C 3 HOH 103 403 80  HOH HOH A . 
C 3 HOH 104 404 60  HOH HOH A . 
C 3 HOH 105 405 51  HOH HOH A . 
C 3 HOH 106 406 9   HOH HOH A . 
C 3 HOH 107 407 143 HOH HOH A . 
C 3 HOH 108 408 56  HOH HOH A . 
C 3 HOH 109 409 194 HOH HOH A . 
C 3 HOH 110 410 170 HOH HOH A . 
C 3 HOH 111 411 36  HOH HOH A . 
C 3 HOH 112 412 68  HOH HOH A . 
C 3 HOH 113 413 151 HOH HOH A . 
C 3 HOH 114 414 154 HOH HOH A . 
C 3 HOH 115 415 21  HOH HOH A . 
C 3 HOH 116 416 90  HOH HOH A . 
C 3 HOH 117 417 189 HOH HOH A . 
C 3 HOH 118 418 30  HOH HOH A . 
C 3 HOH 119 419 50  HOH HOH A . 
C 3 HOH 120 420 3   HOH HOH A . 
C 3 HOH 121 421 88  HOH HOH A . 
C 3 HOH 122 422 6   HOH HOH A . 
C 3 HOH 123 423 199 HOH HOH A . 
C 3 HOH 124 424 169 HOH HOH A . 
C 3 HOH 125 425 11  HOH HOH A . 
C 3 HOH 126 426 102 HOH HOH A . 
C 3 HOH 127 427 156 HOH HOH A . 
C 3 HOH 128 428 147 HOH HOH A . 
C 3 HOH 129 429 185 HOH HOH A . 
C 3 HOH 130 430 141 HOH HOH A . 
C 3 HOH 131 431 126 HOH HOH A . 
C 3 HOH 132 432 193 HOH HOH A . 
C 3 HOH 133 433 139 HOH HOH A . 
C 3 HOH 134 434 175 HOH HOH A . 
C 3 HOH 135 435 106 HOH HOH A . 
C 3 HOH 136 436 132 HOH HOH A . 
C 3 HOH 137 437 12  HOH HOH A . 
C 3 HOH 138 438 42  HOH HOH A . 
C 3 HOH 139 439 54  HOH HOH A . 
C 3 HOH 140 440 148 HOH HOH A . 
C 3 HOH 141 441 176 HOH HOH A . 
C 3 HOH 142 442 103 HOH HOH A . 
C 3 HOH 143 443 124 HOH HOH A . 
C 3 HOH 144 444 186 HOH HOH A . 
C 3 HOH 145 445 163 HOH HOH A . 
C 3 HOH 146 446 164 HOH HOH A . 
C 3 HOH 147 447 137 HOH HOH A . 
C 3 HOH 148 448 44  HOH HOH A . 
C 3 HOH 149 449 107 HOH HOH A . 
C 3 HOH 150 450 74  HOH HOH A . 
C 3 HOH 151 451 109 HOH HOH A . 
C 3 HOH 152 452 142 HOH HOH A . 
C 3 HOH 153 453 179 HOH HOH A . 
C 3 HOH 154 454 198 HOH HOH A . 
C 3 HOH 155 455 192 HOH HOH A . 
C 3 HOH 156 456 130 HOH HOH A . 
C 3 HOH 157 457 174 HOH HOH A . 
C 3 HOH 158 458 69  HOH HOH A . 
C 3 HOH 159 459 184 HOH HOH A . 
C 3 HOH 160 460 119 HOH HOH A . 
C 3 HOH 161 461 91  HOH HOH A . 
C 3 HOH 162 462 105 HOH HOH A . 
C 3 HOH 163 463 47  HOH HOH A . 
C 3 HOH 164 464 95  HOH HOH A . 
C 3 HOH 165 465 149 HOH HOH A . 
C 3 HOH 166 466 131 HOH HOH A . 
C 3 HOH 167 467 167 HOH HOH A . 
C 3 HOH 168 468 155 HOH HOH A . 
C 3 HOH 169 469 113 HOH HOH A . 
C 3 HOH 170 470 81  HOH HOH A . 
C 3 HOH 171 471 86  HOH HOH A . 
C 3 HOH 172 472 71  HOH HOH A . 
# 
loop_
_software.citation_id 
_software.classification 
_software.compiler_name 
_software.compiler_version 
_software.contact_author 
_software.contact_author_email 
_software.date 
_software.description 
_software.dependencies 
_software.hardware 
_software.language 
_software.location 
_software.mods 
_software.name 
_software.os 
_software.os_version 
_software.type 
_software.version 
_software.pdbx_ordinal 
? refinement       ? ? ? ? ? ? ? ? ? ? ? PHENIX         ? ? ? 1.20_4459 1 
? 'data reduction' ? ? ? ? ? ? ? ? ? ? ? 'PROTEUM PLUS' ? ? ? .         2 
? 'data scaling'   ? ? ? ? ? ? ? ? ? ? ? 'PROTEUM PLUS' ? ? ? .         3 
? phasing          ? ? ? ? ? ? ? ? ? ? ? PHASER         ? ? ? .         4 
# 
_cell.angle_alpha                  90.000 
_cell.angle_alpha_esd              ? 
_cell.angle_beta                   90.000 
_cell.angle_beta_esd               ? 
_cell.angle_gamma                  90.000 
_cell.angle_gamma_esd              ? 
_cell.entry_id                     8Z51 
_cell.details                      ? 
_cell.formula_units_Z              ? 
_cell.length_a                     79.191 
_cell.length_a_esd                 ? 
_cell.length_b                     79.191 
_cell.length_b_esd                 ? 
_cell.length_c                     35.335 
_cell.length_c_esd                 ? 
_cell.volume                       221593.364 
_cell.volume_esd                   ? 
_cell.Z_PDB                        8 
_cell.reciprocal_angle_alpha       ? 
_cell.reciprocal_angle_beta        ? 
_cell.reciprocal_angle_gamma       ? 
_cell.reciprocal_angle_alpha_esd   ? 
_cell.reciprocal_angle_beta_esd    ? 
_cell.reciprocal_angle_gamma_esd   ? 
_cell.reciprocal_length_a          ? 
_cell.reciprocal_length_b          ? 
_cell.reciprocal_length_c          ? 
_cell.reciprocal_length_a_esd      ? 
_cell.reciprocal_length_b_esd      ? 
_cell.reciprocal_length_c_esd      ? 
_cell.pdbx_unique_axis             ? 
_cell.pdbx_esd_method              ? 
# 
_symmetry.entry_id                         8Z51 
_symmetry.cell_setting                     ? 
_symmetry.Int_Tables_number                96 
_symmetry.space_group_name_Hall            'P 4nw 2abw' 
_symmetry.space_group_name_H-M             'P 43 21 2' 
_symmetry.pdbx_full_space_group_name_H-M   ? 
# 
_exptl.absorpt_coefficient_mu     ? 
_exptl.absorpt_correction_T_max   ? 
_exptl.absorpt_correction_T_min   ? 
_exptl.absorpt_correction_type    ? 
_exptl.absorpt_process_details    ? 
_exptl.entry_id                   8Z51 
_exptl.crystals_number            1 
_exptl.details                    ? 
_exptl.method                     'X-RAY DIFFRACTION' 
_exptl.method_details             ? 
# 
_exptl_crystal.colour                       ? 
_exptl_crystal.density_diffrn               ? 
_exptl_crystal.density_Matthews             1.93 
_exptl_crystal.density_method               ? 
_exptl_crystal.density_percent_sol          36.36 
_exptl_crystal.description                  ? 
_exptl_crystal.F_000                        ? 
_exptl_crystal.id                           1 
_exptl_crystal.preparation                  ? 
_exptl_crystal.size_max                     ? 
_exptl_crystal.size_mid                     ? 
_exptl_crystal.size_min                     ? 
_exptl_crystal.size_rad                     ? 
_exptl_crystal.colour_lustre                ? 
_exptl_crystal.colour_modifier              ? 
_exptl_crystal.colour_primary               ? 
_exptl_crystal.density_meas                 ? 
_exptl_crystal.density_meas_esd             ? 
_exptl_crystal.density_meas_gt              ? 
_exptl_crystal.density_meas_lt              ? 
_exptl_crystal.density_meas_temp            ? 
_exptl_crystal.density_meas_temp_esd        ? 
_exptl_crystal.density_meas_temp_gt         ? 
_exptl_crystal.density_meas_temp_lt         ? 
_exptl_crystal.pdbx_crystal_image_url       ? 
_exptl_crystal.pdbx_crystal_image_format    ? 
_exptl_crystal.pdbx_mosaicity               ? 
_exptl_crystal.pdbx_mosaicity_esd           ? 
_exptl_crystal.pdbx_mosaic_method           ? 
_exptl_crystal.pdbx_mosaic_block_size       ? 
_exptl_crystal.pdbx_mosaic_block_size_esd   ? 
# 
_exptl_crystal_grow.apparatus       ? 
_exptl_crystal_grow.atmosphere      ? 
_exptl_crystal_grow.crystal_id      1 
_exptl_crystal_grow.details         ? 
_exptl_crystal_grow.method          'VAPOR DIFFUSION, HANGING DROP' 
_exptl_crystal_grow.method_ref      ? 
_exptl_crystal_grow.pH              ? 
_exptl_crystal_grow.pressure        ? 
_exptl_crystal_grow.pressure_esd    ? 
_exptl_crystal_grow.seeding         ? 
_exptl_crystal_grow.seeding_ref     ? 
_exptl_crystal_grow.temp_details    ? 
_exptl_crystal_grow.temp_esd        ? 
_exptl_crystal_grow.time            ? 
_exptl_crystal_grow.pdbx_details    '0.1M Na-acetate pH 4.5, 6.5 %(w/v) NaCl' 
_exptl_crystal_grow.pdbx_pH_range   ? 
_exptl_crystal_grow.temp            293.15 
# 
_diffrn.ambient_environment              ? 
_diffrn.ambient_temp                     100 
_diffrn.ambient_temp_details             ? 
_diffrn.ambient_temp_esd                 ? 
_diffrn.crystal_id                       1 
_diffrn.crystal_support                  ? 
_diffrn.crystal_treatment                ? 
_diffrn.details                          ? 
_diffrn.id                               1 
_diffrn.ambient_pressure                 ? 
_diffrn.ambient_pressure_esd             ? 
_diffrn.ambient_pressure_gt              ? 
_diffrn.ambient_pressure_lt              ? 
_diffrn.ambient_temp_gt                  ? 
_diffrn.ambient_temp_lt                  ? 
_diffrn.pdbx_serial_crystal_experiment   N 
# 
_diffrn_detector.details                      ? 
_diffrn_detector.detector                     PIXEL 
_diffrn_detector.diffrn_id                    1 
_diffrn_detector.type                         'Bruker PHOTON III' 
_diffrn_detector.area_resol_mean              ? 
_diffrn_detector.dtime                        ? 
_diffrn_detector.pdbx_frames_total            ? 
_diffrn_detector.pdbx_collection_time_total   ? 
_diffrn_detector.pdbx_collection_date         2019-04-14 
_diffrn_detector.pdbx_frequency               ? 
_diffrn_detector.id                           ? 
_diffrn_detector.number_of_axes               ? 
# 
_diffrn_radiation.collimation                      ? 
_diffrn_radiation.diffrn_id                        1 
_diffrn_radiation.filter_edge                      ? 
_diffrn_radiation.inhomogeneity                    ? 
_diffrn_radiation.monochromator                    ? 
_diffrn_radiation.polarisn_norm                    ? 
_diffrn_radiation.polarisn_ratio                   ? 
_diffrn_radiation.probe                            ? 
_diffrn_radiation.type                             ? 
_diffrn_radiation.xray_symbol                      ? 
_diffrn_radiation.wavelength_id                    1 
_diffrn_radiation.pdbx_monochromatic_or_laue_m_l   M 
_diffrn_radiation.pdbx_wavelength_list             ? 
_diffrn_radiation.pdbx_wavelength                  ? 
_diffrn_radiation.pdbx_diffrn_protocol             'SINGLE WAVELENGTH' 
_diffrn_radiation.pdbx_analyzer                    ? 
_diffrn_radiation.pdbx_scattering_type             x-ray 
# 
_diffrn_radiation_wavelength.id           1 
_diffrn_radiation_wavelength.wavelength   1.5 
_diffrn_radiation_wavelength.wt           1.0 
# 
_diffrn_source.current                     ? 
_diffrn_source.details                     ? 
_diffrn_source.diffrn_id                   1 
_diffrn_source.power                       ? 
_diffrn_source.size                        ? 
_diffrn_source.source                      'ROTATING ANODE' 
_diffrn_source.target                      ? 
_diffrn_source.type                        'BRUKER X8 PROTEUM' 
_diffrn_source.voltage                     ? 
_diffrn_source.take-off_angle              ? 
_diffrn_source.pdbx_wavelength_list        1.5 
_diffrn_source.pdbx_wavelength             ? 
_diffrn_source.pdbx_synchrotron_beamline   ? 
_diffrn_source.pdbx_synchrotron_site       ? 
# 
_reflns.B_iso_Wilson_estimate                          10.51 
_reflns.entry_id                                       8Z51 
_reflns.data_reduction_details                         ? 
_reflns.data_reduction_method                          ? 
_reflns.d_resolution_high                              1.5 
_reflns.d_resolution_low                               21.96 
_reflns.details                                        ? 
_reflns.limit_h_max                                    ? 
_reflns.limit_h_min                                    ? 
_reflns.limit_k_max                                    ? 
_reflns.limit_k_min                                    ? 
_reflns.limit_l_max                                    ? 
_reflns.limit_l_min                                    ? 
_reflns.number_all                                     ? 
_reflns.number_obs                                     18512 
_reflns.observed_criterion                             ? 
_reflns.observed_criterion_F_max                       ? 
_reflns.observed_criterion_F_min                       ? 
_reflns.observed_criterion_I_max                       ? 
_reflns.observed_criterion_I_min                       ? 
_reflns.observed_criterion_sigma_F                     ? 
_reflns.observed_criterion_sigma_I                     ? 
_reflns.percent_possible_obs                           99.8 
_reflns.R_free_details                                 ? 
_reflns.Rmerge_F_all                                   ? 
_reflns.Rmerge_F_obs                                   ? 
_reflns.Friedel_coverage                               ? 
_reflns.number_gt                                      ? 
_reflns.threshold_expression                           ? 
_reflns.pdbx_redundancy                                13 
_reflns.pdbx_netI_over_av_sigmaI                       ? 
_reflns.pdbx_netI_over_sigmaI                          17.2 
_reflns.pdbx_res_netI_over_av_sigmaI_2                 ? 
_reflns.pdbx_res_netI_over_sigmaI_2                    ? 
_reflns.pdbx_chi_squared                               ? 
_reflns.pdbx_scaling_rejects                           ? 
_reflns.pdbx_d_res_high_opt                            ? 
_reflns.pdbx_d_res_low_opt                             ? 
_reflns.pdbx_d_res_opt_method                          ? 
_reflns.phase_calculation_details                      ? 
_reflns.pdbx_Rrim_I_all                                0.104 
_reflns.pdbx_Rpim_I_all                                0.025 
_reflns.pdbx_d_opt                                     ? 
_reflns.pdbx_number_measured_all                       ? 
_reflns.pdbx_diffrn_id                                 1 
_reflns.pdbx_ordinal                                   1 
_reflns.pdbx_CC_half                                   0.999 
_reflns.pdbx_CC_star                                   ? 
_reflns.pdbx_R_split                                   ? 
_reflns.pdbx_Rmerge_I_obs                              0.1 
_reflns.pdbx_Rmerge_I_all                              ? 
_reflns.pdbx_Rsym_value                                ? 
_reflns.pdbx_CC_split_method                           ? 
_reflns.pdbx_aniso_diffraction_limit_axis_1_ortho[1]   ? 
_reflns.pdbx_aniso_diffraction_limit_axis_1_ortho[2]   ? 
_reflns.pdbx_aniso_diffraction_limit_axis_1_ortho[3]   ? 
_reflns.pdbx_aniso_diffraction_limit_axis_2_ortho[1]   ? 
_reflns.pdbx_aniso_diffraction_limit_axis_2_ortho[2]   ? 
_reflns.pdbx_aniso_diffraction_limit_axis_2_ortho[3]   ? 
_reflns.pdbx_aniso_diffraction_limit_axis_3_ortho[1]   ? 
_reflns.pdbx_aniso_diffraction_limit_axis_3_ortho[2]   ? 
_reflns.pdbx_aniso_diffraction_limit_axis_3_ortho[3]   ? 
_reflns.pdbx_aniso_diffraction_limit_1                 ? 
_reflns.pdbx_aniso_diffraction_limit_2                 ? 
_reflns.pdbx_aniso_diffraction_limit_3                 ? 
_reflns.pdbx_aniso_B_tensor_eigenvector_1_ortho[1]     ? 
_reflns.pdbx_aniso_B_tensor_eigenvector_1_ortho[2]     ? 
_reflns.pdbx_aniso_B_tensor_eigenvector_1_ortho[3]     ? 
_reflns.pdbx_aniso_B_tensor_eigenvector_2_ortho[1]     ? 
_reflns.pdbx_aniso_B_tensor_eigenvector_2_ortho[2]     ? 
_reflns.pdbx_aniso_B_tensor_eigenvector_2_ortho[3]     ? 
_reflns.pdbx_aniso_B_tensor_eigenvector_3_ortho[1]     ? 
_reflns.pdbx_aniso_B_tensor_eigenvector_3_ortho[2]     ? 
_reflns.pdbx_aniso_B_tensor_eigenvector_3_ortho[3]     ? 
_reflns.pdbx_aniso_B_tensor_eigenvalue_1               ? 
_reflns.pdbx_aniso_B_tensor_eigenvalue_2               ? 
_reflns.pdbx_aniso_B_tensor_eigenvalue_3               ? 
_reflns.pdbx_orthogonalization_convention              ? 
_reflns.pdbx_percent_possible_ellipsoidal              ? 
_reflns.pdbx_percent_possible_spherical                ? 
_reflns.pdbx_percent_possible_ellipsoidal_anomalous    ? 
_reflns.pdbx_percent_possible_spherical_anomalous      ? 
_reflns.pdbx_redundancy_anomalous                      ? 
_reflns.pdbx_CC_half_anomalous                         ? 
_reflns.pdbx_absDiff_over_sigma_anomalous              ? 
_reflns.pdbx_percent_possible_anomalous                ? 
_reflns.pdbx_observed_signal_threshold                 ? 
_reflns.pdbx_signal_type                               ? 
_reflns.pdbx_signal_details                            ? 
_reflns.pdbx_signal_software_id                        ? 
# 
_reflns_shell.d_res_high                                    1.5 
_reflns_shell.d_res_low                                     1.55 
_reflns_shell.meanI_over_sigI_all                           ? 
_reflns_shell.meanI_over_sigI_obs                           2.1 
_reflns_shell.number_measured_all                           ? 
_reflns_shell.number_measured_obs                           ? 
_reflns_shell.number_possible                               ? 
_reflns_shell.number_unique_all                             ? 
_reflns_shell.number_unique_obs                             3447 
_reflns_shell.percent_possible_obs                          ? 
_reflns_shell.Rmerge_F_all                                  ? 
_reflns_shell.Rmerge_F_obs                                  ? 
_reflns_shell.meanI_over_sigI_gt                            ? 
_reflns_shell.meanI_over_uI_all                             ? 
_reflns_shell.meanI_over_uI_gt                              ? 
_reflns_shell.number_measured_gt                            ? 
_reflns_shell.number_unique_gt                              ? 
_reflns_shell.percent_possible_gt                           ? 
_reflns_shell.Rmerge_F_gt                                   ? 
_reflns_shell.Rmerge_I_gt                                   ? 
_reflns_shell.pdbx_redundancy                               6.2 
_reflns_shell.pdbx_chi_squared                              ? 
_reflns_shell.pdbx_netI_over_sigmaI_all                     ? 
_reflns_shell.pdbx_netI_over_sigmaI_obs                     ? 
_reflns_shell.pdbx_Rrim_I_all                               0.731 
_reflns_shell.pdbx_Rpim_I_all                               0.287 
_reflns_shell.pdbx_rejects                                  ? 
_reflns_shell.pdbx_ordinal                                  1 
_reflns_shell.pdbx_diffrn_id                                1 
_reflns_shell.pdbx_CC_half                                  0.709 
_reflns_shell.pdbx_CC_star                                  ? 
_reflns_shell.pdbx_R_split                                  ? 
_reflns_shell.percent_possible_all                          99.8 
_reflns_shell.Rmerge_I_all                                  ? 
_reflns_shell.Rmerge_I_obs                                  0.671 
_reflns_shell.pdbx_Rsym_value                               ? 
_reflns_shell.pdbx_percent_possible_ellipsoidal             ? 
_reflns_shell.pdbx_percent_possible_spherical               ? 
_reflns_shell.pdbx_percent_possible_ellipsoidal_anomalous   ? 
_reflns_shell.pdbx_percent_possible_spherical_anomalous     ? 
_reflns_shell.pdbx_redundancy_anomalous                     ? 
_reflns_shell.pdbx_CC_half_anomalous                        ? 
_reflns_shell.pdbx_absDiff_over_sigma_anomalous             ? 
_reflns_shell.pdbx_percent_possible_anomalous               ? 
# 
_refine.aniso_B[1][1]                            ? 
_refine.aniso_B[1][2]                            ? 
_refine.aniso_B[1][3]                            ? 
_refine.aniso_B[2][2]                            ? 
_refine.aniso_B[2][3]                            ? 
_refine.aniso_B[3][3]                            ? 
_refine.B_iso_max                                ? 
_refine.B_iso_mean                               15.53 
_refine.B_iso_min                                ? 
_refine.correlation_coeff_Fo_to_Fc               ? 
_refine.correlation_coeff_Fo_to_Fc_free          ? 
_refine.details                                  ? 
_refine.diff_density_max                         ? 
_refine.diff_density_max_esd                     ? 
_refine.diff_density_min                         ? 
_refine.diff_density_min_esd                     ? 
_refine.diff_density_rms                         ? 
_refine.diff_density_rms_esd                     ? 
_refine.entry_id                                 8Z51 
_refine.pdbx_refine_id                           'X-RAY DIFFRACTION' 
_refine.ls_abs_structure_details                 ? 
_refine.ls_abs_structure_Flack                   ? 
_refine.ls_abs_structure_Flack_esd               ? 
_refine.ls_abs_structure_Rogers                  ? 
_refine.ls_abs_structure_Rogers_esd              ? 
_refine.ls_d_res_high                            1.50 
_refine.ls_d_res_low                             21.96 
_refine.ls_extinction_coef                       ? 
_refine.ls_extinction_coef_esd                   ? 
_refine.ls_extinction_expression                 ? 
_refine.ls_extinction_method                     ? 
_refine.ls_goodness_of_fit_all                   ? 
_refine.ls_goodness_of_fit_all_esd               ? 
_refine.ls_goodness_of_fit_obs                   ? 
_refine.ls_goodness_of_fit_obs_esd               ? 
_refine.ls_hydrogen_treatment                    ? 
_refine.ls_matrix_type                           ? 
_refine.ls_number_constraints                    ? 
_refine.ls_number_parameters                     ? 
_refine.ls_number_reflns_all                     ? 
_refine.ls_number_reflns_obs                     18512 
_refine.ls_number_reflns_R_free                  2671 
_refine.ls_number_reflns_R_work                  31657 
_refine.ls_number_restraints                     ? 
_refine.ls_percent_reflns_obs                    99.82 
_refine.ls_percent_reflns_R_free                 7.78 
_refine.ls_R_factor_all                          ? 
_refine.ls_R_factor_obs                          0.1780 
_refine.ls_R_factor_R_free                       0.2134 
_refine.ls_R_factor_R_free_error                 ? 
_refine.ls_R_factor_R_free_error_details         ? 
_refine.ls_R_factor_R_work                       0.1750 
_refine.ls_R_Fsqd_factor_obs                     ? 
_refine.ls_R_I_factor_obs                        ? 
_refine.ls_redundancy_reflns_all                 ? 
_refine.ls_redundancy_reflns_obs                 ? 
_refine.ls_restrained_S_all                      ? 
_refine.ls_restrained_S_obs                      ? 
_refine.ls_shift_over_esd_max                    ? 
_refine.ls_shift_over_esd_mean                   ? 
_refine.ls_structure_factor_coef                 ? 
_refine.ls_weighting_details                     ? 
_refine.ls_weighting_scheme                      ? 
_refine.ls_wR_factor_all                         ? 
_refine.ls_wR_factor_obs                         ? 
_refine.ls_wR_factor_R_free                      ? 
_refine.ls_wR_factor_R_work                      ? 
_refine.occupancy_max                            ? 
_refine.occupancy_min                            ? 
_refine.solvent_model_details                    'FLAT BULK SOLVENT MODEL' 
_refine.solvent_model_param_bsol                 ? 
_refine.solvent_model_param_ksol                 ? 
_refine.pdbx_R_complete                          ? 
_refine.ls_R_factor_gt                           ? 
_refine.ls_goodness_of_fit_gt                    ? 
_refine.ls_goodness_of_fit_ref                   ? 
_refine.ls_shift_over_su_max                     ? 
_refine.ls_shift_over_su_max_lt                  ? 
_refine.ls_shift_over_su_mean                    ? 
_refine.ls_shift_over_su_mean_lt                 ? 
_refine.pdbx_ls_sigma_I                          ? 
_refine.pdbx_ls_sigma_F                          1.34 
_refine.pdbx_ls_sigma_Fsqd                       ? 
_refine.pdbx_data_cutoff_high_absF               ? 
_refine.pdbx_data_cutoff_high_rms_absF           ? 
_refine.pdbx_data_cutoff_low_absF                ? 
_refine.pdbx_isotropic_thermal_model             ? 
_refine.pdbx_ls_cross_valid_method               'FREE R-VALUE' 
_refine.pdbx_method_to_determine_struct          'MOLECULAR REPLACEMENT' 
_refine.pdbx_starting_model                      ? 
_refine.pdbx_stereochemistry_target_values       'GeoStd + Monomer Library + CDL v1.2' 
_refine.pdbx_R_Free_selection_details            ? 
_refine.pdbx_stereochem_target_val_spec_case     ? 
_refine.pdbx_overall_ESU_R                       ? 
_refine.pdbx_overall_ESU_R_Free                  ? 
_refine.pdbx_solvent_vdw_probe_radii             1.1000 
_refine.pdbx_solvent_ion_probe_radii             ? 
_refine.pdbx_solvent_shrinkage_radii             0.9000 
_refine.pdbx_real_space_R                        ? 
_refine.pdbx_density_correlation                 ? 
_refine.pdbx_pd_number_of_powder_patterns        ? 
_refine.pdbx_pd_number_of_points                 ? 
_refine.pdbx_pd_meas_number_of_points            ? 
_refine.pdbx_pd_proc_ls_prof_R_factor            ? 
_refine.pdbx_pd_proc_ls_prof_wR_factor           ? 
_refine.pdbx_pd_Marquardt_correlation_coeff      ? 
_refine.pdbx_pd_Fsqrd_R_factor                   ? 
_refine.pdbx_pd_ls_matrix_band_width             ? 
_refine.pdbx_overall_phase_error                 20.3152 
_refine.pdbx_overall_SU_R_free_Cruickshank_DPI   ? 
_refine.pdbx_overall_SU_R_free_Blow_DPI          ? 
_refine.pdbx_overall_SU_R_Blow_DPI               ? 
_refine.pdbx_TLS_residual_ADP_flag               ? 
_refine.pdbx_diffrn_id                           1 
_refine.overall_SU_B                             ? 
_refine.overall_SU_ML                            0.1515 
_refine.overall_SU_R_Cruickshank_DPI             ? 
_refine.overall_SU_R_free                        ? 
_refine.overall_FOM_free_R_set                   ? 
_refine.overall_FOM_work_R_set                   ? 
_refine.pdbx_average_fsc_overall                 ? 
_refine.pdbx_average_fsc_work                    ? 
_refine.pdbx_average_fsc_free                    ? 
# 
_refine_hist.pdbx_refine_id                   'X-RAY DIFFRACTION' 
_refine_hist.cycle_id                         LAST 
_refine_hist.details                          ? 
_refine_hist.d_res_high                       1.50 
_refine_hist.d_res_low                        21.96 
_refine_hist.number_atoms_solvent             172 
_refine_hist.number_atoms_total               1208 
_refine_hist.number_reflns_all                ? 
_refine_hist.number_reflns_obs                ? 
_refine_hist.number_reflns_R_free             ? 
_refine_hist.number_reflns_R_work             ? 
_refine_hist.R_factor_all                     ? 
_refine_hist.R_factor_obs                     ? 
_refine_hist.R_factor_R_free                  ? 
_refine_hist.R_factor_R_work                  ? 
_refine_hist.pdbx_number_residues_total       ? 
_refine_hist.pdbx_B_iso_mean_ligand           ? 
_refine_hist.pdbx_B_iso_mean_solvent          ? 
_refine_hist.pdbx_number_atoms_protein        1001 
_refine_hist.pdbx_number_atoms_nucleic_acid   0 
_refine_hist.pdbx_number_atoms_ligand         35 
_refine_hist.pdbx_number_atoms_lipid          ? 
_refine_hist.pdbx_number_atoms_carb           ? 
_refine_hist.pdbx_pseudo_atom_details         ? 
# 
loop_
_refine_ls_restr.pdbx_refine_id 
_refine_ls_restr.criterion 
_refine_ls_restr.dev_ideal 
_refine_ls_restr.dev_ideal_target 
_refine_ls_restr.number 
_refine_ls_restr.rejects 
_refine_ls_restr.type 
_refine_ls_restr.weight 
_refine_ls_restr.pdbx_restraint_function 
'X-RAY DIFFRACTION' ? 0.0065  ? 1097 ? f_bond_d           ? ? 
'X-RAY DIFFRACTION' ? 1.2573  ? 1494 ? f_angle_d          ? ? 
'X-RAY DIFFRACTION' ? 0.1195  ? 155  ? f_chiral_restr     ? ? 
'X-RAY DIFFRACTION' ? 0.0076  ? 193  ? f_plane_restr      ? ? 
'X-RAY DIFFRACTION' ? 11.8218 ? 174  ? f_dihedral_angle_d ? ? 
# 
loop_
_refine_ls_shell.pdbx_refine_id 
_refine_ls_shell.d_res_high 
_refine_ls_shell.d_res_low 
_refine_ls_shell.number_reflns_all 
_refine_ls_shell.number_reflns_obs 
_refine_ls_shell.number_reflns_R_free 
_refine_ls_shell.number_reflns_R_work 
_refine_ls_shell.percent_reflns_obs 
_refine_ls_shell.percent_reflns_R_free 
_refine_ls_shell.R_factor_all 
_refine_ls_shell.R_factor_obs 
_refine_ls_shell.R_factor_R_free_error 
_refine_ls_shell.R_factor_R_work 
_refine_ls_shell.redundancy_reflns_all 
_refine_ls_shell.redundancy_reflns_obs 
_refine_ls_shell.wR_factor_all 
_refine_ls_shell.wR_factor_obs 
_refine_ls_shell.wR_factor_R_free 
_refine_ls_shell.wR_factor_R_work 
_refine_ls_shell.pdbx_R_complete 
_refine_ls_shell.pdbx_total_number_of_bins_used 
_refine_ls_shell.pdbx_phase_error 
_refine_ls_shell.pdbx_fsc_work 
_refine_ls_shell.pdbx_fsc_free 
_refine_ls_shell.R_factor_R_free 
'X-RAY DIFFRACTION' 1.50 1.53  . . 143 1678 99.89  . . . . 0.2387 . . . . . . . . . . . 0.2562 
'X-RAY DIFFRACTION' 1.53 1.56  . . 137 1658 99.72  . . . . 0.2293 . . . . . . . . . . . 0.2681 
'X-RAY DIFFRACTION' 1.56 1.59  . . 145 1673 100.00 . . . . 0.2254 . . . . . . . . . . . 0.2424 
'X-RAY DIFFRACTION' 1.59 1.62  . . 137 1649 100.00 . . . . 0.2033 . . . . . . . . . . . 0.2371 
'X-RAY DIFFRACTION' 1.62 1.66  . . 144 1660 100.00 . . . . 0.2119 . . . . . . . . . . . 0.2158 
'X-RAY DIFFRACTION' 1.66 1.70  . . 141 1713 100.00 . . . . 0.1978 . . . . . . . . . . . 0.2775 
'X-RAY DIFFRACTION' 1.70 1.75  . . 134 1650 100.00 . . . . 0.1957 . . . . . . . . . . . 0.2998 
'X-RAY DIFFRACTION' 1.75 1.80  . . 141 1662 100.00 . . . . 0.1891 . . . . . . . . . . . 0.2397 
'X-RAY DIFFRACTION' 1.80 1.86  . . 141 1676 99.94  . . . . 0.1834 . . . . . . . . . . . 0.2704 
'X-RAY DIFFRACTION' 1.86 1.92  . . 142 1673 100.00 . . . . 0.1757 . . . . . . . . . . . 0.2322 
'X-RAY DIFFRACTION' 1.92 2.00  . . 139 1669 100.00 . . . . 0.1693 . . . . . . . . . . . 0.1634 
'X-RAY DIFFRACTION' 2.00 2.09  . . 130 1660 100.00 . . . . 0.1660 . . . . . . . . . . . 0.2080 
'X-RAY DIFFRACTION' 2.09 2.20  . . 144 1687 99.95  . . . . 0.1710 . . . . . . . . . . . 0.2180 
'X-RAY DIFFRACTION' 2.20 2.34  . . 144 1664 100.00 . . . . 0.1618 . . . . . . . . . . . 0.2094 
'X-RAY DIFFRACTION' 2.34 2.52  . . 141 1652 100.00 . . . . 0.1618 . . . . . . . . . . . 0.2070 
'X-RAY DIFFRACTION' 2.52 2.77  . . 142 1659 100.00 . . . . 0.1750 . . . . . . . . . . . 0.2011 
'X-RAY DIFFRACTION' 2.77 3.17  . . 142 1695 100.00 . . . . 0.1729 . . . . . . . . . . . 0.2263 
'X-RAY DIFFRACTION' 3.17 3.99  . . 147 1653 99.94  . . . . 0.1469 . . . . . . . . . . . 0.1906 
'X-RAY DIFFRACTION' 4.00 21.96 . . 137 1626 97.19  . . . . 0.1632 . . . . . . . . . . . 0.1698 
# 
_struct.entry_id                     8Z51 
_struct.title                        'Hen Egg-White Lysozyme (HEWL) complexed with Emetine' 
_struct.pdbx_model_details           ? 
_struct.pdbx_formula_weight          ? 
_struct.pdbx_formula_weight_method   ? 
_struct.pdbx_model_type_details      ? 
_struct.pdbx_CASP_flag               N 
# 
_struct_keywords.entry_id        8Z51 
_struct_keywords.text            'Lysozyme, Emetine, dimerization, drug-carrier, HYDROLASE' 
_struct_keywords.pdbx_keywords   HYDROLASE 
# 
loop_
_struct_asym.id 
_struct_asym.pdbx_blank_PDB_chainid_flag 
_struct_asym.pdbx_modified 
_struct_asym.entity_id 
_struct_asym.details 
A N N 1 ? 
B N N 2 ? 
C N N 3 ? 
# 
_struct_ref.id                         1 
_struct_ref.db_name                    UNP 
_struct_ref.db_code                    LYSC_CHICK 
_struct_ref.pdbx_db_accession          P00698 
_struct_ref.pdbx_db_isoform            ? 
_struct_ref.entity_id                  1 
_struct_ref.pdbx_seq_one_letter_code   
;KVFGRCELAAAMKRHGLDNYRGYSLGNWVCAAKFESNFNTQATNRNTDGSTDYGILQINSRWWCNDGRTPGSRNLCNIPC
SALLSSDITASVNCAKKIVSDGNGMNAWVAWRNRCKGTDVQAWIRGCRL
;
_struct_ref.pdbx_align_begin           19 
# 
_struct_ref_seq.align_id                      1 
_struct_ref_seq.ref_id                        1 
_struct_ref_seq.pdbx_PDB_id_code              8Z51 
_struct_ref_seq.pdbx_strand_id                A 
_struct_ref_seq.seq_align_beg                 1 
_struct_ref_seq.pdbx_seq_align_beg_ins_code   ? 
_struct_ref_seq.seq_align_end                 129 
_struct_ref_seq.pdbx_seq_align_end_ins_code   ? 
_struct_ref_seq.pdbx_db_accession             P00698 
_struct_ref_seq.db_align_beg                  19 
_struct_ref_seq.pdbx_db_align_beg_ins_code    ? 
_struct_ref_seq.db_align_end                  147 
_struct_ref_seq.pdbx_db_align_end_ins_code    ? 
_struct_ref_seq.pdbx_auth_seq_align_beg       1 
_struct_ref_seq.pdbx_auth_seq_align_end       129 
# 
_pdbx_struct_assembly.id                   1 
_pdbx_struct_assembly.details              author_and_software_defined_assembly 
_pdbx_struct_assembly.method_details       ? 
_pdbx_struct_assembly.oligomeric_details   monomeric 
_pdbx_struct_assembly.oligomeric_count     1 
# 
_pdbx_struct_assembly_gen.assembly_id       1 
_pdbx_struct_assembly_gen.oper_expression   1 
_pdbx_struct_assembly_gen.asym_id_list      A,B,C 
# 
_pdbx_struct_assembly_auth_evidence.id                     1 
_pdbx_struct_assembly_auth_evidence.assembly_id            1 
_pdbx_struct_assembly_auth_evidence.experimental_support   none 
_pdbx_struct_assembly_auth_evidence.details                ? 
# 
_pdbx_struct_oper_list.id                   1 
_pdbx_struct_oper_list.type                 'identity operation' 
_pdbx_struct_oper_list.name                 1_555 
_pdbx_struct_oper_list.symmetry_operation   x,y,z 
_pdbx_struct_oper_list.matrix[1][1]         1.0 
_pdbx_struct_oper_list.matrix[1][2]         0.0 
_pdbx_struct_oper_list.matrix[1][3]         0.0 
_pdbx_struct_oper_list.vector[1]            0.0 
_pdbx_struct_oper_list.matrix[2][1]         0.0 
_pdbx_struct_oper_list.matrix[2][2]         1.0 
_pdbx_struct_oper_list.matrix[2][3]         0.0 
_pdbx_struct_oper_list.vector[2]            0.0 
_pdbx_struct_oper_list.matrix[3][1]         0.0 
_pdbx_struct_oper_list.matrix[3][2]         0.0 
_pdbx_struct_oper_list.matrix[3][3]         1.0 
_pdbx_struct_oper_list.vector[3]            0.0 
# 
loop_
_struct_conf.conf_type_id 
_struct_conf.id 
_struct_conf.pdbx_PDB_helix_id 
_struct_conf.beg_label_comp_id 
_struct_conf.beg_label_asym_id 
_struct_conf.beg_label_seq_id 
_struct_conf.pdbx_beg_PDB_ins_code 
_struct_conf.end_label_comp_id 
_struct_conf.end_label_asym_id 
_struct_conf.end_label_seq_id 
_struct_conf.pdbx_end_PDB_ins_code 
_struct_conf.beg_auth_comp_id 
_struct_conf.beg_auth_asym_id 
_struct_conf.beg_auth_seq_id 
_struct_conf.end_auth_comp_id 
_struct_conf.end_auth_asym_id 
_struct_conf.end_auth_seq_id 
_struct_conf.pdbx_PDB_helix_class 
_struct_conf.details 
_struct_conf.pdbx_PDB_helix_length 
HELX_P HELX_P1 AA1 GLY A 4   ? HIS A 15  ? GLY A 4   HIS A 15  1 ? 12 
HELX_P HELX_P2 AA2 ASN A 19  ? TYR A 23  ? ASN A 19  TYR A 23  5 ? 5  
HELX_P HELX_P3 AA3 SER A 24  ? ASN A 37  ? SER A 24  ASN A 37  1 ? 14 
HELX_P HELX_P4 AA4 PRO A 79  ? SER A 85  ? PRO A 79  SER A 85  5 ? 7  
HELX_P HELX_P5 AA5 ILE A 88  ? VAL A 99  ? ILE A 88  VAL A 99  1 ? 12 
HELX_P HELX_P6 AA6 ASN A 103 ? ALA A 107 ? ASN A 103 ALA A 107 5 ? 5  
HELX_P HELX_P7 AA7 TRP A 108 ? CYS A 115 ? TRP A 108 CYS A 115 1 ? 8  
HELX_P HELX_P8 AA8 ASP A 119 ? ILE A 124 ? ASP A 119 ILE A 124 5 ? 6  
# 
_struct_conf_type.id          HELX_P 
_struct_conf_type.criteria    ? 
_struct_conf_type.reference   ? 
# 
loop_
_struct_conn.id 
_struct_conn.conn_type_id 
_struct_conn.pdbx_leaving_atom_flag 
_struct_conn.pdbx_PDB_id 
_struct_conn.ptnr1_label_asym_id 
_struct_conn.ptnr1_label_comp_id 
_struct_conn.ptnr1_label_seq_id 
_struct_conn.ptnr1_label_atom_id 
_struct_conn.pdbx_ptnr1_label_alt_id 
_struct_conn.pdbx_ptnr1_PDB_ins_code 
_struct_conn.pdbx_ptnr1_standard_comp_id 
_struct_conn.ptnr1_symmetry 
_struct_conn.ptnr2_label_asym_id 
_struct_conn.ptnr2_label_comp_id 
_struct_conn.ptnr2_label_seq_id 
_struct_conn.ptnr2_label_atom_id 
_struct_conn.pdbx_ptnr2_label_alt_id 
_struct_conn.pdbx_ptnr2_PDB_ins_code 
_struct_conn.ptnr1_auth_asym_id 
_struct_conn.ptnr1_auth_comp_id 
_struct_conn.ptnr1_auth_seq_id 
_struct_conn.ptnr2_auth_asym_id 
_struct_conn.ptnr2_auth_comp_id 
_struct_conn.ptnr2_auth_seq_id 
_struct_conn.ptnr2_symmetry 
_struct_conn.pdbx_ptnr3_label_atom_id 
_struct_conn.pdbx_ptnr3_label_seq_id 
_struct_conn.pdbx_ptnr3_label_comp_id 
_struct_conn.pdbx_ptnr3_label_asym_id 
_struct_conn.pdbx_ptnr3_label_alt_id 
_struct_conn.pdbx_ptnr3_PDB_ins_code 
_struct_conn.details 
_struct_conn.pdbx_dist_value 
_struct_conn.pdbx_value_order 
_struct_conn.pdbx_role 
disulf1 disulf ? ? A CYS 6  SG ? ? ? 1_555 A CYS 127 SG ? ? A CYS 6  A CYS 127 1_555 ? ? ? ? ? ? ? 2.029 ? ? 
disulf2 disulf ? ? A CYS 30 SG ? ? ? 1_555 A CYS 115 SG ? ? A CYS 30 A CYS 115 1_555 ? ? ? ? ? ? ? 2.033 ? ? 
disulf3 disulf ? ? A CYS 64 SG ? ? ? 1_555 A CYS 80  SG ? ? A CYS 64 A CYS 80  1_555 ? ? ? ? ? ? ? 2.018 ? ? 
disulf4 disulf ? ? A CYS 76 SG ? ? ? 1_555 A CYS 94  SG ? ? A CYS 76 A CYS 94  1_555 ? ? ? ? ? ? ? 2.040 ? ? 
# 
_struct_conn_type.id          disulf 
_struct_conn_type.criteria    ? 
_struct_conn_type.reference   ? 
# 
loop_
_pdbx_modification_feature.ordinal 
_pdbx_modification_feature.label_comp_id 
_pdbx_modification_feature.label_asym_id 
_pdbx_modification_feature.label_seq_id 
_pdbx_modification_feature.label_alt_id 
_pdbx_modification_feature.modified_residue_label_comp_id 
_pdbx_modification_feature.modified_residue_label_asym_id 
_pdbx_modification_feature.modified_residue_label_seq_id 
_pdbx_modification_feature.modified_residue_label_alt_id 
_pdbx_modification_feature.auth_comp_id 
_pdbx_modification_feature.auth_asym_id 
_pdbx_modification_feature.auth_seq_id 
_pdbx_modification_feature.PDB_ins_code 
_pdbx_modification_feature.symmetry 
_pdbx_modification_feature.modified_residue_auth_comp_id 
_pdbx_modification_feature.modified_residue_auth_asym_id 
_pdbx_modification_feature.modified_residue_auth_seq_id 
_pdbx_modification_feature.modified_residue_PDB_ins_code 
_pdbx_modification_feature.modified_residue_symmetry 
_pdbx_modification_feature.comp_id_linking_atom 
_pdbx_modification_feature.modified_residue_id_linking_atom 
_pdbx_modification_feature.modified_residue_id 
_pdbx_modification_feature.ref_pcm_id 
_pdbx_modification_feature.ref_comp_id 
_pdbx_modification_feature.type 
_pdbx_modification_feature.category 
1 CYS A 6  ? CYS A 127 ? CYS A 6  ? 1_555 CYS A 127 ? 1_555 SG SG . . . None 'Disulfide bridge' 
2 CYS A 30 ? CYS A 115 ? CYS A 30 ? 1_555 CYS A 115 ? 1_555 SG SG . . . None 'Disulfide bridge' 
3 CYS A 64 ? CYS A 80  ? CYS A 64 ? 1_555 CYS A 80  ? 1_555 SG SG . . . None 'Disulfide bridge' 
4 CYS A 76 ? CYS A 94  ? CYS A 76 ? 1_555 CYS A 94  ? 1_555 SG SG . . . None 'Disulfide bridge' 
# 
_struct_sheet.id               AA1 
_struct_sheet.type             ? 
_struct_sheet.number_strands   3 
_struct_sheet.details          ? 
# 
loop_
_struct_sheet_order.sheet_id 
_struct_sheet_order.range_id_1 
_struct_sheet_order.range_id_2 
_struct_sheet_order.offset 
_struct_sheet_order.sense 
AA1 1 2 ? anti-parallel 
AA1 2 3 ? anti-parallel 
# 
loop_
_struct_sheet_range.sheet_id 
_struct_sheet_range.id 
_struct_sheet_range.beg_label_comp_id 
_struct_sheet_range.beg_label_asym_id 
_struct_sheet_range.beg_label_seq_id 
_struct_sheet_range.pdbx_beg_PDB_ins_code 
_struct_sheet_range.end_label_comp_id 
_struct_sheet_range.end_label_asym_id 
_struct_sheet_range.end_label_seq_id 
_struct_sheet_range.pdbx_end_PDB_ins_code 
_struct_sheet_range.beg_auth_comp_id 
_struct_sheet_range.beg_auth_asym_id 
_struct_sheet_range.beg_auth_seq_id 
_struct_sheet_range.end_auth_comp_id 
_struct_sheet_range.end_auth_asym_id 
_struct_sheet_range.end_auth_seq_id 
AA1 1 THR A 43 ? ARG A 45 ? THR A 43 ARG A 45 
AA1 2 THR A 51 ? TYR A 53 ? THR A 51 TYR A 53 
AA1 3 ILE A 58 ? ASN A 59 ? ILE A 58 ASN A 59 
# 
loop_
_pdbx_struct_sheet_hbond.sheet_id 
_pdbx_struct_sheet_hbond.range_id_1 
_pdbx_struct_sheet_hbond.range_id_2 
_pdbx_struct_sheet_hbond.range_1_label_atom_id 
_pdbx_struct_sheet_hbond.range_1_label_comp_id 
_pdbx_struct_sheet_hbond.range_1_label_asym_id 
_pdbx_struct_sheet_hbond.range_1_label_seq_id 
_pdbx_struct_sheet_hbond.range_1_PDB_ins_code 
_pdbx_struct_sheet_hbond.range_1_auth_atom_id 
_pdbx_struct_sheet_hbond.range_1_auth_comp_id 
_pdbx_struct_sheet_hbond.range_1_auth_asym_id 
_pdbx_struct_sheet_hbond.range_1_auth_seq_id 
_pdbx_struct_sheet_hbond.range_2_label_atom_id 
_pdbx_struct_sheet_hbond.range_2_label_comp_id 
_pdbx_struct_sheet_hbond.range_2_label_asym_id 
_pdbx_struct_sheet_hbond.range_2_label_seq_id 
_pdbx_struct_sheet_hbond.range_2_PDB_ins_code 
_pdbx_struct_sheet_hbond.range_2_auth_atom_id 
_pdbx_struct_sheet_hbond.range_2_auth_comp_id 
_pdbx_struct_sheet_hbond.range_2_auth_asym_id 
_pdbx_struct_sheet_hbond.range_2_auth_seq_id 
AA1 1 2 N ASN A 44 ? N ASN A 44 O ASP A 52 ? O ASP A 52 
AA1 2 3 N TYR A 53 ? N TYR A 53 O ILE A 58 ? O ILE A 58 
# 
_pdbx_entry_details.entry_id                   8Z51 
_pdbx_entry_details.has_ligand_of_interest     Y 
_pdbx_entry_details.compound_details           ? 
_pdbx_entry_details.source_details             ? 
_pdbx_entry_details.nonpolymer_details         ? 
_pdbx_entry_details.sequence_details           ? 
_pdbx_entry_details.has_protein_modification   Y 
# 
_pdbx_validate_close_contact.id               1 
_pdbx_validate_close_contact.PDB_model_num    1 
_pdbx_validate_close_contact.auth_atom_id_1   OG 
_pdbx_validate_close_contact.auth_asym_id_1   A 
_pdbx_validate_close_contact.auth_comp_id_1   SER 
_pdbx_validate_close_contact.auth_seq_id_1    72 
_pdbx_validate_close_contact.PDB_ins_code_1   ? 
_pdbx_validate_close_contact.label_alt_id_1   ? 
_pdbx_validate_close_contact.auth_atom_id_2   O 
_pdbx_validate_close_contact.auth_asym_id_2   A 
_pdbx_validate_close_contact.auth_comp_id_2   HOH 
_pdbx_validate_close_contact.auth_seq_id_2    301 
_pdbx_validate_close_contact.PDB_ins_code_2   ? 
_pdbx_validate_close_contact.label_alt_id_2   ? 
_pdbx_validate_close_contact.dist             2.19 
# 
_pdbx_validate_torsion.id              1 
_pdbx_validate_torsion.PDB_model_num   1 
_pdbx_validate_torsion.auth_comp_id    ARG 
_pdbx_validate_torsion.auth_asym_id    A 
_pdbx_validate_torsion.auth_seq_id     68 
_pdbx_validate_torsion.PDB_ins_code    ? 
_pdbx_validate_torsion.label_alt_id    ? 
_pdbx_validate_torsion.phi             -145.25 
_pdbx_validate_torsion.psi             26.81 
# 
loop_
_pdbx_struct_special_symmetry.id 
_pdbx_struct_special_symmetry.PDB_model_num 
_pdbx_struct_special_symmetry.auth_asym_id 
_pdbx_struct_special_symmetry.auth_comp_id 
_pdbx_struct_special_symmetry.auth_seq_id 
_pdbx_struct_special_symmetry.PDB_ins_code 
_pdbx_struct_special_symmetry.label_asym_id 
_pdbx_struct_special_symmetry.label_comp_id 
_pdbx_struct_special_symmetry.label_seq_id 
1 1 A HOH 414 ? C HOH . 
2 1 A HOH 461 ? C HOH . 
# 
loop_
_space_group_symop.id 
_space_group_symop.operation_xyz 
1 x,y,z               
2 -y+1/2,x+1/2,z+3/4  
3 y+1/2,-x+1/2,z+1/4  
4 x+1/2,-y+1/2,-z+1/4 
5 -x+1/2,y+1/2,-z+3/4 
6 -x,-y,z+1/2         
7 y,x,-z              
8 -y,-x,-z+1/2        
# 
loop_
_chem_comp_atom.comp_id 
_chem_comp_atom.atom_id 
_chem_comp_atom.type_symbol 
_chem_comp_atom.pdbx_aromatic_flag 
_chem_comp_atom.pdbx_stereo_config 
_chem_comp_atom.pdbx_ordinal 
34G CAA  C N N 1   
34G CAJ  C N N 2   
34G CBE  C N S 3   
34G CAQ  C N N 4   
34G NBI  N N N 5   
34G CAN  C N N 6   
34G CAM  C N N 7   
34G CAX  C Y N 8   
34G CAG  C Y N 9   
34G CAZ  C Y N 10  
34G OAT  O N N 11  
34G CAC  C N N 12  
34G CBB  C Y N 13  
34G OAV  O N N 14  
34G CAE  C N N 15  
34G CAI  C Y N 16  
34G CBD  C Y N 17  
34G CBH  C N R 18  
34G CAP  C N N 19  
34G CBF  C N R 20  
34G CAO  C N N 21  
34G CBG  C N S 22  
34G NAR  N N N 23  
34G CAK  C N N 24  
34G CAL  C N N 25  
34G CAW  C Y N 26  
34G CAF  C Y N 27  
34G CBC  C Y N 28  
34G CAH  C Y N 29  
34G CBA  C Y N 30  
34G OAU  O N N 31  
34G CAD  C N N 32  
34G CAY  C Y N 33  
34G OAS  O N N 34  
34G CAB  C N N 35  
34G H1   H N N 36  
34G H2   H N N 37  
34G H3   H N N 38  
34G H4   H N N 39  
34G H5   H N N 40  
34G H6   H N N 41  
34G H7   H N N 42  
34G H8   H N N 43  
34G H10  H N N 44  
34G H11  H N N 45  
34G H12  H N N 46  
34G H13  H N N 47  
34G H14  H N N 48  
34G H15  H N N 49  
34G H16  H N N 50  
34G H17  H N N 51  
34G H18  H N N 52  
34G H19  H N N 53  
34G H20  H N N 54  
34G H21  H N N 55  
34G H22  H N N 56  
34G H23  H N N 57  
34G H24  H N N 58  
34G H25  H N N 59  
34G H26  H N N 60  
34G H27  H N N 61  
34G H28  H N N 62  
34G H29  H N N 63  
34G H31  H N N 64  
34G H32  H N N 65  
34G H33  H N N 66  
34G H34  H N N 67  
34G H35  H N N 68  
34G H36  H N N 69  
34G H37  H N N 70  
34G H38  H N N 71  
34G H39  H N N 72  
34G H40  H N N 73  
34G H41  H N N 74  
34G H42  H N N 75  
ALA N    N N N 76  
ALA CA   C N S 77  
ALA C    C N N 78  
ALA O    O N N 79  
ALA CB   C N N 80  
ALA OXT  O N N 81  
ALA H    H N N 82  
ALA H2   H N N 83  
ALA HA   H N N 84  
ALA HB1  H N N 85  
ALA HB2  H N N 86  
ALA HB3  H N N 87  
ALA HXT  H N N 88  
ARG N    N N N 89  
ARG CA   C N S 90  
ARG C    C N N 91  
ARG O    O N N 92  
ARG CB   C N N 93  
ARG CG   C N N 94  
ARG CD   C N N 95  
ARG NE   N N N 96  
ARG CZ   C N N 97  
ARG NH1  N N N 98  
ARG NH2  N N N 99  
ARG OXT  O N N 100 
ARG H    H N N 101 
ARG H2   H N N 102 
ARG HA   H N N 103 
ARG HB2  H N N 104 
ARG HB3  H N N 105 
ARG HG2  H N N 106 
ARG HG3  H N N 107 
ARG HD2  H N N 108 
ARG HD3  H N N 109 
ARG HE   H N N 110 
ARG HH11 H N N 111 
ARG HH12 H N N 112 
ARG HH21 H N N 113 
ARG HH22 H N N 114 
ARG HXT  H N N 115 
ASN N    N N N 116 
ASN CA   C N S 117 
ASN C    C N N 118 
ASN O    O N N 119 
ASN CB   C N N 120 
ASN CG   C N N 121 
ASN OD1  O N N 122 
ASN ND2  N N N 123 
ASN OXT  O N N 124 
ASN H    H N N 125 
ASN H2   H N N 126 
ASN HA   H N N 127 
ASN HB2  H N N 128 
ASN HB3  H N N 129 
ASN HD21 H N N 130 
ASN HD22 H N N 131 
ASN HXT  H N N 132 
ASP N    N N N 133 
ASP CA   C N S 134 
ASP C    C N N 135 
ASP O    O N N 136 
ASP CB   C N N 137 
ASP CG   C N N 138 
ASP OD1  O N N 139 
ASP OD2  O N N 140 
ASP OXT  O N N 141 
ASP H    H N N 142 
ASP H2   H N N 143 
ASP HA   H N N 144 
ASP HB2  H N N 145 
ASP HB3  H N N 146 
ASP HD2  H N N 147 
ASP HXT  H N N 148 
CYS N    N N N 149 
CYS CA   C N R 150 
CYS C    C N N 151 
CYS O    O N N 152 
CYS CB   C N N 153 
CYS SG   S N N 154 
CYS OXT  O N N 155 
CYS H    H N N 156 
CYS H2   H N N 157 
CYS HA   H N N 158 
CYS HB2  H N N 159 
CYS HB3  H N N 160 
CYS HG   H N N 161 
CYS HXT  H N N 162 
GLN N    N N N 163 
GLN CA   C N S 164 
GLN C    C N N 165 
GLN O    O N N 166 
GLN CB   C N N 167 
GLN CG   C N N 168 
GLN CD   C N N 169 
GLN OE1  O N N 170 
GLN NE2  N N N 171 
GLN OXT  O N N 172 
GLN H    H N N 173 
GLN H2   H N N 174 
GLN HA   H N N 175 
GLN HB2  H N N 176 
GLN HB3  H N N 177 
GLN HG2  H N N 178 
GLN HG3  H N N 179 
GLN HE21 H N N 180 
GLN HE22 H N N 181 
GLN HXT  H N N 182 
GLU N    N N N 183 
GLU CA   C N S 184 
GLU C    C N N 185 
GLU O    O N N 186 
GLU CB   C N N 187 
GLU CG   C N N 188 
GLU CD   C N N 189 
GLU OE1  O N N 190 
GLU OE2  O N N 191 
GLU OXT  O N N 192 
GLU H    H N N 193 
GLU H2   H N N 194 
GLU HA   H N N 195 
GLU HB2  H N N 196 
GLU HB3  H N N 197 
GLU HG2  H N N 198 
GLU HG3  H N N 199 
GLU HE2  H N N 200 
GLU HXT  H N N 201 
GLY N    N N N 202 
GLY CA   C N N 203 
GLY C    C N N 204 
GLY O    O N N 205 
GLY OXT  O N N 206 
GLY H    H N N 207 
GLY H2   H N N 208 
GLY HA2  H N N 209 
GLY HA3  H N N 210 
GLY HXT  H N N 211 
HIS N    N N N 212 
HIS CA   C N S 213 
HIS C    C N N 214 
HIS O    O N N 215 
HIS CB   C N N 216 
HIS CG   C Y N 217 
HIS ND1  N Y N 218 
HIS CD2  C Y N 219 
HIS CE1  C Y N 220 
HIS NE2  N Y N 221 
HIS OXT  O N N 222 
HIS H    H N N 223 
HIS H2   H N N 224 
HIS HA   H N N 225 
HIS HB2  H N N 226 
HIS HB3  H N N 227 
HIS HD1  H N N 228 
HIS HD2  H N N 229 
HIS HE1  H N N 230 
HIS HE2  H N N 231 
HIS HXT  H N N 232 
HOH O    O N N 233 
HOH H1   H N N 234 
HOH H2   H N N 235 
ILE N    N N N 236 
ILE CA   C N S 237 
ILE C    C N N 238 
ILE O    O N N 239 
ILE CB   C N S 240 
ILE CG1  C N N 241 
ILE CG2  C N N 242 
ILE CD1  C N N 243 
ILE OXT  O N N 244 
ILE H    H N N 245 
ILE H2   H N N 246 
ILE HA   H N N 247 
ILE HB   H N N 248 
ILE HG12 H N N 249 
ILE HG13 H N N 250 
ILE HG21 H N N 251 
ILE HG22 H N N 252 
ILE HG23 H N N 253 
ILE HD11 H N N 254 
ILE HD12 H N N 255 
ILE HD13 H N N 256 
ILE HXT  H N N 257 
LEU N    N N N 258 
LEU CA   C N S 259 
LEU C    C N N 260 
LEU O    O N N 261 
LEU CB   C N N 262 
LEU CG   C N N 263 
LEU CD1  C N N 264 
LEU CD2  C N N 265 
LEU OXT  O N N 266 
LEU H    H N N 267 
LEU H2   H N N 268 
LEU HA   H N N 269 
LEU HB2  H N N 270 
LEU HB3  H N N 271 
LEU HG   H N N 272 
LEU HD11 H N N 273 
LEU HD12 H N N 274 
LEU HD13 H N N 275 
LEU HD21 H N N 276 
LEU HD22 H N N 277 
LEU HD23 H N N 278 
LEU HXT  H N N 279 
LYS N    N N N 280 
LYS CA   C N S 281 
LYS C    C N N 282 
LYS O    O N N 283 
LYS CB   C N N 284 
LYS CG   C N N 285 
LYS CD   C N N 286 
LYS CE   C N N 287 
LYS NZ   N N N 288 
LYS OXT  O N N 289 
LYS H    H N N 290 
LYS H2   H N N 291 
LYS HA   H N N 292 
LYS HB2  H N N 293 
LYS HB3  H N N 294 
LYS HG2  H N N 295 
LYS HG3  H N N 296 
LYS HD2  H N N 297 
LYS HD3  H N N 298 
LYS HE2  H N N 299 
LYS HE3  H N N 300 
LYS HZ1  H N N 301 
LYS HZ2  H N N 302 
LYS HZ3  H N N 303 
LYS HXT  H N N 304 
MET N    N N N 305 
MET CA   C N S 306 
MET C    C N N 307 
MET O    O N N 308 
MET CB   C N N 309 
MET CG   C N N 310 
MET SD   S N N 311 
MET CE   C N N 312 
MET OXT  O N N 313 
MET H    H N N 314 
MET H2   H N N 315 
MET HA   H N N 316 
MET HB2  H N N 317 
MET HB3  H N N 318 
MET HG2  H N N 319 
MET HG3  H N N 320 
MET HE1  H N N 321 
MET HE2  H N N 322 
MET HE3  H N N 323 
MET HXT  H N N 324 
PHE N    N N N 325 
PHE CA   C N S 326 
PHE C    C N N 327 
PHE O    O N N 328 
PHE CB   C N N 329 
PHE CG   C Y N 330 
PHE CD1  C Y N 331 
PHE CD2  C Y N 332 
PHE CE1  C Y N 333 
PHE CE2  C Y N 334 
PHE CZ   C Y N 335 
PHE OXT  O N N 336 
PHE H    H N N 337 
PHE H2   H N N 338 
PHE HA   H N N 339 
PHE HB2  H N N 340 
PHE HB3  H N N 341 
PHE HD1  H N N 342 
PHE HD2  H N N 343 
PHE HE1  H N N 344 
PHE HE2  H N N 345 
PHE HZ   H N N 346 
PHE HXT  H N N 347 
PRO N    N N N 348 
PRO CA   C N S 349 
PRO C    C N N 350 
PRO O    O N N 351 
PRO CB   C N N 352 
PRO CG   C N N 353 
PRO CD   C N N 354 
PRO OXT  O N N 355 
PRO H    H N N 356 
PRO HA   H N N 357 
PRO HB2  H N N 358 
PRO HB3  H N N 359 
PRO HG2  H N N 360 
PRO HG3  H N N 361 
PRO HD2  H N N 362 
PRO HD3  H N N 363 
PRO HXT  H N N 364 
SER N    N N N 365 
SER CA   C N S 366 
SER C    C N N 367 
SER O    O N N 368 
SER CB   C N N 369 
SER OG   O N N 370 
SER OXT  O N N 371 
SER H    H N N 372 
SER H2   H N N 373 
SER HA   H N N 374 
SER HB2  H N N 375 
SER HB3  H N N 376 
SER HG   H N N 377 
SER HXT  H N N 378 
THR N    N N N 379 
THR CA   C N S 380 
THR C    C N N 381 
THR O    O N N 382 
THR CB   C N R 383 
THR OG1  O N N 384 
THR CG2  C N N 385 
THR OXT  O N N 386 
THR H    H N N 387 
THR H2   H N N 388 
THR HA   H N N 389 
THR HB   H N N 390 
THR HG1  H N N 391 
THR HG21 H N N 392 
THR HG22 H N N 393 
THR HG23 H N N 394 
THR HXT  H N N 395 
TRP N    N N N 396 
TRP CA   C N S 397 
TRP C    C N N 398 
TRP O    O N N 399 
TRP CB   C N N 400 
TRP CG   C Y N 401 
TRP CD1  C Y N 402 
TRP CD2  C Y N 403 
TRP NE1  N Y N 404 
TRP CE2  C Y N 405 
TRP CE3  C Y N 406 
TRP CZ2  C Y N 407 
TRP CZ3  C Y N 408 
TRP CH2  C Y N 409 
TRP OXT  O N N 410 
TRP H    H N N 411 
TRP H2   H N N 412 
TRP HA   H N N 413 
TRP HB2  H N N 414 
TRP HB3  H N N 415 
TRP HD1  H N N 416 
TRP HE1  H N N 417 
TRP HE3  H N N 418 
TRP HZ2  H N N 419 
TRP HZ3  H N N 420 
TRP HH2  H N N 421 
TRP HXT  H N N 422 
TYR N    N N N 423 
TYR CA   C N S 424 
TYR C    C N N 425 
TYR O    O N N 426 
TYR CB   C N N 427 
TYR CG   C Y N 428 
TYR CD1  C Y N 429 
TYR CD2  C Y N 430 
TYR CE1  C Y N 431 
TYR CE2  C Y N 432 
TYR CZ   C Y N 433 
TYR OH   O N N 434 
TYR OXT  O N N 435 
TYR H    H N N 436 
TYR H2   H N N 437 
TYR HA   H N N 438 
TYR HB2  H N N 439 
TYR HB3  H N N 440 
TYR HD1  H N N 441 
TYR HD2  H N N 442 
TYR HE1  H N N 443 
TYR HE2  H N N 444 
TYR HH   H N N 445 
TYR HXT  H N N 446 
VAL N    N N N 447 
VAL CA   C N S 448 
VAL C    C N N 449 
VAL O    O N N 450 
VAL CB   C N N 451 
VAL CG1  C N N 452 
VAL CG2  C N N 453 
VAL OXT  O N N 454 
VAL H    H N N 455 
VAL H2   H N N 456 
VAL HA   H N N 457 
VAL HB   H N N 458 
VAL HG11 H N N 459 
VAL HG12 H N N 460 
VAL HG13 H N N 461 
VAL HG21 H N N 462 
VAL HG22 H N N 463 
VAL HG23 H N N 464 
VAL HXT  H N N 465 
# 
loop_
_chem_comp_bond.comp_id 
_chem_comp_bond.atom_id_1 
_chem_comp_bond.atom_id_2 
_chem_comp_bond.value_order 
_chem_comp_bond.pdbx_aromatic_flag 
_chem_comp_bond.pdbx_stereo_config 
_chem_comp_bond.pdbx_ordinal 
34G CAA CAJ  sing N N 1   
34G CAN CAM  sing N N 2   
34G CAN NBI  sing N N 3   
34G CAM CAX  sing N N 4   
34G CAJ CBE  sing N N 5   
34G NBI CAQ  sing N N 6   
34G NBI CBH  sing N N 7   
34G CAQ CBE  sing N N 8   
34G CAX CAG  doub Y N 9   
34G CAX CBD  sing Y N 10  
34G CBE CBF  sing N N 11  
34G CBH CBD  sing N N 12  
34G CBH CAP  sing N N 13  
34G CBF CAO  sing N N 14  
34G CBF CAP  sing N N 15  
34G CAK NAR  sing N N 16  
34G CAK CAL  sing N N 17  
34G CAG CAZ  sing Y N 18  
34G NAR CBG  sing N N 19  
34G CBD CAI  doub Y N 20  
34G CAL CAW  sing N N 21  
34G CBG CAO  sing N N 22  
34G CBG CBC  sing N N 23  
34G CAZ OAT  sing N N 24  
34G CAZ CBB  doub Y N 25  
34G CAI CBB  sing Y N 26  
34G CAW CBC  doub Y N 27  
34G CAW CAF  sing Y N 28  
34G CAC OAT  sing N N 29  
34G CBC CAH  sing Y N 30  
34G CBB OAV  sing N N 31  
34G CAF CAY  doub Y N 32  
34G CAH CBA  doub Y N 33  
34G OAV CAE  sing N N 34  
34G CAY CBA  sing Y N 35  
34G CAY OAS  sing N N 36  
34G CBA OAU  sing N N 37  
34G CAB OAS  sing N N 38  
34G OAU CAD  sing N N 39  
34G CAA H1   sing N N 40  
34G CAA H2   sing N N 41  
34G CAA H3   sing N N 42  
34G CAJ H4   sing N N 43  
34G CAJ H5   sing N N 44  
34G CBE H6   sing N N 45  
34G CAQ H7   sing N N 46  
34G CAQ H8   sing N N 47  
34G CAN H10  sing N N 48  
34G CAN H11  sing N N 49  
34G CAM H12  sing N N 50  
34G CAM H13  sing N N 51  
34G CAG H14  sing N N 52  
34G CAC H15  sing N N 53  
34G CAC H16  sing N N 54  
34G CAC H17  sing N N 55  
34G CAE H18  sing N N 56  
34G CAE H19  sing N N 57  
34G CAE H20  sing N N 58  
34G CAI H21  sing N N 59  
34G CBH H22  sing N N 60  
34G CAP H23  sing N N 61  
34G CAP H24  sing N N 62  
34G CBF H25  sing N N 63  
34G CAO H26  sing N N 64  
34G CAO H27  sing N N 65  
34G CBG H28  sing N N 66  
34G NAR H29  sing N N 67  
34G CAK H31  sing N N 68  
34G CAK H32  sing N N 69  
34G CAL H33  sing N N 70  
34G CAL H34  sing N N 71  
34G CAF H35  sing N N 72  
34G CAH H36  sing N N 73  
34G CAD H37  sing N N 74  
34G CAD H38  sing N N 75  
34G CAD H39  sing N N 76  
34G CAB H40  sing N N 77  
34G CAB H41  sing N N 78  
34G CAB H42  sing N N 79  
ALA N   CA   sing N N 80  
ALA N   H    sing N N 81  
ALA N   H2   sing N N 82  
ALA CA  C    sing N N 83  
ALA CA  CB   sing N N 84  
ALA CA  HA   sing N N 85  
ALA C   O    doub N N 86  
ALA C   OXT  sing N N 87  
ALA CB  HB1  sing N N 88  
ALA CB  HB2  sing N N 89  
ALA CB  HB3  sing N N 90  
ALA OXT HXT  sing N N 91  
ARG N   CA   sing N N 92  
ARG N   H    sing N N 93  
ARG N   H2   sing N N 94  
ARG CA  C    sing N N 95  
ARG CA  CB   sing N N 96  
ARG CA  HA   sing N N 97  
ARG C   O    doub N N 98  
ARG C   OXT  sing N N 99  
ARG CB  CG   sing N N 100 
ARG CB  HB2  sing N N 101 
ARG CB  HB3  sing N N 102 
ARG CG  CD   sing N N 103 
ARG CG  HG2  sing N N 104 
ARG CG  HG3  sing N N 105 
ARG CD  NE   sing N N 106 
ARG CD  HD2  sing N N 107 
ARG CD  HD3  sing N N 108 
ARG NE  CZ   sing N N 109 
ARG NE  HE   sing N N 110 
ARG CZ  NH1  sing N N 111 
ARG CZ  NH2  doub N N 112 
ARG NH1 HH11 sing N N 113 
ARG NH1 HH12 sing N N 114 
ARG NH2 HH21 sing N N 115 
ARG NH2 HH22 sing N N 116 
ARG OXT HXT  sing N N 117 
ASN N   CA   sing N N 118 
ASN N   H    sing N N 119 
ASN N   H2   sing N N 120 
ASN CA  C    sing N N 121 
ASN CA  CB   sing N N 122 
ASN CA  HA   sing N N 123 
ASN C   O    doub N N 124 
ASN C   OXT  sing N N 125 
ASN CB  CG   sing N N 126 
ASN CB  HB2  sing N N 127 
ASN CB  HB3  sing N N 128 
ASN CG  OD1  doub N N 129 
ASN CG  ND2  sing N N 130 
ASN ND2 HD21 sing N N 131 
ASN ND2 HD22 sing N N 132 
ASN OXT HXT  sing N N 133 
ASP N   CA   sing N N 134 
ASP N   H    sing N N 135 
ASP N   H2   sing N N 136 
ASP CA  C    sing N N 137 
ASP CA  CB   sing N N 138 
ASP CA  HA   sing N N 139 
ASP C   O    doub N N 140 
ASP C   OXT  sing N N 141 
ASP CB  CG   sing N N 142 
ASP CB  HB2  sing N N 143 
ASP CB  HB3  sing N N 144 
ASP CG  OD1  doub N N 145 
ASP CG  OD2  sing N N 146 
ASP OD2 HD2  sing N N 147 
ASP OXT HXT  sing N N 148 
CYS N   CA   sing N N 149 
CYS N   H    sing N N 150 
CYS N   H2   sing N N 151 
CYS CA  C    sing N N 152 
CYS CA  CB   sing N N 153 
CYS CA  HA   sing N N 154 
CYS C   O    doub N N 155 
CYS C   OXT  sing N N 156 
CYS CB  SG   sing N N 157 
CYS CB  HB2  sing N N 158 
CYS CB  HB3  sing N N 159 
CYS SG  HG   sing N N 160 
CYS OXT HXT  sing N N 161 
GLN N   CA   sing N N 162 
GLN N   H    sing N N 163 
GLN N   H2   sing N N 164 
GLN CA  C    sing N N 165 
GLN CA  CB   sing N N 166 
GLN CA  HA   sing N N 167 
GLN C   O    doub N N 168 
GLN C   OXT  sing N N 169 
GLN CB  CG   sing N N 170 
GLN CB  HB2  sing N N 171 
GLN CB  HB3  sing N N 172 
GLN CG  CD   sing N N 173 
GLN CG  HG2  sing N N 174 
GLN CG  HG3  sing N N 175 
GLN CD  OE1  doub N N 176 
GLN CD  NE2  sing N N 177 
GLN NE2 HE21 sing N N 178 
GLN NE2 HE22 sing N N 179 
GLN OXT HXT  sing N N 180 
GLU N   CA   sing N N 181 
GLU N   H    sing N N 182 
GLU N   H2   sing N N 183 
GLU CA  C    sing N N 184 
GLU CA  CB   sing N N 185 
GLU CA  HA   sing N N 186 
GLU C   O    doub N N 187 
GLU C   OXT  sing N N 188 
GLU CB  CG   sing N N 189 
GLU CB  HB2  sing N N 190 
GLU CB  HB3  sing N N 191 
GLU CG  CD   sing N N 192 
GLU CG  HG2  sing N N 193 
GLU CG  HG3  sing N N 194 
GLU CD  OE1  doub N N 195 
GLU CD  OE2  sing N N 196 
GLU OE2 HE2  sing N N 197 
GLU OXT HXT  sing N N 198 
GLY N   CA   sing N N 199 
GLY N   H    sing N N 200 
GLY N   H2   sing N N 201 
GLY CA  C    sing N N 202 
GLY CA  HA2  sing N N 203 
GLY CA  HA3  sing N N 204 
GLY C   O    doub N N 205 
GLY C   OXT  sing N N 206 
GLY OXT HXT  sing N N 207 
HIS N   CA   sing N N 208 
HIS N   H    sing N N 209 
HIS N   H2   sing N N 210 
HIS CA  C    sing N N 211 
HIS CA  CB   sing N N 212 
HIS CA  HA   sing N N 213 
HIS C   O    doub N N 214 
HIS C   OXT  sing N N 215 
HIS CB  CG   sing N N 216 
HIS CB  HB2  sing N N 217 
HIS CB  HB3  sing N N 218 
HIS CG  ND1  sing Y N 219 
HIS CG  CD2  doub Y N 220 
HIS ND1 CE1  doub Y N 221 
HIS ND1 HD1  sing N N 222 
HIS CD2 NE2  sing Y N 223 
HIS CD2 HD2  sing N N 224 
HIS CE1 NE2  sing Y N 225 
HIS CE1 HE1  sing N N 226 
HIS NE2 HE2  sing N N 227 
HIS OXT HXT  sing N N 228 
HOH O   H1   sing N N 229 
HOH O   H2   sing N N 230 
ILE N   CA   sing N N 231 
ILE N   H    sing N N 232 
ILE N   H2   sing N N 233 
ILE CA  C    sing N N 234 
ILE CA  CB   sing N N 235 
ILE CA  HA   sing N N 236 
ILE C   O    doub N N 237 
ILE C   OXT  sing N N 238 
ILE CB  CG1  sing N N 239 
ILE CB  CG2  sing N N 240 
ILE CB  HB   sing N N 241 
ILE CG1 CD1  sing N N 242 
ILE CG1 HG12 sing N N 243 
ILE CG1 HG13 sing N N 244 
ILE CG2 HG21 sing N N 245 
ILE CG2 HG22 sing N N 246 
ILE CG2 HG23 sing N N 247 
ILE CD1 HD11 sing N N 248 
ILE CD1 HD12 sing N N 249 
ILE CD1 HD13 sing N N 250 
ILE OXT HXT  sing N N 251 
LEU N   CA   sing N N 252 
LEU N   H    sing N N 253 
LEU N   H2   sing N N 254 
LEU CA  C    sing N N 255 
LEU CA  CB   sing N N 256 
LEU CA  HA   sing N N 257 
LEU C   O    doub N N 258 
LEU C   OXT  sing N N 259 
LEU CB  CG   sing N N 260 
LEU CB  HB2  sing N N 261 
LEU CB  HB3  sing N N 262 
LEU CG  CD1  sing N N 263 
LEU CG  CD2  sing N N 264 
LEU CG  HG   sing N N 265 
LEU CD1 HD11 sing N N 266 
LEU CD1 HD12 sing N N 267 
LEU CD1 HD13 sing N N 268 
LEU CD2 HD21 sing N N 269 
LEU CD2 HD22 sing N N 270 
LEU CD2 HD23 sing N N 271 
LEU OXT HXT  sing N N 272 
LYS N   CA   sing N N 273 
LYS N   H    sing N N 274 
LYS N   H2   sing N N 275 
LYS CA  C    sing N N 276 
LYS CA  CB   sing N N 277 
LYS CA  HA   sing N N 278 
LYS C   O    doub N N 279 
LYS C   OXT  sing N N 280 
LYS CB  CG   sing N N 281 
LYS CB  HB2  sing N N 282 
LYS CB  HB3  sing N N 283 
LYS CG  CD   sing N N 284 
LYS CG  HG2  sing N N 285 
LYS CG  HG3  sing N N 286 
LYS CD  CE   sing N N 287 
LYS CD  HD2  sing N N 288 
LYS CD  HD3  sing N N 289 
LYS CE  NZ   sing N N 290 
LYS CE  HE2  sing N N 291 
LYS CE  HE3  sing N N 292 
LYS NZ  HZ1  sing N N 293 
LYS NZ  HZ2  sing N N 294 
LYS NZ  HZ3  sing N N 295 
LYS OXT HXT  sing N N 296 
MET N   CA   sing N N 297 
MET N   H    sing N N 298 
MET N   H2   sing N N 299 
MET CA  C    sing N N 300 
MET CA  CB   sing N N 301 
MET CA  HA   sing N N 302 
MET C   O    doub N N 303 
MET C   OXT  sing N N 304 
MET CB  CG   sing N N 305 
MET CB  HB2  sing N N 306 
MET CB  HB3  sing N N 307 
MET CG  SD   sing N N 308 
MET CG  HG2  sing N N 309 
MET CG  HG3  sing N N 310 
MET SD  CE   sing N N 311 
MET CE  HE1  sing N N 312 
MET CE  HE2  sing N N 313 
MET CE  HE3  sing N N 314 
MET OXT HXT  sing N N 315 
PHE N   CA   sing N N 316 
PHE N   H    sing N N 317 
PHE N   H2   sing N N 318 
PHE CA  C    sing N N 319 
PHE CA  CB   sing N N 320 
PHE CA  HA   sing N N 321 
PHE C   O    doub N N 322 
PHE C   OXT  sing N N 323 
PHE CB  CG   sing N N 324 
PHE CB  HB2  sing N N 325 
PHE CB  HB3  sing N N 326 
PHE CG  CD1  doub Y N 327 
PHE CG  CD2  sing Y N 328 
PHE CD1 CE1  sing Y N 329 
PHE CD1 HD1  sing N N 330 
PHE CD2 CE2  doub Y N 331 
PHE CD2 HD2  sing N N 332 
PHE CE1 CZ   doub Y N 333 
PHE CE1 HE1  sing N N 334 
PHE CE2 CZ   sing Y N 335 
PHE CE2 HE2  sing N N 336 
PHE CZ  HZ   sing N N 337 
PHE OXT HXT  sing N N 338 
PRO N   CA   sing N N 339 
PRO N   CD   sing N N 340 
PRO N   H    sing N N 341 
PRO CA  C    sing N N 342 
PRO CA  CB   sing N N 343 
PRO CA  HA   sing N N 344 
PRO C   O    doub N N 345 
PRO C   OXT  sing N N 346 
PRO CB  CG   sing N N 347 
PRO CB  HB2  sing N N 348 
PRO CB  HB3  sing N N 349 
PRO CG  CD   sing N N 350 
PRO CG  HG2  sing N N 351 
PRO CG  HG3  sing N N 352 
PRO CD  HD2  sing N N 353 
PRO CD  HD3  sing N N 354 
PRO OXT HXT  sing N N 355 
SER N   CA   sing N N 356 
SER N   H    sing N N 357 
SER N   H2   sing N N 358 
SER CA  C    sing N N 359 
SER CA  CB   sing N N 360 
SER CA  HA   sing N N 361 
SER C   O    doub N N 362 
SER C   OXT  sing N N 363 
SER CB  OG   sing N N 364 
SER CB  HB2  sing N N 365 
SER CB  HB3  sing N N 366 
SER OG  HG   sing N N 367 
SER OXT HXT  sing N N 368 
THR N   CA   sing N N 369 
THR N   H    sing N N 370 
THR N   H2   sing N N 371 
THR CA  C    sing N N 372 
THR CA  CB   sing N N 373 
THR CA  HA   sing N N 374 
THR C   O    doub N N 375 
THR C   OXT  sing N N 376 
THR CB  OG1  sing N N 377 
THR CB  CG2  sing N N 378 
THR CB  HB   sing N N 379 
THR OG1 HG1  sing N N 380 
THR CG2 HG21 sing N N 381 
THR CG2 HG22 sing N N 382 
THR CG2 HG23 sing N N 383 
THR OXT HXT  sing N N 384 
TRP N   CA   sing N N 385 
TRP N   H    sing N N 386 
TRP N   H2   sing N N 387 
TRP CA  C    sing N N 388 
TRP CA  CB   sing N N 389 
TRP CA  HA   sing N N 390 
TRP C   O    doub N N 391 
TRP C   OXT  sing N N 392 
TRP CB  CG   sing N N 393 
TRP CB  HB2  sing N N 394 
TRP CB  HB3  sing N N 395 
TRP CG  CD1  doub Y N 396 
TRP CG  CD2  sing Y N 397 
TRP CD1 NE1  sing Y N 398 
TRP CD1 HD1  sing N N 399 
TRP CD2 CE2  doub Y N 400 
TRP CD2 CE3  sing Y N 401 
TRP NE1 CE2  sing Y N 402 
TRP NE1 HE1  sing N N 403 
TRP CE2 CZ2  sing Y N 404 
TRP CE3 CZ3  doub Y N 405 
TRP CE3 HE3  sing N N 406 
TRP CZ2 CH2  doub Y N 407 
TRP CZ2 HZ2  sing N N 408 
TRP CZ3 CH2  sing Y N 409 
TRP CZ3 HZ3  sing N N 410 
TRP CH2 HH2  sing N N 411 
TRP OXT HXT  sing N N 412 
TYR N   CA   sing N N 413 
TYR N   H    sing N N 414 
TYR N   H2   sing N N 415 
TYR CA  C    sing N N 416 
TYR CA  CB   sing N N 417 
TYR CA  HA   sing N N 418 
TYR C   O    doub N N 419 
TYR C   OXT  sing N N 420 
TYR CB  CG   sing N N 421 
TYR CB  HB2  sing N N 422 
TYR CB  HB3  sing N N 423 
TYR CG  CD1  doub Y N 424 
TYR CG  CD2  sing Y N 425 
TYR CD1 CE1  sing Y N 426 
TYR CD1 HD1  sing N N 427 
TYR CD2 CE2  doub Y N 428 
TYR CD2 HD2  sing N N 429 
TYR CE1 CZ   doub Y N 430 
TYR CE1 HE1  sing N N 431 
TYR CE2 CZ   sing Y N 432 
TYR CE2 HE2  sing N N 433 
TYR CZ  OH   sing N N 434 
TYR OH  HH   sing N N 435 
TYR OXT HXT  sing N N 436 
VAL N   CA   sing N N 437 
VAL N   H    sing N N 438 
VAL N   H2   sing N N 439 
VAL CA  C    sing N N 440 
VAL CA  CB   sing N N 441 
VAL CA  HA   sing N N 442 
VAL C   O    doub N N 443 
VAL C   OXT  sing N N 444 
VAL CB  CG1  sing N N 445 
VAL CB  CG2  sing N N 446 
VAL CB  HB   sing N N 447 
VAL CG1 HG11 sing N N 448 
VAL CG1 HG12 sing N N 449 
VAL CG1 HG13 sing N N 450 
VAL CG2 HG21 sing N N 451 
VAL CG2 HG22 sing N N 452 
VAL CG2 HG23 sing N N 453 
VAL OXT HXT  sing N N 454 
# 
_pdbx_audit_support.funding_organization   'Department of Biotechnology (DBT, India)' 
_pdbx_audit_support.country                India 
_pdbx_audit_support.grant_number           GAP299 
_pdbx_audit_support.ordinal                1 
# 
_pdbx_initial_refinement_model.id               1 
_pdbx_initial_refinement_model.entity_id_list   ? 
_pdbx_initial_refinement_model.type             'experimental model' 
_pdbx_initial_refinement_model.source_name      PDB 
_pdbx_initial_refinement_model.accession_code   1BVX 
_pdbx_initial_refinement_model.details          ? 
# 
_space_group.name_H-M_alt     'P 43 21 2' 
_space_group.name_Hall        'P 4nw 2abw' 
_space_group.IT_number        96 
_space_group.crystal_system   tetragonal 
_space_group.id               1 
# 
_atom_sites.entry_id                    8Z51 
_atom_sites.Cartn_transf_matrix[1][1]   ? 
_atom_sites.Cartn_transf_matrix[1][2]   ? 
_atom_sites.Cartn_transf_matrix[1][3]   ? 
_atom_sites.Cartn_transf_matrix[2][1]   ? 
_atom_sites.Cartn_transf_matrix[2][2]   ? 
_atom_sites.Cartn_transf_matrix[2][3]   ? 
_atom_sites.Cartn_transf_matrix[3][1]   ? 
_atom_sites.Cartn_transf_matrix[3][2]   ? 
_atom_sites.Cartn_transf_matrix[3][3]   ? 
_atom_sites.Cartn_transf_vector[1]      ? 
_atom_sites.Cartn_transf_vector[2]      ? 
_atom_sites.Cartn_transf_vector[3]      ? 
_atom_sites.Cartn_transform_axes        ? 
_atom_sites.fract_transf_matrix[1][1]   -0.01069925 
_atom_sites.fract_transf_matrix[1][2]   -0.00524467 
_atom_sites.fract_transf_matrix[1][3]   -0.00418160 
_atom_sites.fract_transf_matrix[2][1]   0.00619775 
_atom_sites.fract_transf_matrix[2][2]   -0.00471914 
_atom_sites.fract_transf_matrix[2][3]   -0.00993901 
_atom_sites.fract_transf_matrix[3][1]   0.00574894 
_atom_sites.fract_transf_matrix[3][2]   -0.02347198 
_atom_sites.fract_transf_matrix[3][3]   0.01472964 
_atom_sites.fract_transf_vector[1]      0.005726 
_atom_sites.fract_transf_vector[2]      -0.255548 
_atom_sites.fract_transf_vector[3]      0.001091 
_atom_sites.solution_primary            ? 
_atom_sites.solution_secondary          ? 
_atom_sites.solution_hydrogens          ? 
_atom_sites.special_details             ? 
# 
loop_
_atom_type.symbol 
_atom_type.scat_dispersion_real 
_atom_type.scat_dispersion_imag 
_atom_type.scat_Cromer_Mann_a1 
_atom_type.scat_Cromer_Mann_a2 
_atom_type.scat_Cromer_Mann_a3 
_atom_type.scat_Cromer_Mann_a4 
_atom_type.scat_Cromer_Mann_b1 
_atom_type.scat_Cromer_Mann_b2 
_atom_type.scat_Cromer_Mann_b3 
_atom_type.scat_Cromer_Mann_b4 
_atom_type.scat_Cromer_Mann_c 
_atom_type.scat_source 
_atom_type.scat_dispersion_source 
C ? ? 3.54356 2.42580 ? ? 25.62398 1.50364  ? ? 0.0 
;2-Gaussian fit: Grosse-Kunstleve RW, Sauter NK, Adams PD: Newsletter of the IUCr Commission on Crystallographic Computing 2004, 3, 22-31.
;
? 
N ? ? 4.01032 2.96436 ? ? 19.97189 1.75589  ? ? 0.0 
;2-Gaussian fit: Grosse-Kunstleve RW, Sauter NK, Adams PD: Newsletter of the IUCr Commission on Crystallographic Computing 2004, 3, 22-31.
;
? 
O ? ? 4.49882 3.47563 ? ? 15.80542 1.70748  ? ? 0.0 
;2-Gaussian fit: Grosse-Kunstleve RW, Sauter NK, Adams PD: Newsletter of the IUCr Commission on Crystallographic Computing 2004, 3, 22-31.
;
? 
S ? ? 9.55732 6.39887 ? ? 1.23737  29.19336 ? ? 0.0 
;2-Gaussian fit: Grosse-Kunstleve RW, Sauter NK, Adams PD: Newsletter of the IUCr Commission on Crystallographic Computing 2004, 3, 22-31.
;
? 
# 
loop_
_atom_site.group_PDB 
_atom_site.id 
_atom_site.type_symbol 
_atom_site.label_atom_id 
_atom_site.label_alt_id 
_atom_site.label_comp_id 
_atom_site.label_asym_id 
_atom_site.label_entity_id 
_atom_site.label_seq_id 
_atom_site.pdbx_PDB_ins_code 
_atom_site.Cartn_x 
_atom_site.Cartn_y 
_atom_site.Cartn_z 
_atom_site.occupancy 
_atom_site.B_iso_or_equiv 
_atom_site.pdbx_formal_charge 
_atom_site.auth_seq_id 
_atom_site.auth_comp_id 
_atom_site.auth_asym_id 
_atom_site.auth_atom_id 
_atom_site.pdbx_PDB_model_num 
ATOM   1    N N   . LYS A 1 1   ? 6.63225   5.33874   -11.28409 1.000 15.51570 ? 1   LYS A N   1 
ATOM   2    C CA  . LYS A 1 1   ? 5.40817   5.89287   -11.85379 1.000 14.84405 ? 1   LYS A CA  1 
ATOM   3    C C   . LYS A 1 1   ? 4.63827   6.66123   -10.78076 1.000 10.66531 ? 1   LYS A C   1 
ATOM   4    O O   . LYS A 1 1   ? 4.46567   6.14795   -9.67621  1.000 13.17247 ? 1   LYS A O   1 
ATOM   5    C CB  . LYS A 1 1   ? 4.56012   4.76061   -12.43705 1.000 14.53733 ? 1   LYS A CB  1 
ATOM   6    C CG  . LYS A 1 1   ? 3.17855   5.14796   -12.90583 1.000 14.01008 ? 1   LYS A CG  1 
ATOM   7    C CD  . LYS A 1 1   ? 2.51648   3.96382   -13.56647 1.000 16.01313 ? 1   LYS A CD  1 
ATOM   8    C CE  . LYS A 1 1   ? 1.10043   4.32583   -13.98196 1.000 16.27657 ? 1   LYS A CE  1 
ATOM   9    N NZ  . LYS A 1 1   ? 0.45289   3.27337   -14.81167 1.000 23.27548 ? 1   LYS A NZ  1 
ATOM   10   N N   . VAL A 1 2   ? 4.20424   7.87989   -11.08311 1.000 14.45382 ? 2   VAL A N   1 
ATOM   11   C CA  . VAL A 1 2   ? 3.31221   8.62973   -10.20848 1.000 9.46799  ? 2   VAL A CA  1 
ATOM   12   C C   . VAL A 1 2   ? 1.90727   8.47107   -10.77121 1.000 12.00109 ? 2   VAL A C   1 
ATOM   13   O O   . VAL A 1 2   ? 1.55143   9.08609   -11.78237 1.000 18.19697 ? 2   VAL A O   1 
ATOM   14   C CB  . VAL A 1 2   ? 3.71596   10.09929  -10.08338 1.000 16.67021 ? 2   VAL A CB  1 
ATOM   15   C CG1 . VAL A 1 2   ? 2.79531   10.80013  -9.09273  1.000 19.01186 ? 2   VAL A CG1 1 
ATOM   16   C CG2 . VAL A 1 2   ? 5.16444   10.19252  -9.59954  1.000 13.68313 ? 2   VAL A CG2 1 
ATOM   17   N N   . PHE A 1 3   ? 1.11589   7.62826   -10.12035 1.000 8.61962  ? 3   PHE A N   1 
ATOM   18   C CA  . PHE A 1 3   ? -0.25193  7.39574   -10.56222 1.000 10.77192 ? 3   PHE A CA  1 
ATOM   19   C C   . PHE A 1 3   ? -1.09260  8.64502   -10.37598 1.000 11.29226 ? 3   PHE A C   1 
ATOM   20   O O   . PHE A 1 3   ? -0.92434  9.38731   -9.40869  1.000 11.59056 ? 3   PHE A O   1 
ATOM   21   C CB  . PHE A 1 3   ? -0.89711  6.27214   -9.75350  1.000 11.30813 ? 3   PHE A CB  1 
ATOM   22   C CG  . PHE A 1 3   ? -0.65083  4.88829   -10.27836 1.000 9.45534  ? 3   PHE A CG  1 
ATOM   23   C CD1 . PHE A 1 3   ? 0.52261   4.19059   -9.96965  1.000 11.30655 ? 3   PHE A CD1 1 
ATOM   24   C CD2 . PHE A 1 3   ? -1.60926  4.25723   -11.05412 1.000 11.92791 ? 3   PHE A CD2 1 
ATOM   25   C CE1 . PHE A 1 3   ? 0.71191   2.90836   -10.44867 1.000 10.03509 ? 3   PHE A CE1 1 
ATOM   26   C CE2 . PHE A 1 3   ? -1.42651  2.97812   -11.53248 1.000 10.49364 ? 3   PHE A CE2 1 
ATOM   27   C CZ  . PHE A 1 3   ? -0.26322  2.29793   -11.23594 1.000 12.89544 ? 3   PHE A CZ  1 
ATOM   28   N N   . GLY A 1 4   ? -2.01564  8.87210   -11.30831 1.000 10.21470 ? 4   GLY A N   1 
ATOM   29   C CA  . GLY A 1 4   ? -3.11529  9.76252   -11.02088 1.000 12.28921 ? 4   GLY A CA  1 
ATOM   30   C C   . GLY A 1 4   ? -4.06912  9.12347   -10.02994 1.000 10.15261 ? 4   GLY A C   1 
ATOM   31   O O   . GLY A 1 4   ? -4.16494  7.89930   -9.92628  1.000 13.15672 ? 4   GLY A O   1 
ATOM   32   N N   . ARG A 1 5   ? -4.76506  9.97708   -9.28280  1.000 10.55805 ? 5   ARG A N   1 
ATOM   33   C CA  . ARG A 1 5   ? -5.73694  9.52640   -8.29249  1.000 12.09641 ? 5   ARG A CA  1 
ATOM   34   C C   . ARG A 1 5   ? -6.69194  8.49079   -8.87303  1.000 13.13338 ? 5   ARG A C   1 
ATOM   35   O O   . ARG A 1 5   ? -6.80209  7.36695   -8.37368  1.000 11.36493 ? 5   ARG A O   1 
ATOM   36   C CB  . ARG A 1 5   ? -6.50722  10.73840  -7.77131  1.000 16.35735 ? 5   ARG A CB  1 
ATOM   37   C CG  . ARG A 1 5   ? -7.61901  10.42610  -6.79944  1.000 16.33525 ? 5   ARG A CG  1 
ATOM   38   C CD  . ARG A 1 5   ? -8.25524  11.72249  -6.30857  1.000 19.36446 ? 5   ARG A CD  1 
ATOM   39   N NE  . ARG A 1 5   ? -8.97459  12.42126  -7.36956  1.000 20.33846 ? 5   ARG A NE  1 
ATOM   40   C CZ  . ARG A 1 5   ? -10.26100 12.25060  -7.65268  1.000 19.60924 ? 5   ARG A CZ  1 
ATOM   41   N NH1 . ARG A 1 5   ? -11.00669 11.37348  -6.99901  1.000 17.42717 ? 5   ARG A NH1 1 
ATOM   42   N NH2 . ARG A 1 5   ? -10.81477 12.98215  -8.61580  1.000 22.74137 ? 5   ARG A NH2 1 
ATOM   43   N N   . CYS A 1 6   ? -7.39974  8.85976   -9.94375  1.000 14.64864 ? 6   CYS A N   1 
ATOM   44   C CA  . CYS A 1 6   ? -8.40646  7.96334   -10.49312 1.000 13.64435 ? 6   CYS A CA  1 
ATOM   45   C C   . CYS A 1 6   ? -7.78057  6.77512   -11.19503 1.000 11.35277 ? 6   CYS A C   1 
ATOM   46   O O   . CYS A 1 6   ? -8.35377  5.67954   -11.19619 1.000 13.68755 ? 6   CYS A O   1 
ATOM   47   C CB  . CYS A 1 6   ? -9.31246  8.73329   -11.45641 1.000 12.61221 ? 6   CYS A CB  1 
ATOM   48   S SG  . CYS A 1 6   ? -10.37317 9.90996   -10.62091 1.000 14.72283 ? 6   CYS A SG  1 
ATOM   49   N N   . GLU A 1 7   ? -6.60493  6.96768   -11.79131 1.000 11.68496 ? 7   GLU A N   1 
ATOM   50   C CA  . GLU A 1 7   ? -5.89169  5.84845   -12.39063 1.000 12.96420 ? 7   GLU A CA  1 
ATOM   51   C C   . GLU A 1 7   ? -5.55948  4.78979   -11.34669 1.000 12.98211 ? 7   GLU A C   1 
ATOM   52   O O   . GLU A 1 7   ? -5.72095  3.58561   -11.58939 1.000 11.80104 ? 7   GLU A O   1 
ATOM   53   C CB  . GLU A 1 7   ? -4.61971  6.37110   -13.05234 1.000 10.71476 ? 7   GLU A CB  1 
ATOM   54   C CG  . GLU A 1 7   ? -3.76529  5.32649   -13.68650 1.000 16.15863 ? 7   GLU A CG  1 
ATOM   55   C CD  . GLU A 1 7   ? -2.41596  5.87372   -14.13250 1.000 20.02228 ? 7   GLU A CD  1 
ATOM   56   O OE1 . GLU A 1 7   ? -1.99156  6.95920   -13.65024 1.000 18.06753 ? 7   GLU A OE1 1 
ATOM   57   O OE2 . GLU A 1 7   ? -1.79073  5.21464   -14.98380 1.000 19.75968 ? 7   GLU A OE2 1 
ATOM   58   N N   . LEU A 1 8   ? -5.08716  5.22572   -10.17474 1.000 10.09881 ? 8   LEU A N   1 
ATOM   59   C CA  . LEU A 1 8   ? -4.74137  4.27554   -9.12371  1.000 9.65047  ? 8   LEU A CA  1 
ATOM   60   C C   . LEU A 1 8   ? -5.98576  3.62045   -8.54769  1.000 8.65694  ? 8   LEU A C   1 
ATOM   61   O O   . LEU A 1 8   ? -5.99487  2.41377   -8.29766  1.000 10.66915 ? 8   LEU A O   1 
ATOM   62   C CB  . LEU A 1 8   ? -3.94405  4.98462   -8.03015  1.000 8.05211  ? 8   LEU A CB  1 
ATOM   63   C CG  . LEU A 1 8   ? -3.52787  4.04952   -6.90057  1.000 9.30660  ? 8   LEU A CG  1 
ATOM   64   C CD1 . LEU A 1 8   ? -2.56822  3.01357   -7.45244  1.000 9.37796  ? 8   LEU A CD1 1 
ATOM   65   C CD2 . LEU A 1 8   ? -2.89476  4.84650   -5.79114  1.000 10.46565 ? 8   LEU A CD2 1 
ATOM   66   N N   . ALA A 1 9   ? -7.05346  4.39653   -8.35421  1.000 10.32645 ? 9   ALA A N   1 
ATOM   67   C CA  . ALA A 1 9   ? -8.30014  3.79901   -7.88921  1.000 11.14062 ? 9   ALA A CA  1 
ATOM   68   C C   . ALA A 1 9   ? -8.73074  2.66465   -8.80772  1.000 10.01713 ? 9   ALA A C   1 
ATOM   69   O O   . ALA A 1 9   ? -9.11973  1.58682   -8.34142  1.000 11.84403 ? 9   ALA A O   1 
ATOM   70   C CB  . ALA A 1 9   ? -9.39778  4.85871   -7.80845  1.000 12.16674 ? 9   ALA A CB  1 
ATOM   71   N N   . ALA A 1 10  ? -8.64831  2.88923   -10.11997 1.000 10.98481 ? 10  ALA A N   1 
ATOM   72   C CA  . ALA A 1 10  ? -9.04211  1.86002   -11.07229 1.000 8.02643  ? 10  ALA A CA  1 
ATOM   73   C C   . ALA A 1 10  ? -8.13305  0.64966   -10.98938 1.000 13.59105 ? 10  ALA A C   1 
ATOM   74   O O   . ALA A 1 10  ? -8.59721  -0.49502  -11.08704 1.000 15.65317 ? 10  ALA A O   1 
ATOM   75   C CB  . ALA A 1 10  ? -9.02753  2.43859   -12.48796 1.000 11.82843 ? 10  ALA A CB  1 
ATOM   76   N N   . ALA A 1 11  ? -6.82867  0.87313   -10.82470 1.000 12.71604 ? 11  ALA A N   1 
ATOM   77   C CA  . ALA A 1 11  ? -5.91961  -0.26216  -10.77067 1.000 11.71102 ? 11  ALA A CA  1 
ATOM   78   C C   . ALA A 1 11  ? -6.12303  -1.06555  -9.48946  1.000 11.69035 ? 11  ALA A C   1 
ATOM   79   O O   . ALA A 1 11  ? -6.06958  -2.29769  -9.51027  1.000 10.90340 ? 11  ALA A O   1 
ATOM   80   C CB  . ALA A 1 11  ? -4.47377  0.21594   -10.90343 1.000 11.97380 ? 11  ALA A CB  1 
ATOM   81   N N   . MET A 1 12  ? -6.35306  -0.38810  -8.36293  1.000 12.00205 ? 12  MET A N   1 
ATOM   82   C CA  . MET A 1 12  ? -6.64971  -1.11469  -7.13286  1.000 9.85152  ? 12  MET A CA  1 
ATOM   83   C C   . MET A 1 12  ? -7.95044  -1.89608  -7.24239  1.000 12.36043 ? 12  MET A C   1 
ATOM   84   O O   . MET A 1 12  ? -8.04376  -3.01923  -6.73243  1.000 13.32572 ? 12  MET A O   1 
ATOM   85   C CB  . MET A 1 12  ? -6.67692  -0.15152  -5.94576  1.000 8.28712  ? 12  MET A CB  1 
ATOM   86   C CG  . MET A 1 12  ? -5.32642  0.49586   -5.63562  1.000 6.96219  ? 12  MET A CG  1 
ATOM   87   S SD  . MET A 1 12  ? -5.53390  1.70439   -4.31587  1.000 8.55193  ? 12  MET A SD  1 
ATOM   88   C CE  . MET A 1 12  ? -3.90811  1.63559   -3.59027  1.000 9.47704  ? 12  MET A CE  1 
ATOM   89   N N   . LYS A 1 13  ? -8.95699  -1.32663  -7.91168  1.000 11.61181 ? 13  LYS A N   1 
ATOM   90   C CA  . LYS A 1 13  ? -10.23031 -2.02771  -8.04531  1.000 12.54583 ? 13  LYS A CA  1 
ATOM   91   C C   . LYS A 1 13  ? -10.07330 -3.27066  -8.91160  1.000 16.27844 ? 13  LYS A C   1 
ATOM   92   O O   . LYS A 1 13  ? -10.61222 -4.33740  -8.58627  1.000 15.43384 ? 13  LYS A O   1 
ATOM   93   C CB  . LYS A 1 13  ? -11.28280 -1.08714  -8.62633  1.000 13.45108 ? 13  LYS A CB  1 
ATOM   94   C CG  . LYS A 1 13  ? -12.69948 -1.65734  -8.58786  1.000 20.98587 ? 13  LYS A CG  1 
ATOM   95   C CD  . LYS A 1 13  ? -13.71046 -0.54285  -8.81424  1.000 28.84138 ? 13  LYS A CD  1 
ATOM   96   C CE  . LYS A 1 13  ? -15.11243 -1.09409  -8.94460  1.000 36.42773 ? 13  LYS A CE  1 
ATOM   97   N NZ  . LYS A 1 13  ? -15.10333 -2.32354  -9.75107  1.000 41.39250 ? 13  LYS A NZ  1 
ATOM   98   N N   . ARG A 1 14  ? -9.31093  -3.17123  -10.00648 1.000 11.41457 ? 14  ARG A N   1 
ATOM   99   C CA  . ARG A 1 14  ? -9.13173  -4.35247  -10.84245 1.000 15.70848 ? 14  ARG A CA  1 
ATOM   100  C C   . ARG A 1 14  ? -8.37836  -5.44847  -10.10092 1.000 17.27759 ? 14  ARG A C   1 
ATOM   101  O O   . ARG A 1 14  ? -8.59586  -6.63648  -10.36253 1.000 20.63802 ? 14  ARG A O   1 
ATOM   102  C CB  . ARG A 1 14  ? -8.40469  -3.98884  -12.13667 1.000 20.40781 ? 14  ARG A CB  1 
ATOM   103  C CG  . ARG A 1 14  ? -7.33231  -4.98494  -12.53354 1.000 26.29194 ? 14  ARG A CG  1 
ATOM   104  C CD  . ARG A 1 14  ? -6.95450  -4.87504  -13.99725 1.000 37.48111 ? 14  ARG A CD  1 
ATOM   105  N NE  . ARG A 1 14  ? -5.68836  -5.54814  -14.26312 1.000 40.91197 ? 14  ARG A NE  1 
ATOM   106  C CZ  . ARG A 1 14  ? -4.55957  -4.91778  -14.55163 1.000 32.11681 ? 14  ARG A CZ  1 
ATOM   107  N NH1 . ARG A 1 14  ? -4.50123  -3.59744  -14.60259 1.000 34.58888 ? 14  ARG A NH1 1 
ATOM   108  N NH2 . ARG A 1 14  ? -3.46100  -5.62951  -14.78699 1.000 40.93908 ? 14  ARG A NH2 1 
ATOM   109  N N   . HIS A 1 15  ? -7.48516  -5.07806  -9.18113  1.000 11.88135 ? 15  HIS A N   1 
ATOM   110  C CA  . HIS A 1 15  ? -6.71729  -6.06235  -8.43468  1.000 14.28358 ? 15  HIS A CA  1 
ATOM   111  C C   . HIS A 1 15  ? -7.40814  -6.50200  -7.14418  1.000 13.43547 ? 15  HIS A C   1 
ATOM   112  O O   . HIS A 1 15  ? -6.79863  -7.21147  -6.33964  1.000 16.73299 ? 15  HIS A O   1 
ATOM   113  C CB  . HIS A 1 15  ? -5.31712  -5.52088  -8.14554  1.000 13.07685 ? 15  HIS A CB  1 
ATOM   114  C CG  . HIS A 1 15  ? -4.44630  -5.42955  -9.36377  1.000 14.36068 ? 15  HIS A CG  1 
ATOM   115  N ND1 . HIS A 1 15  ? -4.25450  -4.25170  -10.04982 1.000 18.29527 ? 15  HIS A ND1 1 
ATOM   116  C CD2 . HIS A 1 15  ? -3.74141  -6.37215  -10.03203 1.000 17.23868 ? 15  HIS A CD2 1 
ATOM   117  C CE1 . HIS A 1 15  ? -3.44849  -4.46555  -11.07500 1.000 19.14898 ? 15  HIS A CE1 1 
ATOM   118  N NE2 . HIS A 1 15  ? -3.12654  -5.74465  -11.08878 1.000 15.47226 ? 15  HIS A NE2 1 
ATOM   119  N N   . GLY A 1 16  ? -8.65655  -6.10988  -6.93035  1.000 13.44932 ? 16  GLY A N   1 
ATOM   120  C CA  . GLY A 1 16  ? -9.44989  -6.69988  -5.86752  1.000 16.23791 ? 16  GLY A CA  1 
ATOM   121  C C   . GLY A 1 16  ? -9.41629  -6.02276  -4.51749  1.000 15.84647 ? 16  GLY A C   1 
ATOM   122  O O   . GLY A 1 16  ? -9.79527  -6.65690  -3.52605  1.000 14.89080 ? 16  GLY A O   1 
ATOM   123  N N   . LEU A 1 17  ? -8.97748  -4.76187  -4.43313  1.000 12.08928 ? 17  LEU A N   1 
ATOM   124  C CA  . LEU A 1 17  ? -8.94454  -4.09154  -3.13835  1.000 9.66121  ? 17  LEU A CA  1 
ATOM   125  C C   . LEU A 1 17  ? -10.27647 -3.47257  -2.72101  1.000 13.10452 ? 17  LEU A C   1 
ATOM   126  O O   . LEU A 1 17  ? -10.45545 -3.19637  -1.52804  1.000 13.78677 ? 17  LEU A O   1 
ATOM   127  C CB  . LEU A 1 17  ? -7.87704  -2.99838  -3.11926  1.000 15.35023 ? 17  LEU A CB  1 
ATOM   128  C CG  . LEU A 1 17  ? -6.44809  -3.48186  -2.93334  1.000 12.23246 ? 17  LEU A CG  1 
ATOM   129  C CD1 . LEU A 1 17  ? -5.52866  -2.28739  -2.83178  1.000 11.02160 ? 17  LEU A CD1 1 
ATOM   130  C CD2 . LEU A 1 17  ? -6.33918  -4.35966  -1.67282  1.000 13.49262 ? 17  LEU A CD2 1 
ATOM   131  N N   . ASP A 1 18  ? -11.20152 -3.21402  -3.64981  1.000 12.28216 ? 18  ASP A N   1 
ATOM   132  C CA  . ASP A 1 18  ? -12.45394 -2.56291  -3.26740  1.000 11.73729 ? 18  ASP A CA  1 
ATOM   133  C C   . ASP A 1 18  ? -13.24780 -3.46967  -2.33778  1.000 15.49665 ? 18  ASP A C   1 
ATOM   134  O O   . ASP A 1 18  ? -13.70333 -4.54013  -2.75316  1.000 17.41811 ? 18  ASP A O   1 
ATOM   135  C CB  . ASP A 1 18  ? -13.30244 -2.19918  -4.49601  1.000 20.91414 ? 18  ASP A CB  1 
ATOM   136  C CG  . ASP A 1 18  ? -14.55527 -1.35906  -4.14754  1.000 27.45667 ? 18  ASP A CG  1 
ATOM   137  O OD1 . ASP A 1 18  ? -14.64685 -0.74785  -3.04800  1.000 20.86670 ? 18  ASP A OD1 1 
ATOM   138  O OD2 . ASP A 1 18  ? -15.46348 -1.30661  -5.00540  1.000 34.97524 ? 18  ASP A OD2 1 
ATOM   139  N N   B ASN A 1 19  ? -13.41458 -3.04283  -1.08575  0.439 13.28794 ? 19  ASN A N   1 
ATOM   140  N N   C ASN A 1 19  ? -13.42134 -3.03994  -1.08742  0.561 13.27797 ? 19  ASN A N   1 
ATOM   141  C CA  B ASN A 1 19  ? -14.11455 -3.78401  -0.04147  0.439 13.09003 ? 19  ASN A CA  1 
ATOM   142  C CA  C ASN A 1 19  ? -14.11274 -3.78179  -0.03687  0.561 13.06604 ? 19  ASN A CA  1 
ATOM   143  C C   B ASN A 1 19  ? -13.34657 -5.01133  0.42806   0.439 11.98257 ? 19  ASN A C   1 
ATOM   144  C C   C ASN A 1 19  ? -13.34515 -5.01031  0.42898   0.561 11.95404 ? 19  ASN A C   1 
ATOM   145  O O   B ASN A 1 19  ? -13.92157 -5.88342  1.08799   0.439 14.03142 ? 19  ASN A O   1 
ATOM   146  O O   C ASN A 1 19  ? -13.91781 -5.87901  1.09579   0.561 14.03300 ? 19  ASN A O   1 
ATOM   147  C CB  B ASN A 1 19  ? -15.52734 -4.18603  -0.48608  0.439 15.08897 ? 19  ASN A CB  1 
ATOM   148  C CB  C ASN A 1 19  ? -15.53241 -4.18188  -0.46190  0.561 15.07727 ? 19  ASN A CB  1 
ATOM   149  C CG  B ASN A 1 19  ? -16.39158 -2.98768  -0.81349  0.439 16.73810 ? 19  ASN A CG  1 
ATOM   150  C CG  C ASN A 1 19  ? -16.51248 -4.16012  0.69334   0.561 14.66966 ? 19  ASN A CG  1 
ATOM   151  O OD1 B ASN A 1 19  ? -16.48362 -2.04732  -0.02647  0.439 18.69397 ? 19  ASN A OD1 1 
ATOM   152  O OD1 C ASN A 1 19  ? -16.28192 -3.50172  1.70671   0.561 19.67888 ? 19  ASN A OD1 1 
ATOM   153  N ND2 B ASN A 1 19  ? -17.01273 -3.00401  -1.98819  0.439 19.65800 ? 19  ASN A ND2 1 
ATOM   154  N ND2 C ASN A 1 19  ? -17.62388 -4.86454  0.53736   0.561 19.06545 ? 19  ASN A ND2 1 
ATOM   155  N N   . TYR A 1 20  ? -12.05205 -5.09907  0.12742   1.000 13.02893 ? 20  TYR A N   1 
ATOM   156  C CA  . TYR A 1 20  ? -11.25550 -6.20617  0.63821   1.000 10.32673 ? 20  TYR A CA  1 
ATOM   157  C C   . TYR A 1 20  ? -11.12174 -6.05997  2.14841   1.000 11.80978 ? 20  TYR A C   1 
ATOM   158  O O   . TYR A 1 20  ? -10.75173 -4.99170  2.64145   1.000 11.09582 ? 20  TYR A O   1 
ATOM   159  C CB  . TYR A 1 20  ? -9.87221  -6.24003  -0.02451  1.000 13.17136 ? 20  TYR A CB  1 
ATOM   160  C CG  . TYR A 1 20  ? -9.13318  -7.50763  0.30013   1.000 10.07364 ? 20  TYR A CG  1 
ATOM   161  C CD1 . TYR A 1 20  ? -9.30111  -8.64629  -0.48028  1.000 9.67856  ? 20  TYR A CD1 1 
ATOM   162  C CD2 . TYR A 1 20  ? -8.29878  -7.58404  1.40787   1.000 9.88869  ? 20  TYR A CD2 1 
ATOM   163  C CE1 . TYR A 1 20  ? -8.64964  -9.83081  -0.16710  1.000 11.03473 ? 20  TYR A CE1 1 
ATOM   164  C CE2 . TYR A 1 20  ? -7.64942  -8.75404  1.72575   1.000 11.78194 ? 20  TYR A CE2 1 
ATOM   165  C CZ  . TYR A 1 20  ? -7.82929  -9.87479  0.93314   1.000 11.37685 ? 20  TYR A CZ  1 
ATOM   166  O OH  . TYR A 1 20  ? -7.17518  -11.03546 1.26216   1.000 15.59444 ? 20  TYR A OH  1 
ATOM   167  N N   . ARG A 1 21  ? -11.46943 -7.12454  2.88555   1.000 13.27144 ? 21  ARG A N   1 
ATOM   168  C CA  . ARG A 1 21  ? -11.53871 -7.08715  4.34850   1.000 10.10679 ? 21  ARG A CA  1 
ATOM   169  C C   . ARG A 1 21  ? -12.46600 -5.97281  4.82732   1.000 10.23199 ? 21  ARG A C   1 
ATOM   170  O O   . ARG A 1 21  ? -12.33302 -5.47334  5.94878   1.000 11.89786 ? 21  ARG A O   1 
ATOM   171  C CB  . ARG A 1 21  ? -10.14739 -6.94341  4.96886   1.000 13.52863 ? 21  ARG A CB  1 
ATOM   172  C CG  . ARG A 1 21  ? -9.32103  -8.21754  4.95678   1.000 21.25402 ? 21  ARG A CG  1 
ATOM   173  C CD  . ARG A 1 21  ? -9.74002  -9.15011  6.06871   1.000 28.39611 ? 21  ARG A CD  1 
ATOM   174  N NE  . ARG A 1 21  ? -9.43148  -10.53944 5.75049   1.000 38.94490 ? 21  ARG A NE  1 
ATOM   175  C CZ  . ARG A 1 21  ? -9.15443  -11.46826 6.65525   1.000 35.48084 ? 21  ARG A CZ  1 
ATOM   176  N NH1 . ARG A 1 21  ? -9.10758  -11.18257 7.94705   1.000 27.88505 ? 21  ARG A NH1 1 
ATOM   177  N NH2 . ARG A 1 21  ? -8.91437  -12.71353 6.25375   1.000 35.66597 ? 21  ARG A NH2 1 
ATOM   178  N N   . GLY A 1 22  ? -13.40931 -5.58581  3.97082   1.000 14.20327 ? 22  GLY A N   1 
ATOM   179  C CA  . GLY A 1 22  ? -14.40787 -4.58760  4.28779   1.000 12.11487 ? 22  GLY A CA  1 
ATOM   180  C C   . GLY A 1 22  ? -13.99364 -3.15004  4.07489   1.000 9.68023  ? 22  GLY A C   1 
ATOM   181  O O   . GLY A 1 22  ? -14.74191 -2.24243  4.46403   1.000 10.07105 ? 22  GLY A O   1 
ATOM   182  N N   . TYR A 1 23  ? -12.82405 -2.90054  3.49097   1.000 9.83504  ? 23  TYR A N   1 
ATOM   183  C CA  . TYR A 1 23  ? -12.33644 -1.54310  3.31365   1.000 8.43704  ? 23  TYR A CA  1 
ATOM   184  C C   . TYR A 1 23  ? -12.64643 -1.06456  1.90533   1.000 7.86740  ? 23  TYR A C   1 
ATOM   185  O O   . TYR A 1 23  ? -12.10880 -1.60182  0.93393   1.000 9.23005  ? 23  TYR A O   1 
ATOM   186  C CB  . TYR A 1 23  ? -10.83858 -1.46897  3.59068   1.000 6.83348  ? 23  TYR A CB  1 
ATOM   187  C CG  . TYR A 1 23  ? -10.53180 -1.63270  5.04989   1.000 7.09198  ? 23  TYR A CG  1 
ATOM   188  C CD1 . TYR A 1 23  ? -10.50699 -0.52886  5.89065   1.000 6.59259  ? 23  TYR A CD1 1 
ATOM   189  C CD2 . TYR A 1 23  ? -10.21297 -2.88665  5.58638   1.000 5.98726  ? 23  TYR A CD2 1 
ATOM   190  C CE1 . TYR A 1 23  ? -10.22035 -0.65743  7.22019   1.000 7.58851  ? 23  TYR A CE1 1 
ATOM   191  C CE2 . TYR A 1 23  ? -9.92979  -3.01650  6.91404   1.000 6.48157  ? 23  TYR A CE2 1 
ATOM   192  C CZ  . TYR A 1 23  ? -9.93430  -1.90102  7.73200   1.000 6.85457  ? 23  TYR A CZ  1 
ATOM   193  O OH  . TYR A 1 23  ? -9.64113  -2.01051  9.07117   1.000 7.96911  ? 23  TYR A OH  1 
ATOM   194  N N   . SER A 1 24  ? -13.49933 -0.04678  1.80637   1.000 9.61758  ? 24  SER A N   1 
ATOM   195  C CA  . SER A 1 24  ? -13.87233 0.49894   0.51011   1.000 9.37044  ? 24  SER A CA  1 
ATOM   196  C C   . SER A 1 24  ? -12.67078 1.11608   -0.19146  1.000 11.24290 ? 24  SER A C   1 
ATOM   197  O O   . SER A 1 24  ? -11.67641 1.50356   0.43220   1.000 9.62463  ? 24  SER A O   1 
ATOM   198  C CB  . SER A 1 24  ? -14.96976 1.54812   0.66592   1.000 10.82393 ? 24  SER A CB  1 
ATOM   199  O OG  . SER A 1 24  ? -14.52230 2.61057   1.48075   1.000 15.03090 ? 24  SER A OG  1 
ATOM   200  N N   . LEU A 1 25  ? -12.80105 1.23459   -1.51760  1.000 9.67655  ? 25  LEU A N   1 
ATOM   201  C CA  . LEU A 1 25  ? -11.68699 1.64651   -2.37070  1.000 7.23813  ? 25  LEU A CA  1 
ATOM   202  C C   . LEU A 1 25  ? -11.07273 2.97205   -1.92820  1.000 9.26422  ? 25  LEU A C   1 
ATOM   203  O O   . LEU A 1 25  ? -9.84781  3.13940   -1.97792  1.000 8.70454  ? 25  LEU A O   1 
ATOM   204  C CB  . LEU A 1 25  ? -12.16105 1.70827   -3.82594  1.000 10.06479 ? 25  LEU A CB  1 
ATOM   205  C CG  . LEU A 1 25  ? -11.06691 1.92079   -4.86007  1.000 10.90012 ? 25  LEU A CG  1 
ATOM   206  C CD1 . LEU A 1 25  ? -10.14541 0.71341   -4.90018  1.000 11.75089 ? 25  LEU A CD1 1 
ATOM   207  C CD2 . LEU A 1 25  ? -11.72278 2.12619   -6.22247  1.000 14.71065 ? 25  LEU A CD2 1 
ATOM   208  N N   . GLY A 1 26  ? -11.89289 3.92372   -1.47153  1.000 8.69686  ? 26  GLY A N   1 
ATOM   209  C CA  . GLY A 1 26  ? -11.34450 5.20575   -1.05517  1.000 6.48044  ? 26  GLY A CA  1 
ATOM   210  C C   . GLY A 1 26  ? -10.35983 5.10416   0.08975   1.000 8.35484  ? 26  GLY A C   1 
ATOM   211  O O   . GLY A 1 26  ? -9.48730  5.95787   0.23812   1.000 8.32183  ? 26  GLY A O   1 
ATOM   212  N N   . ASN A 1 27  ? -10.49535 4.07232   0.92180   1.000 8.41404  ? 27  ASN A N   1 
ATOM   213  C CA  . ASN A 1 27  ? -9.56064  3.89173   2.02277   1.000 5.84775  ? 27  ASN A CA  1 
ATOM   214  C C   . ASN A 1 27  ? -8.19208  3.53156   1.49341   1.000 5.35063  ? 27  ASN A C   1 
ATOM   215  O O   . ASN A 1 27  ? -7.17445  3.98679   2.02120   1.000 7.16642  ? 27  ASN A O   1 
ATOM   216  C CB  . ASN A 1 27  ? -10.04656 2.76583   2.93644   1.000 6.77667  ? 27  ASN A CB  1 
ATOM   217  C CG  . ASN A 1 27  ? -11.12755 3.21591   3.88488   1.000 8.26701  ? 27  ASN A CG  1 
ATOM   218  O OD1 . ASN A 1 27  ? -10.86225 3.90472   4.86866   1.000 8.33062  ? 27  ASN A OD1 1 
ATOM   219  N ND2 . ASN A 1 27  ? -12.36208 2.79848   3.60429   1.000 8.63515  ? 27  ASN A ND2 1 
ATOM   220  N N   . TRP A 1 28  ? -8.15689  2.69307   0.45671   1.000 9.07481  ? 28  TRP A N   1 
ATOM   221  C CA  . TRP A 1 28  ? -6.88732  2.29681   -0.13574  1.000 7.07262  ? 28  TRP A CA  1 
ATOM   222  C C   . TRP A 1 28  ? -6.24078  3.45523   -0.88526  1.000 6.62780  ? 28  TRP A C   1 
ATOM   223  O O   . TRP A 1 28  ? -5.01425  3.63060   -0.83312  1.000 7.77526  ? 28  TRP A O   1 
ATOM   224  C CB  . TRP A 1 28  ? -7.11312  1.10094   -1.05724  1.000 9.06482  ? 28  TRP A CB  1 
ATOM   225  C CG  . TRP A 1 28  ? -7.62247  -0.09804  -0.29471  1.000 8.43965  ? 28  TRP A CG  1 
ATOM   226  C CD1 . TRP A 1 28  ? -8.91982  -0.54666  -0.20313  1.000 7.76003  ? 28  TRP A CD1 1 
ATOM   227  C CD2 . TRP A 1 28  ? -6.83935  -0.97841  0.51419   1.000 7.83701  ? 28  TRP A CD2 1 
ATOM   228  N NE1 . TRP A 1 28  ? -8.97714  -1.66427  0.58546   1.000 7.33706  ? 28  TRP A NE1 1 
ATOM   229  C CE2 . TRP A 1 28  ? -7.71628  -1.94347  1.05417   1.000 5.37749  ? 28  TRP A CE2 1 
ATOM   230  C CE3 . TRP A 1 28  ? -5.47120  -1.05591  0.81932   1.000 8.22992  ? 28  TRP A CE3 1 
ATOM   231  C CZ2 . TRP A 1 28  ? -7.26469  -2.98446  1.86718   1.000 7.03917  ? 28  TRP A CZ2 1 
ATOM   232  C CZ3 . TRP A 1 28  ? -5.02777  -2.07545  1.64562   1.000 11.39672 ? 28  TRP A CZ3 1 
ATOM   233  C CH2 . TRP A 1 28  ? -5.92211  -3.01695  2.16499   1.000 8.54480  ? 28  TRP A CH2 1 
ATOM   234  N N   . VAL A 1 29  ? -7.04490  4.24702   -1.59967  1.000 6.24765  ? 29  VAL A N   1 
ATOM   235  C CA  . VAL A 1 29  ? -6.48296  5.37758   -2.33511  1.000 6.66946  ? 29  VAL A CA  1 
ATOM   236  C C   . VAL A 1 29  ? -5.93640  6.41373   -1.36179  1.000 6.05410  ? 29  VAL A C   1 
ATOM   237  O O   . VAL A 1 29  ? -4.85395  6.97855   -1.56877  1.000 7.58994  ? 29  VAL A O   1 
ATOM   238  C CB  . VAL A 1 29  ? -7.54852  5.97420   -3.27405  1.000 7.52890  ? 29  VAL A CB  1 
ATOM   239  C CG1 . VAL A 1 29  ? -7.03540  7.26404   -3.94804  1.000 8.71939  ? 29  VAL A CG1 1 
ATOM   240  C CG2 . VAL A 1 29  ? -7.98736  4.94856   -4.30305  1.000 9.21495  ? 29  VAL A CG2 1 
ATOM   241  N N   . CYS A 1 30  ? -6.68085  6.67729   -0.28287  1.000 5.91231  ? 30  CYS A N   1 
ATOM   242  C CA  . CYS A 1 30  ? -6.22579  7.62367   0.72813   1.000 6.21829  ? 30  CYS A CA  1 
ATOM   243  C C   . CYS A 1 30  ? -4.92131  7.15368   1.35363   1.000 7.87406  ? 30  CYS A C   1 
ATOM   244  O O   . CYS A 1 30  ? -3.99268  7.94417   1.55134   1.000 7.81443  ? 30  CYS A O   1 
ATOM   245  C CB  . CYS A 1 30  ? -7.31706  7.80509   1.79357   1.000 9.12486  ? 30  CYS A CB  1 
ATOM   246  S SG  . CYS A 1 30  ? -6.96365  9.00883   3.09098   1.000 8.20350  ? 30  CYS A SG  1 
ATOM   247  N N   . ALA A 1 31  ? -4.83112  5.86229   1.68162   1.000 5.82658  ? 31  ALA A N   1 
ATOM   248  C CA  . ALA A 1 31  ? -3.60353  5.36616   2.28277   1.000 7.11084  ? 31  ALA A CA  1 
ATOM   249  C C   . ALA A 1 31  ? -2.43534  5.53089   1.33153   1.000 6.18342  ? 31  ALA A C   1 
ATOM   250  O O   . ALA A 1 31  ? -1.35104  5.95615   1.74340   1.000 7.27758  ? 31  ALA A O   1 
ATOM   251  C CB  . ALA A 1 31  ? -3.76586  3.90702   2.68521   1.000 6.69526  ? 31  ALA A CB  1 
ATOM   252  N N   . ALA A 1 32  ? -2.64055  5.21577   0.04522   1.000 6.74227  ? 32  ALA A N   1 
ATOM   253  C CA  . ALA A 1 32  ? -1.56231  5.41145   -0.92052  1.000 5.02735  ? 32  ALA A CA  1 
ATOM   254  C C   . ALA A 1 32  ? -1.17129  6.87640   -1.03656  1.000 5.19673  ? 32  ALA A C   1 
ATOM   255  O O   . ALA A 1 32  ? 0.02026   7.19426   -1.16884  1.000 8.03085  ? 32  ALA A O   1 
ATOM   256  C CB  . ALA A 1 32  ? -1.95409  4.85813   -2.28577  1.000 8.85752  ? 32  ALA A CB  1 
ATOM   257  N N   . LYS A 1 33  ? -2.15728  7.77994   -1.01954  1.000 5.90543  ? 33  LYS A N   1 
ATOM   258  C CA  . LYS A 1 33  ? -1.83718  9.20129   -1.08731  1.000 6.65684  ? 33  LYS A CA  1 
ATOM   259  C C   . LYS A 1 33  ? -0.86272  9.59310   0.01165   1.000 7.72110  ? 33  LYS A C   1 
ATOM   260  O O   . LYS A 1 33  ? 0.15935   10.23768  -0.25157  1.000 7.82237  ? 33  LYS A O   1 
ATOM   261  C CB  . LYS A 1 33  ? -3.11633  10.03878  -0.99896  1.000 7.60167  ? 33  LYS A CB  1 
ATOM   262  C CG  . LYS A 1 33  ? -2.85297  11.51919  -0.72850  1.000 11.49629 ? 33  LYS A CG  1 
ATOM   263  C CD  . LYS A 1 33  ? -2.23720  12.21621  -1.93014  1.000 13.58613 ? 33  LYS A CD  1 
ATOM   264  C CE  . LYS A 1 33  ? -1.99159  13.68951  -1.61182  1.000 17.38745 ? 33  LYS A CE  1 
ATOM   265  N NZ  . LYS A 1 33  ? -1.40493  14.39402  -2.79517  1.000 21.30664 ? 33  LYS A NZ  1 
ATOM   266  N N   . PHE A 1 34  ? -1.15224  9.19991   1.25013   1.000 7.96214  ? 34  PHE A N   1 
ATOM   267  C CA  . PHE A 1 34  ? -0.34047  9.68926   2.35109   1.000 8.24931  ? 34  PHE A CA  1 
ATOM   268  C C   . PHE A 1 34  ? 0.86170   8.80457   2.65225   1.000 10.01523 ? 34  PHE A C   1 
ATOM   269  O O   . PHE A 1 34  ? 1.78854   9.25594   3.33867   1.000 11.85050 ? 34  PHE A O   1 
ATOM   270  C CB  . PHE A 1 34  ? -1.22108  9.89505   3.58983   1.000 7.53095  ? 34  PHE A CB  1 
ATOM   271  C CG  . PHE A 1 34  ? -2.20290  11.02780  3.41990   1.000 6.68999  ? 34  PHE A CG  1 
ATOM   272  C CD1 . PHE A 1 34  ? -1.74997  12.29784  3.12009   1.000 8.87946  ? 34  PHE A CD1 1 
ATOM   273  C CD2 . PHE A 1 34  ? -3.56774  10.81977  3.50749   1.000 11.01270 ? 34  PHE A CD2 1 
ATOM   274  C CE1 . PHE A 1 34  ? -2.63013  13.35167  2.95351   1.000 9.82824  ? 34  PHE A CE1 1 
ATOM   275  C CE2 . PHE A 1 34  ? -4.46763  11.87359  3.33192   1.000 13.98236 ? 34  PHE A CE2 1 
ATOM   276  C CZ  . PHE A 1 34  ? -3.98903  13.14564  3.05186   1.000 10.62953 ? 34  PHE A CZ  1 
ATOM   277  N N   . GLU A 1 35  ? 0.89125   7.57816   2.14092   1.000 7.82762  ? 35  GLU A N   1 
ATOM   278  C CA  . GLU A 1 35  ? 2.10363   6.78015   2.26781   1.000 7.53936  ? 35  GLU A CA  1 
ATOM   279  C C   . GLU A 1 35  ? 3.15556   7.17423   1.23422   1.000 9.43474  ? 35  GLU A C   1 
ATOM   280  O O   . GLU A 1 35  ? 4.33518   7.30832   1.57049   1.000 9.78595  ? 35  GLU A O   1 
ATOM   281  C CB  . GLU A 1 35  ? 1.77709   5.28258   2.15735   1.000 6.49341  ? 35  GLU A CB  1 
ATOM   282  C CG  . GLU A 1 35  ? 0.94649   4.67770   3.30065   1.000 8.53344  ? 35  GLU A CG  1 
ATOM   283  C CD  . GLU A 1 35  ? 1.71359   4.62177   4.61348   1.000 8.45460  ? 35  GLU A CD  1 
ATOM   284  O OE1 . GLU A 1 35  ? 2.91983   4.94096   4.60935   1.000 8.28759  ? 35  GLU A OE1 1 
ATOM   285  O OE2 . GLU A 1 35  ? 1.14184   4.24825   5.65823   1.000 9.72773  ? 35  GLU A OE2 1 
ATOM   286  N N   . SER A 1 36  ? 2.75080   7.35228   -0.03129  1.000 8.45511  ? 36  SER A N   1 
ATOM   287  C CA  . SER A 1 36  ? 3.70172   7.47033   -1.12849  1.000 7.70389  ? 36  SER A CA  1 
ATOM   288  C C   . SER A 1 36  ? 3.45920   8.66369   -2.03248  1.000 8.74430  ? 36  SER A C   1 
ATOM   289  O O   . SER A 1 36  ? 4.23112   8.86566   -2.97678  1.000 10.54251 ? 36  SER A O   1 
ATOM   290  C CB  . SER A 1 36  ? 3.65074   6.21419   -1.99171  1.000 7.23611  ? 36  SER A CB  1 
ATOM   291  O OG  . SER A 1 36  ? 2.37798   6.11533   -2.61787  1.000 7.08345  ? 36  SER A OG  1 
ATOM   292  N N   . ASN A 1 37  ? 2.39569   9.42783   -1.80383  1.000 6.96825  ? 37  ASN A N   1 
ATOM   293  C CA  . ASN A 1 37  ? 1.94964   10.45241  -2.74539  1.000 11.57000 ? 37  ASN A CA  1 
ATOM   294  C C   . ASN A 1 37  ? 1.78998   9.86881   -4.14660  1.000 11.06956 ? 37  ASN A C   1 
ATOM   295  O O   . ASN A 1 37  ? 2.09041   10.51197  -5.15211  1.000 12.32709 ? 37  ASN A O   1 
ATOM   296  C CB  . ASN A 1 37  ? 2.89460   11.65420  -2.74297  1.000 15.30022 ? 37  ASN A CB  1 
ATOM   297  C CG  . ASN A 1 37  ? 2.20979   12.91980  -3.18827  1.000 15.87093 ? 37  ASN A CG  1 
ATOM   298  O OD1 . ASN A 1 37  ? 0.97881   12.97762  -3.29195  1.000 19.75534 ? 37  ASN A OD1 1 
ATOM   299  N ND2 . ASN A 1 37  ? 3.00329   13.95929  -3.44941  1.000 22.28112 ? 37  ASN A ND2 1 
ATOM   300  N N   . PHE A 1 38  ? 1.31588   8.62127   -4.20100  1.000 7.32629  ? 38  PHE A N   1 
ATOM   301  C CA  . PHE A 1 38  ? 0.98830   7.90129   -5.42867  1.000 5.29528  ? 38  PHE A CA  1 
ATOM   302  C C   . PHE A 1 38  ? 2.22589   7.51588   -6.23452  1.000 10.57238 ? 38  PHE A C   1 
ATOM   303  O O   . PHE A 1 38  ? 2.10045   7.12959   -7.39778  1.000 10.22777 ? 38  PHE A O   1 
ATOM   304  C CB  . PHE A 1 38  ? 0.01704   8.69239   -6.32596  1.000 9.39452  ? 38  PHE A CB  1 
ATOM   305  C CG  . PHE A 1 38  ? -1.30386  9.01332   -5.68936  1.000 7.77279  ? 38  PHE A CG  1 
ATOM   306  C CD1 . PHE A 1 38  ? -1.95266  8.09450   -4.88077  1.000 9.34455  ? 38  PHE A CD1 1 
ATOM   307  C CD2 . PHE A 1 38  ? -1.93196  10.22456  -5.95190  1.000 9.01810  ? 38  PHE A CD2 1 
ATOM   308  C CE1 . PHE A 1 38  ? -3.19056  8.38701   -4.32308  1.000 10.49836 ? 38  PHE A CE1 1 
ATOM   309  C CE2 . PHE A 1 38  ? -3.17786  10.51783  -5.40360  1.000 11.29807 ? 38  PHE A CE2 1 
ATOM   310  C CZ  . PHE A 1 38  ? -3.80257  9.60298   -4.58675  1.000 8.29170  ? 38  PHE A CZ  1 
ATOM   311  N N   . ASN A 1 39  ? 3.41394   7.55644   -5.62546  1.000 8.86732  ? 39  ASN A N   1 
ATOM   312  C CA  . ASN A 1 39  ? 4.66954   7.30213   -6.33600  1.000 8.71591  ? 39  ASN A CA  1 
ATOM   313  C C   . ASN A 1 39  ? 5.09874   5.85449   -6.07331  1.000 9.75153  ? 39  ASN A C   1 
ATOM   314  O O   . ASN A 1 39  ? 5.45124   5.50545   -4.93930  1.000 8.63281  ? 39  ASN A O   1 
ATOM   315  C CB  . ASN A 1 39  ? 5.73695   8.30710   -5.89650  1.000 10.57599 ? 39  ASN A CB  1 
ATOM   316  C CG  . ASN A 1 39  ? 7.03136   8.20778   -6.71132  1.000 11.09199 ? 39  ASN A CG  1 
ATOM   317  O OD1 . ASN A 1 39  ? 7.24749   7.24856   -7.45551  1.000 9.13780  ? 39  ASN A OD1 1 
ATOM   318  N ND2 . ASN A 1 39  ? 7.89335   9.21449   -6.56493  1.000 15.55835 ? 39  ASN A ND2 1 
ATOM   319  N N   . THR A 1 40  ? 5.05750   5.00251   -7.11983  1.000 8.53780  ? 40  THR A N   1 
ATOM   320  C CA  . THR A 1 40  ? 5.42301   3.59659   -6.93441  1.000 6.91912  ? 40  THR A CA  1 
ATOM   321  C C   . THR A 1 40  ? 6.86207   3.42962   -6.46932  1.000 5.50764  ? 40  THR A C   1 
ATOM   322  O O   . THR A 1 40  ? 7.18461   2.40452   -5.85212  1.000 8.77143  ? 40  THR A O   1 
ATOM   323  C CB  . THR A 1 40  ? 5.25425   2.76594   -8.21343  1.000 8.86285  ? 40  THR A CB  1 
ATOM   324  O OG1 . THR A 1 40  ? 6.07098   3.30813   -9.26619  1.000 12.28292 ? 40  THR A OG1 1 
ATOM   325  C CG2 . THR A 1 40  ? 3.80433   2.71869   -8.67083  1.000 11.69809 ? 40  THR A CG2 1 
ATOM   326  N N   . GLN A 1 41  ? 7.72702   4.40691   -6.74836  1.000 7.63350  ? 41  GLN A N   1 
ATOM   327  C CA  . GLN A 1 41  ? 9.14210   4.27221   -6.43543  1.000 7.82239  ? 41  GLN A CA  1 
ATOM   328  C C   . GLN A 1 41  ? 9.49976   4.79224   -5.05402  1.000 9.65280  ? 41  GLN A C   1 
ATOM   329  O O   . GLN A 1 41  ? 10.68116  4.81771   -4.70869  1.000 9.26414  ? 41  GLN A O   1 
ATOM   330  C CB  . GLN A 1 41  ? 9.98702   4.99425   -7.49298  1.000 7.61824  ? 41  GLN A CB  1 
ATOM   331  C CG  . GLN A 1 41  ? 9.82183   4.40751   -8.89015  1.000 9.30731  ? 41  GLN A CG  1 
ATOM   332  C CD  . GLN A 1 41  ? 10.90980  4.86333   -9.82545  1.000 10.39046 ? 41  GLN A CD  1 
ATOM   333  O OE1 . GLN A 1 41  ? 11.99747  4.29634   -9.81787  1.000 12.22201 ? 41  GLN A OE1 1 
ATOM   334  N NE2 . GLN A 1 41  ? 10.64108  5.89317   -10.61529 1.000 9.49955  ? 41  GLN A NE2 1 
ATOM   335  N N   . ALA A 1 42  ? 8.51710   5.19956   -4.25394  1.000 6.98008  ? 42  ALA A N   1 
ATOM   336  C CA  . ALA A 1 42  ? 8.80374   5.72036   -2.92373  1.000 6.98867  ? 42  ALA A CA  1 
ATOM   337  C C   . ALA A 1 42  ? 9.50034   4.68811   -2.04711  1.000 8.96552  ? 42  ALA A C   1 
ATOM   338  O O   . ALA A 1 42  ? 9.07372   3.53846   -1.96893  1.000 7.67192  ? 42  ALA A O   1 
ATOM   339  C CB  . ALA A 1 42  ? 7.50049   6.14893   -2.26424  1.000 8.93090  ? 42  ALA A CB  1 
ATOM   340  N N   . THR A 1 43  ? 10.55568  5.10868   -1.36447  1.000 9.06407  ? 43  THR A N   1 
ATOM   341  C CA  . THR A 1 43  ? 11.17676  4.31160   -0.31507  1.000 9.43819  ? 43  THR A CA  1 
ATOM   342  C C   . THR A 1 43  ? 11.41918  5.19328   0.89359   1.000 10.39146 ? 43  THR A C   1 
ATOM   343  O O   . THR A 1 43  ? 11.65576  6.39489   0.76531   1.000 11.57848 ? 43  THR A O   1 
ATOM   344  C CB  . THR A 1 43  ? 12.51379  3.69576   -0.74389  1.000 10.58402 ? 43  THR A CB  1 
ATOM   345  O OG1 . THR A 1 43  ? 13.43413  4.74295   -1.08897  1.000 12.44181 ? 43  THR A OG1 1 
ATOM   346  C CG2 . THR A 1 43  ? 12.35338  2.75741   -1.93496  1.000 9.93595  ? 43  THR A CG2 1 
ATOM   347  N N   A ASN A 1 44  ? 11.34098  4.57855   2.07221   0.462 7.83352  ? 44  ASN A N   1 
ATOM   348  N N   B ASN A 1 44  ? 11.35430  4.59987   2.07904   0.538 7.82862  ? 44  ASN A N   1 
ATOM   349  C CA  A ASN A 1 44  ? 11.60737  5.24442   3.33999   0.462 7.76586  ? 44  ASN A CA  1 
ATOM   350  C CA  B ASN A 1 44  ? 11.70696  5.35383   3.27523   0.538 7.67241  ? 44  ASN A CA  1 
ATOM   351  C C   A ASN A 1 44  ? 12.39517  4.30450   4.23517   0.462 11.03681 ? 44  ASN A C   1 
ATOM   352  C C   B ASN A 1 44  ? 12.32795  4.41731   4.29979   0.538 10.98794 ? 44  ASN A C   1 
ATOM   353  O O   A ASN A 1 44  ? 11.95822  3.18024   4.49292   0.462 9.10493  ? 44  ASN A O   1 
ATOM   354  O O   B ASN A 1 44  ? 11.72239  3.41295   4.68860   0.538 8.95659  ? 44  ASN A O   1 
ATOM   355  C CB  A ASN A 1 44  ? 10.30510  5.65939   4.03776   0.462 10.96112 ? 44  ASN A CB  1 
ATOM   356  C CB  B ASN A 1 44  ? 10.48825  6.09296   3.84160   0.538 12.71191 ? 44  ASN A CB  1 
ATOM   357  C CG  A ASN A 1 44  ? 10.54177  6.22054   5.42685   0.462 13.65563 ? 44  ASN A CG  1 
ATOM   358  C CG  B ASN A 1 44  ? 10.05914  7.28121   2.95737   0.538 8.32589  ? 44  ASN A CG  1 
ATOM   359  O OD1 A ASN A 1 44  ? 11.06832  7.32124   5.57722   0.462 12.39685 ? 44  ASN A OD1 1 
ATOM   360  O OD1 B ASN A 1 44  ? 10.70531  8.33555   2.95300   0.538 14.33172 ? 44  ASN A OD1 1 
ATOM   361  N ND2 A ASN A 1 44  ? 10.15183  5.46293   6.45365   0.462 15.13821 ? 44  ASN A ND2 1 
ATOM   362  N ND2 B ASN A 1 44  ? 8.96745   7.10780   2.20887   0.538 15.46104 ? 44  ASN A ND2 1 
ATOM   363  N N   . ARG A 1 45  ? 13.54493  4.76286   4.71969   1.000 12.59826 ? 45  ARG A N   1 
ATOM   364  C CA  . ARG A 1 45  ? 14.34899  3.96532   5.63675   1.000 11.69402 ? 45  ARG A CA  1 
ATOM   365  C C   . ARG A 1 45  ? 13.94961  4.27322   7.07939   1.000 12.54736 ? 45  ARG A C   1 
ATOM   366  O O   . ARG A 1 45  ? 13.84208  5.44179   7.46404   1.000 15.02833 ? 45  ARG A O   1 
ATOM   367  C CB  . ARG A 1 45  ? 15.82191  4.29524   5.38259   1.000 17.56864 ? 45  ARG A CB  1 
ATOM   368  C CG  . ARG A 1 45  ? 16.80941  3.83749   6.42104   1.000 20.72644 ? 45  ARG A CG  1 
ATOM   369  C CD  . ARG A 1 45  ? 17.00711  2.34601   6.33715   1.000 12.00684 ? 45  ARG A CD  1 
ATOM   370  N NE  . ARG A 1 45  ? 16.97888  1.82641   4.97293   1.000 16.35796 ? 45  ARG A NE  1 
ATOM   371  C CZ  . ARG A 1 45  ? 17.96346  1.92171   4.08812   1.000 22.24239 ? 45  ARG A CZ  1 
ATOM   372  N NH1 . ARG A 1 45  ? 19.08243  2.58387   4.36133   1.000 22.42922 ? 45  ARG A NH1 1 
ATOM   373  N NH2 . ARG A 1 45  ? 17.82907  1.31863   2.90239   1.000 17.68269 ? 45  ARG A NH2 1 
ATOM   374  N N   . ASN A 1 46  ? 13.69667  3.23001   7.86317   1.000 10.83372 ? 46  ASN A N   1 
ATOM   375  C CA  . ASN A 1 46  ? 13.37633  3.40052   9.27158   1.000 14.44753 ? 46  ASN A CA  1 
ATOM   376  C C   . ASN A 1 46  ? 14.65366  3.37726   10.09411  1.000 13.67073 ? 46  ASN A C   1 
ATOM   377  O O   . ASN A 1 46  ? 15.65285  2.77523   9.70030   1.000 15.12714 ? 46  ASN A O   1 
ATOM   378  C CB  . ASN A 1 46  ? 12.42643  2.30110   9.75103   1.000 18.62526 ? 46  ASN A CB  1 
ATOM   379  C CG  . ASN A 1 46  ? 11.80959  2.59883   11.11764  1.000 38.60211 ? 46  ASN A CG  1 
ATOM   380  O OD1 . ASN A 1 46  ? 12.51297  2.80251   12.11837  1.000 31.36097 ? 46  ASN A OD1 1 
ATOM   381  N ND2 . ASN A 1 46  ? 10.48153  2.63043   11.16140  1.000 37.73069 ? 46  ASN A ND2 1 
ATOM   382  N N   . THR A 1 47  ? 14.60396  4.04339   11.25372  1.000 18.10261 ? 47  THR A N   1 
ATOM   383  C CA  . THR A 1 47  ? 15.74661  4.05009   12.15728  1.000 27.71233 ? 47  THR A CA  1 
ATOM   384  C C   . THR A 1 47  ? 16.14199  2.63637   12.55950  1.000 23.76315 ? 47  THR A C   1 
ATOM   385  O O   . THR A 1 47  ? 17.32144  2.36413   12.81935  1.000 18.66168 ? 47  THR A O   1 
ATOM   386  C CB  . THR A 1 47  ? 15.41885  4.89040   13.39361  1.000 32.94232 ? 47  THR A CB  1 
ATOM   387  O OG1 . THR A 1 47  ? 14.95758  6.18552   12.98308  1.000 36.72715 ? 47  THR A OG1 1 
ATOM   388  C CG2 . THR A 1 47  ? 16.64819  5.05884   14.26599  1.000 35.16770 ? 47  THR A CG2 1 
ATOM   389  N N   . ASP A 1 48  ? 15.18151  1.71659   12.59895  1.000 19.30564 ? 48  ASP A N   1 
ATOM   390  C CA  . ASP A 1 48  ? 15.50687  0.35527   12.99235  1.000 20.29405 ? 48  ASP A CA  1 
ATOM   391  C C   . ASP A 1 48  ? 16.16499  -0.44446  11.87834  1.000 20.90607 ? 48  ASP A C   1 
ATOM   392  O O   . ASP A 1 48  ? 16.47127  -1.62159  12.08201  1.000 27.31858 ? 48  ASP A O   1 
ATOM   393  C CB  . ASP A 1 48  ? 14.25524  -0.36186  13.51672  1.000 19.97057 ? 48  ASP A CB  1 
ATOM   394  C CG  . ASP A 1 48  ? 13.11780  -0.41010  12.50904  1.000 25.42590 ? 48  ASP A CG  1 
ATOM   395  O OD1 . ASP A 1 48  ? 13.37854  -0.55863  11.29429  1.000 18.37698 ? 48  ASP A OD1 1 
ATOM   396  O OD2 . ASP A 1 48  ? 11.95097  -0.31419  12.95596  1.000 26.43964 ? 48  ASP A OD2 1 
ATOM   397  N N   . GLY A 1 49  ? 16.38889  0.15644   10.71077  1.000 19.29576 ? 49  GLY A N   1 
ATOM   398  C CA  . GLY A 1 49  ? 17.08792  -0.50211  9.63174   1.000 17.19231 ? 49  GLY A CA  1 
ATOM   399  C C   . GLY A 1 49  ? 16.19919  -1.09343  8.55979   1.000 20.88839 ? 49  GLY A C   1 
ATOM   400  O O   . GLY A 1 49  ? 16.70241  -1.43603  7.48080   1.000 18.46618 ? 49  GLY A O   1 
ATOM   401  N N   . SER A 1 50  ? 14.90366  -1.23043  8.82426   1.000 12.83580 ? 50  SER A N   1 
ATOM   402  C CA  . SER A 1 50  ? 13.99757  -1.70245  7.79740   1.000 12.35209 ? 50  SER A CA  1 
ATOM   403  C C   . SER A 1 50  ? 13.69515  -0.57281  6.81858   1.000 13.88909 ? 50  SER A C   1 
ATOM   404  O O   . SER A 1 50  ? 13.98386  0.59840   7.06875   1.000 16.66714 ? 50  SER A O   1 
ATOM   405  C CB  . SER A 1 50  ? 12.71265  -2.24508  8.42648   1.000 12.82153 ? 50  SER A CB  1 
ATOM   406  O OG  . SER A 1 50  ? 12.03731  -1.26069  9.18468   1.000 13.43833 ? 50  SER A OG  1 
ATOM   407  N N   . THR A 1 51  ? 13.09774  -0.93077  5.68793   1.000 8.42888  ? 51  THR A N   1 
ATOM   408  C CA  . THR A 1 51  ? 12.73903  0.05862   4.68774   1.000 6.62985  ? 51  THR A CA  1 
ATOM   409  C C   . THR A 1 51  ? 11.30383  -0.19213  4.23655   1.000 8.04438  ? 51  THR A C   1 
ATOM   410  O O   . THR A 1 51  ? 10.86922  -1.34952  4.13403   1.000 7.91636  ? 51  THR A O   1 
ATOM   411  C CB  . THR A 1 51  ? 13.70761  0.00784   3.49182   1.000 8.81939  ? 51  THR A CB  1 
ATOM   412  O OG1 . THR A 1 51  ? 15.04423  0.24055   3.96015   1.000 9.62665  ? 51  THR A OG1 1 
ATOM   413  C CG2 . THR A 1 51  ? 13.36916  1.05738   2.43911   1.000 9.35686  ? 51  THR A CG2 1 
ATOM   414  N N   . ASP A 1 52  ? 10.57061  0.89329   4.00390   1.000 6.84598  ? 52  ASP A N   1 
ATOM   415  C CA  . ASP A 1 52  ? 9.21855   0.85747   3.45420   1.000 6.08766  ? 52  ASP A CA  1 
ATOM   416  C C   . ASP A 1 52  ? 9.28678   1.08171   1.94835   1.000 4.55675  ? 52  ASP A C   1 
ATOM   417  O O   . ASP A 1 52  ? 9.99433   1.98841   1.49017   1.000 8.38764  ? 52  ASP A O   1 
ATOM   418  C CB  . ASP A 1 52  ? 8.34527   1.95240   4.07280   1.000 7.96235  ? 52  ASP A CB  1 
ATOM   419  C CG  . ASP A 1 52  ? 8.20611   1.82401   5.55794   1.000 12.64101 ? 52  ASP A CG  1 
ATOM   420  O OD1 . ASP A 1 52  ? 8.11089   0.69101   6.06772   1.000 9.62305  ? 52  ASP A OD1 1 
ATOM   421  O OD2 . ASP A 1 52  ? 8.17140   2.89039   6.21330   1.000 21.03217 ? 52  ASP A OD2 1 
ATOM   422  N N   . TYR A 1 53  ? 8.54520   0.27508   1.17587   1.000 5.53010  ? 53  TYR A N   1 
ATOM   423  C CA  . TYR A 1 53  ? 8.65631   0.24872   -0.28051  1.000 5.41677  ? 53  TYR A CA  1 
ATOM   424  C C   . TYR A 1 53  ? 7.32025   0.47134   -0.96457  1.000 8.21808  ? 53  TYR A C   1 
ATOM   425  O O   . TYR A 1 53  ? 6.34114   -0.22336  -0.67100  1.000 8.65008  ? 53  TYR A O   1 
ATOM   426  C CB  . TYR A 1 53  ? 9.21352   -1.08390  -0.78511  1.000 5.05623  ? 53  TYR A CB  1 
ATOM   427  C CG  . TYR A 1 53  ? 10.60741  -1.36096  -0.35638  1.000 5.30799  ? 53  TYR A CG  1 
ATOM   428  C CD1 . TYR A 1 53  ? 10.86773  -1.91816  0.87601   1.000 6.29680  ? 53  TYR A CD1 1 
ATOM   429  C CD2 . TYR A 1 53  ? 11.67143  -1.07957  -1.19787  1.000 6.23621  ? 53  TYR A CD2 1 
ATOM   430  C CE1 . TYR A 1 53  ? 12.17751  -2.18794  1.28568   1.000 7.52396  ? 53  TYR A CE1 1 
ATOM   431  C CE2 . TYR A 1 53  ? 12.96473  -1.32870  -0.80588  1.000 7.36108  ? 53  TYR A CE2 1 
ATOM   432  C CZ  . TYR A 1 53  ? 13.21799  -1.88117  0.42953   1.000 8.52850  ? 53  TYR A CZ  1 
ATOM   433  O OH  . TYR A 1 53  ? 14.52037  -2.12808  0.80071   1.000 10.68554 ? 53  TYR A OH  1 
ATOM   434  N N   . GLY A 1 54  ? 7.30679   1.39067   -1.91234  1.000 6.02659  ? 54  GLY A N   1 
ATOM   435  C CA  . GLY A 1 54  ? 6.23176   1.44540   -2.87251  1.000 8.52831  ? 54  GLY A CA  1 
ATOM   436  C C   . GLY A 1 54  ? 5.02735   2.27145   -2.47355  1.000 6.55388  ? 54  GLY A C   1 
ATOM   437  O O   . GLY A 1 54  ? 4.99700   3.04249   -1.50213  1.000 7.28473  ? 54  GLY A O   1 
ATOM   438  N N   . ILE A 1 55  ? 3.99692   2.07942   -3.29750  1.000 9.11068  ? 55  ILE A N   1 
ATOM   439  C CA  . ILE A 1 55  ? 2.76487   2.85492   -3.23856  1.000 7.85878  ? 55  ILE A CA  1 
ATOM   440  C C   . ILE A 1 55  ? 2.10922   2.75936   -1.87109  1.000 7.20138  ? 55  ILE A C   1 
ATOM   441  O O   . ILE A 1 55  ? 1.45618   3.70531   -1.42019  1.000 9.00895  ? 55  ILE A O   1 
ATOM   442  C CB  . ILE A 1 55  ? 1.83947   2.36724   -4.37461  1.000 14.01308 ? 55  ILE A CB  1 
ATOM   443  C CG1 . ILE A 1 55  ? 0.71607   3.34748   -4.63677  1.000 19.45238 ? 55  ILE A CG1 1 
ATOM   444  C CG2 . ILE A 1 55  ? 1.35494   0.92511   -4.14787  1.000 13.35310 ? 55  ILE A CG2 1 
ATOM   445  C CD1 . ILE A 1 55  ? 1.11856   4.39795   -5.62387  1.000 21.04656 ? 55  ILE A CD1 1 
ATOM   446  N N   . LEU A 1 56  ? 2.26681   1.62357   -1.18702  1.000 9.96473  ? 56  LEU A N   1 
ATOM   447  C CA  . LEU A 1 56  ? 1.69075   1.44018   0.13724   1.000 6.85994  ? 56  LEU A CA  1 
ATOM   448  C C   . LEU A 1 56  ? 2.76739   1.25700   1.20600   1.000 8.62749  ? 56  LEU A C   1 
ATOM   449  O O   . LEU A 1 56  ? 2.46610   0.85446   2.33414   1.000 7.77483  ? 56  LEU A O   1 
ATOM   450  C CB  . LEU A 1 56  ? 0.69224   0.27903   0.13897   1.000 8.36362  ? 56  LEU A CB  1 
ATOM   451  C CG  . LEU A 1 56  ? -0.62785  0.59596   -0.58013  1.000 6.03643  ? 56  LEU A CG  1 
ATOM   452  C CD1 . LEU A 1 56  ? -1.38980  -0.68571  -0.79931  1.000 8.15212  ? 56  LEU A CD1 1 
ATOM   453  C CD2 . LEU A 1 56  ? -1.46204  1.57550   0.24295   1.000 11.58275 ? 56  LEU A CD2 1 
ATOM   454  N N   . GLN A 1 57  ? 4.00738   1.61064   0.88650   1.000 8.26217  ? 57  GLN A N   1 
ATOM   455  C CA  . GLN A 1 57  ? 5.08011   1.69981   1.87721   1.000 7.69262  ? 57  GLN A CA  1 
ATOM   456  C C   . GLN A 1 57  ? 5.13597   0.46031   2.77299   1.000 7.09286  ? 57  GLN A C   1 
ATOM   457  O O   . GLN A 1 57  ? 5.05861   0.52301   4.00678   1.000 9.12394  ? 57  GLN A O   1 
ATOM   458  C CB  . GLN A 1 57  ? 4.93798   2.98436   2.69111   1.000 7.73587  ? 57  GLN A CB  1 
ATOM   459  C CG  . GLN A 1 57  ? 5.25941   4.24997   1.87010   1.000 5.82261  ? 57  GLN A CG  1 
ATOM   460  C CD  . GLN A 1 57  ? 6.73510   4.31494   1.51547   1.000 7.52133  ? 57  GLN A CD  1 
ATOM   461  O OE1 . GLN A 1 57  ? 7.54523   4.76066   2.32472   1.000 8.81668  ? 57  GLN A OE1 1 
ATOM   462  N NE2 . GLN A 1 57  ? 7.09136   3.84440   0.32432   1.000 7.16766  ? 57  GLN A NE2 1 
ATOM   463  N N   . ILE A 1 58  ? 5.31449   -0.67039  2.10705   1.000 6.91375  ? 58  ILE A N   1 
ATOM   464  C CA  . ILE A 1 58  ? 5.31150   -1.97288  2.75617   1.000 6.62104  ? 58  ILE A CA  1 
ATOM   465  C C   . ILE A 1 58  ? 6.70542   -2.26016  3.30260   1.000 9.13573  ? 58  ILE A C   1 
ATOM   466  O O   . ILE A 1 58  ? 7.71286   -2.05616  2.61229   1.000 6.46653  ? 58  ILE A O   1 
ATOM   467  C CB  . ILE A 1 58  ? 4.83082   -3.04075  1.77093   1.000 8.28461  ? 58  ILE A CB  1 
ATOM   468  C CG1 . ILE A 1 58  ? 3.33120   -2.80893  1.54034   1.000 6.99252  ? 58  ILE A CG1 1 
ATOM   469  C CG2 . ILE A 1 58  ? 5.15980   -4.44852  2.27567   1.000 10.78398 ? 58  ILE A CG2 1 
ATOM   470  C CD1 . ILE A 1 58  ? 2.71556   -3.70665  0.48476   1.000 11.96185 ? 58  ILE A CD1 1 
ATOM   471  N N   . ASN A 1 59  ? 6.76331   -2.69563  4.56880   1.000 7.41783  ? 59  ASN A N   1 
ATOM   472  C CA  . ASN A 1 59  ? 7.99277   -2.73808  5.35741   1.000 7.40910  ? 59  ASN A CA  1 
ATOM   473  C C   . ASN A 1 59  ? 8.72806   -4.06767  5.26361   1.000 8.96376  ? 59  ASN A C   1 
ATOM   474  O O   . ASN A 1 59  ? 8.12688   -5.14215  5.33674   1.000 9.58401  ? 59  ASN A O   1 
ATOM   475  C CB  . ASN A 1 59  ? 7.66648   -2.44905  6.82641   1.000 10.02875 ? 59  ASN A CB  1 
ATOM   476  C CG  . ASN A 1 59  ? 8.90752   -2.31057  7.68049   1.000 11.46642 ? 59  ASN A CG  1 
ATOM   477  O OD1 . ASN A 1 59  ? 9.37475   -3.28081  8.27659   1.000 16.32924 ? 59  ASN A OD1 1 
ATOM   478  N ND2 . ASN A 1 59  ? 9.46250   -1.12020  7.72219   1.000 12.66212 ? 59  ASN A ND2 1 
ATOM   479  N N   . SER A 1 60  ? 10.05449  -3.98141  5.18673   1.000 8.13597  ? 60  SER A N   1 
ATOM   480  C CA  . SER A 1 60  ? 10.90577  -5.13958  4.97170   1.000 8.87848  ? 60  SER A CA  1 
ATOM   481  C C   . SER A 1 60  ? 11.13313  -5.98512  6.22403   1.000 9.81890  ? 60  SER A C   1 
ATOM   482  O O   . SER A 1 60  ? 11.66127  -7.09727  6.10552   1.000 11.49458 ? 60  SER A O   1 
ATOM   483  C CB  . SER A 1 60  ? 12.24294  -4.67153  4.40599   1.000 7.23789  ? 60  SER A CB  1 
ATOM   484  O OG  . SER A 1 60  ? 12.93782  -3.86720  5.35558   1.000 8.62070  ? 60  SER A OG  1 
ATOM   485  N N   . ARG A 1 61  ? 10.74405  -5.52595  7.41058   1.000 12.74719 ? 61  ARG A N   1 
ATOM   486  C CA  . ARG A 1 61  ? 11.00367  -6.37714  8.56894   1.000 13.39413 ? 61  ARG A CA  1 
ATOM   487  C C   . ARG A 1 61  ? 10.15236  -7.64021  8.52718   1.000 15.37029 ? 61  ARG A C   1 
ATOM   488  O O   . ARG A 1 61  ? 10.61612  -8.71569  8.92885   1.000 15.82077 ? 61  ARG A O   1 
ATOM   489  C CB  . ARG A 1 61  ? 10.77754  -5.61124  9.86854   1.000 14.77351 ? 61  ARG A CB  1 
ATOM   490  C CG  . ARG A 1 61  ? 10.85167  -6.51496  11.10621  1.000 24.12592 ? 61  ARG A CG  1 
ATOM   491  C CD  . ARG A 1 61  ? 10.33169  -5.83930  12.36266  1.000 34.99711 ? 61  ARG A CD  1 
ATOM   492  N NE  . ARG A 1 61  ? 11.23318  -4.78757  12.82089  1.000 41.95695 ? 61  ARG A NE  1 
ATOM   493  C CZ  . ARG A 1 61  ? 11.26182  -4.30263  14.05637  1.000 49.22714 ? 61  ARG A CZ  1 
ATOM   494  N NH1 . ARG A 1 61  ? 10.45428  -4.76407  15.00146  1.000 40.27400 ? 61  ARG A NH1 1 
ATOM   495  N NH2 . ARG A 1 61  ? 12.12302  -3.32997  14.35201  1.000 33.81049 ? 61  ARG A NH2 1 
ATOM   496  N N   . TRP A 1 62  ? 8.94676   -7.55400  7.98557   0.934 11.17085 ? 62  TRP A N   1 
ATOM   497  C CA  . TRP A 1 62  ? 8.06905   -8.71419  7.96399   0.934 8.95867  ? 62  TRP A CA  1 
ATOM   498  C C   . TRP A 1 62  ? 7.71825   -9.19746  6.57373   0.934 8.32897  ? 62  TRP A C   1 
ATOM   499  O O   . TRP A 1 62  ? 7.58812   -10.40635 6.36841   0.934 11.37397 ? 62  TRP A O   1 
ATOM   500  C CB  . TRP A 1 62  ? 6.75672   -8.41061  8.70015   0.934 11.01845 ? 62  TRP A CB  1 
ATOM   501  C CG  . TRP A 1 62  ? 6.84851   -8.63973  10.16407  0.934 18.33636 ? 62  TRP A CG  1 
ATOM   502  C CD1 . TRP A 1 62  ? 6.90127   -7.68547  11.12994  0.934 22.64946 ? 62  TRP A CD1 1 
ATOM   503  C CD2 . TRP A 1 62  ? 6.92281   -9.90473  10.84084  0.934 20.76516 ? 62  TRP A CD2 1 
ATOM   504  N NE1 . TRP A 1 62  ? 6.98217   -8.27123  12.36282  0.934 22.98903 ? 62  TRP A NE1 1 
ATOM   505  C CE2 . TRP A 1 62  ? 6.99198   -9.63283  12.21747  0.934 22.49630 ? 62  TRP A CE2 1 
ATOM   506  C CE3 . TRP A 1 62  ? 6.92165   -11.23902 10.41579  0.934 22.45824 ? 62  TRP A CE3 1 
ATOM   507  C CZ2 . TRP A 1 62  ? 7.07026   -10.64350 13.17881  0.934 24.17814 ? 62  TRP A CZ2 1 
ATOM   508  C CZ3 . TRP A 1 62  ? 6.99287   -12.24423 11.37183  0.934 28.02463 ? 62  TRP A CZ3 1 
ATOM   509  C CH2 . TRP A 1 62  ? 7.07079   -11.94007 12.73574  0.934 28.23434 ? 62  TRP A CH2 1 
ATOM   510  N N   . TRP A 1 63  ? 7.56612   -8.29082  5.60859   1.000 10.51422 ? 63  TRP A N   1 
ATOM   511  C CA  . TRP A 1 63  ? 6.73047   -8.58686  4.45418   1.000 8.94008  ? 63  TRP A CA  1 
ATOM   512  C C   . TRP A 1 63  ? 7.47892   -8.86300  3.16615   1.000 7.70603  ? 63  TRP A C   1 
ATOM   513  O O   . TRP A 1 63  ? 6.94250   -9.56786  2.31569   1.000 8.39874  ? 63  TRP A O   1 
ATOM   514  C CB  . TRP A 1 63  ? 5.74531   -7.44258  4.21363   1.000 8.96557  ? 63  TRP A CB  1 
ATOM   515  C CG  . TRP A 1 63  ? 4.91604   -7.15199  5.44235   1.000 8.35192  ? 63  TRP A CG  1 
ATOM   516  C CD1 . TRP A 1 63  ? 4.99185   -6.03644  6.24451   1.000 8.71217  ? 63  TRP A CD1 1 
ATOM   517  C CD2 . TRP A 1 63  ? 3.94055   -8.01528  6.05079   1.000 8.20484  ? 63  TRP A CD2 1 
ATOM   518  N NE1 . TRP A 1 63  ? 4.10662   -6.15374  7.30012   1.000 10.48628 ? 63  TRP A NE1 1 
ATOM   519  C CE2 . TRP A 1 63  ? 3.44353   -7.34731  7.19272   1.000 9.67990  ? 63  TRP A CE2 1 
ATOM   520  C CE3 . TRP A 1 63  ? 3.41723   -9.26824  5.71645   1.000 7.86799  ? 63  TRP A CE3 1 
ATOM   521  C CZ2 . TRP A 1 63  ? 2.45665   -7.90280  8.01310   1.000 11.51577 ? 63  TRP A CZ2 1 
ATOM   522  C CZ3 . TRP A 1 63  ? 2.42781   -9.81587  6.53033   1.000 9.74907  ? 63  TRP A CZ3 1 
ATOM   523  C CH2 . TRP A 1 63  ? 1.97435   -9.13937  7.66825   1.000 10.96711 ? 63  TRP A CH2 1 
ATOM   524  N N   . CYS A 1 64  ? 8.69110   -8.34037  2.98399   1.000 9.60757  ? 64  CYS A N   1 
ATOM   525  C CA  . CYS A 1 64  ? 9.42870   -8.56910  1.74627   1.000 9.93797  ? 64  CYS A CA  1 
ATOM   526  C C   . CYS A 1 64  ? 10.89904  -8.71864  2.10283   1.000 11.04572 ? 64  CYS A C   1 
ATOM   527  O O   . CYS A 1 64  ? 11.31626  -8.36477  3.20831   1.000 8.31611  ? 64  CYS A O   1 
ATOM   528  C CB  . CYS A 1 64  ? 9.21950   -7.42510  0.73121   1.000 9.01164  ? 64  CYS A CB  1 
ATOM   529  S SG  . CYS A 1 64  ? 9.73851   -5.78280  1.32353   1.000 8.04281  ? 64  CYS A SG  1 
ATOM   530  N N   . ASN A 1 65  ? 11.68735  -9.26633  1.17032   1.000 10.54306 ? 65  ASN A N   1 
ATOM   531  C CA  . ASN A 1 65  ? 13.12534  -9.40936  1.37182   1.000 10.53452 ? 65  ASN A CA  1 
ATOM   532  C C   . ASN A 1 65  ? 13.88350  -8.32443  0.61923   1.000 9.76341  ? 65  ASN A C   1 
ATOM   533  O O   . ASN A 1 65  ? 13.73732  -8.19312  -0.60205  1.000 10.67339 ? 65  ASN A O   1 
ATOM   534  C CB  . ASN A 1 65  ? 13.63498  -10.77233 0.91506   1.000 10.18065 ? 65  ASN A CB  1 
ATOM   535  C CG  . ASN A 1 65  ? 15.13503  -10.87995 1.05269   1.000 11.65306 ? 65  ASN A CG  1 
ATOM   536  O OD1 . ASN A 1 65  ? 15.66684  -10.74106 2.15162   1.000 14.89754 ? 65  ASN A OD1 1 
ATOM   537  N ND2 . ASN A 1 65  ? 15.82705  -11.10444 -0.06344  1.000 14.66037 ? 65  ASN A ND2 1 
ATOM   538  N N   . ASP A 1 66  ? 14.71055  -7.56196  1.33930   1.000 7.37192  ? 66  ASP A N   1 
ATOM   539  C CA  . ASP A 1 66  ? 15.65720  -6.68500  0.66436   1.000 9.06547  ? 66  ASP A CA  1 
ATOM   540  C C   . ASP A 1 66  ? 17.10824  -7.01010  0.99114   1.000 11.74679 ? 66  ASP A C   1 
ATOM   541  O O   . ASP A 1 66  ? 17.99654  -6.25765  0.58545   1.000 14.46576 ? 66  ASP A O   1 
ATOM   542  C CB  . ASP A 1 66  ? 15.38046  -5.21042  0.97153   1.000 9.81005  ? 66  ASP A CB  1 
ATOM   543  C CG  . ASP A 1 66  ? 15.45844  -4.86878  2.45172   1.000 11.15890 ? 66  ASP A CG  1 
ATOM   544  O OD1 . ASP A 1 66  ? 15.93045  -5.67798  3.28611   1.000 12.23277 ? 66  ASP A OD1 1 
ATOM   545  O OD2 . ASP A 1 66  ? 15.07089  -3.72867  2.78738   1.000 10.91055 ? 66  ASP A OD2 1 
ATOM   546  N N   . GLY A 1 67  ? 17.36811  -8.08754  1.72529   1.000 11.98094 ? 67  GLY A N   1 
ATOM   547  C CA  . GLY A 1 67  ? 18.73665  -8.50207  1.98878   1.000 15.54469 ? 67  GLY A CA  1 
ATOM   548  C C   . GLY A 1 67  ? 19.52056  -7.60123  2.91343   1.000 19.44650 ? 67  GLY A C   1 
ATOM   549  O O   . GLY A 1 67  ? 20.73745  -7.77123  3.03403   1.000 19.62196 ? 67  GLY A O   1 
ATOM   550  N N   . ARG A 1 68  ? 18.86630  -6.63193  3.57255   1.000 15.36591 ? 68  ARG A N   1 
ATOM   551  C CA  . ARG A 1 68  ? 19.59067  -5.71180  4.44971   1.000 14.30236 ? 68  ARG A CA  1 
ATOM   552  C C   . ARG A 1 68  ? 18.75871  -5.31296  5.66244   1.000 18.38612 ? 68  ARG A C   1 
ATOM   553  O O   . ARG A 1 68  ? 18.95624  -4.22400  6.21533   1.000 25.56096 ? 68  ARG A O   1 
ATOM   554  C CB  . ARG A 1 68  ? 20.04515  -4.44838  3.69093   1.000 13.12272 ? 68  ARG A CB  1 
ATOM   555  C CG  . ARG A 1 68  ? 18.93745  -3.72574  2.89994   1.000 16.93496 ? 68  ARG A CG  1 
ATOM   556  C CD  . ARG A 1 68  ? 19.02781  -2.18124  2.85977   1.000 18.96103 ? 68  ARG A CD  1 
ATOM   557  N NE  . ARG A 1 68  ? 18.74609  -1.55750  4.14789   1.000 22.48721 ? 68  ARG A NE  1 
ATOM   558  C CZ  . ARG A 1 68  ? 19.63284  -0.86817  4.85824   1.000 24.01624 ? 68  ARG A CZ  1 
ATOM   559  N NH1 . ARG A 1 68  ? 20.84435  -0.61470  4.38928   1.000 27.41797 ? 68  ARG A NH1 1 
ATOM   560  N NH2 . ARG A 1 68  ? 19.29114  -0.41085  6.06513   1.000 16.13287 ? 68  ARG A NH2 1 
ATOM   561  N N   . THR A 1 69  ? 17.82317  -6.16852  6.08388   1.000 16.56850 ? 69  THR A N   1 
ATOM   562  C CA  . THR A 1 69  ? 16.96648  -5.90316  7.23820   1.000 14.01356 ? 69  THR A CA  1 
ATOM   563  C C   . THR A 1 69  ? 17.19005  -7.01736  8.25041   1.000 19.02029 ? 69  THR A C   1 
ATOM   564  O O   . THR A 1 69  ? 16.51954  -8.06021  8.19781   1.000 16.32196 ? 69  THR A O   1 
ATOM   565  C CB  . THR A 1 69  ? 15.49976  -5.80642  6.81671   1.000 13.42089 ? 69  THR A CB  1 
ATOM   566  O OG1 . THR A 1 69  ? 15.38668  -4.82709  5.76688   1.000 11.89598 ? 69  THR A OG1 1 
ATOM   567  C CG2 . THR A 1 69  ? 14.63770  -5.37967  7.99565   1.000 16.45755 ? 69  THR A CG2 1 
ATOM   568  N N   . PRO A 1 70  ? 18.14984  -6.85191  9.16199   1.000 31.45642 ? 70  PRO A N   1 
ATOM   569  C CA  . PRO A 1 70  ? 18.51085  -7.93848  10.07680  1.000 27.55356 ? 70  PRO A CA  1 
ATOM   570  C C   . PRO A 1 70  ? 17.31760  -8.48415  10.84105  1.000 28.91807 ? 70  PRO A C   1 
ATOM   571  O O   . PRO A 1 70  ? 16.48225  -7.73548  11.35039  1.000 34.32939 ? 70  PRO A O   1 
ATOM   572  C CB  . PRO A 1 70  ? 19.51601  -7.26760  11.01559  1.000 24.80304 ? 70  PRO A CB  1 
ATOM   573  C CG  . PRO A 1 70  ? 20.25281  -6.35505  10.09521  1.000 37.09773 ? 70  PRO A CG  1 
ATOM   574  C CD  . PRO A 1 70  ? 19.17358  -5.79147  9.16838   1.000 30.23762 ? 70  PRO A CD  1 
ATOM   575  N N   . GLY A 1 71  ? 17.24636  -9.81144  10.90473  1.000 27.12249 ? 71  GLY A N   1 
ATOM   576  C CA  . GLY A 1 71  ? 16.22677  -10.47820 11.67951  1.000 31.93374 ? 71  GLY A CA  1 
ATOM   577  C C   . GLY A 1 71  ? 14.85814  -10.47197 11.05710  1.000 27.02308 ? 71  GLY A C   1 
ATOM   578  O O   . GLY A 1 71  ? 13.87294  -10.68998 11.76231  1.000 32.62501 ? 71  GLY A O   1 
ATOM   579  N N   . SER A 1 72  ? 14.76134  -10.25356 9.75316   1.000 34.40963 ? 72  SER A N   1 
ATOM   580  C CA  . SER A 1 72  ? 13.47632  -10.02894 9.11590   1.000 27.67272 ? 72  SER A CA  1 
ATOM   581  C C   . SER A 1 72  ? 12.91548  -11.30509 8.50342   1.000 26.84250 ? 72  SER A C   1 
ATOM   582  O O   . SER A 1 72  ? 13.61789  -12.29234 8.27239   1.000 35.11367 ? 72  SER A O   1 
ATOM   583  C CB  . SER A 1 72  ? 13.58727  -8.96581  8.02832   1.000 19.38388 ? 72  SER A CB  1 
ATOM   584  O OG  . SER A 1 72  ? 13.93684  -9.56677  6.80352   1.000 22.27791 ? 72  SER A OG  1 
ATOM   585  N N   . ARG A 1 73  ? 11.62408  -11.26081 8.23553   1.000 24.73495 ? 73  ARG A N   1 
ATOM   586  C CA  . ARG A 1 73  ? 10.93333  -12.31339 7.52370   1.000 18.61663 ? 73  ARG A CA  1 
ATOM   587  C C   . ARG A 1 73  ? 10.58577  -11.79766 6.13500   1.000 15.88672 ? 73  ARG A C   1 
ATOM   588  O O   . ARG A 1 73  ? 10.91387  -10.66801 5.76848   1.000 20.92285 ? 73  ARG A O   1 
ATOM   589  C CB  . ARG A 1 73  ? 9.70453   -12.75378 8.31814   1.000 20.07291 ? 73  ARG A CB  1 
ATOM   590  C CG  . ARG A 1 73  ? 10.07711  -13.42270 9.65683   1.000 26.92222 ? 73  ARG A CG  1 
ATOM   591  C CD  . ARG A 1 73  ? 10.49336  -14.86827 9.43333   1.000 22.80175 ? 73  ARG A CD  1 
ATOM   592  N NE  . ARG A 1 73  ? 10.52265  -15.67035 10.65636  1.000 25.24486 ? 73  ARG A NE  1 
ATOM   593  C CZ  . ARG A 1 73  ? 11.62642  -16.08227 11.27081  1.000 30.68829 ? 73  ARG A CZ  1 
ATOM   594  N NH1 . ARG A 1 73  ? 12.83348  -15.73317 10.84506  1.000 28.36867 ? 73  ARG A NH1 1 
ATOM   595  N NH2 . ARG A 1 73  ? 11.51979  -16.88190 12.32989  1.000 22.87616 ? 73  ARG A NH2 1 
ATOM   596  N N   . ASN A 1 74  ? 9.91945   -12.63401 5.35698   1.000 15.89675 ? 74  ASN A N   1 
ATOM   597  C CA  . ASN A 1 74  ? 9.50628   -12.28623 4.00859   1.000 11.67854 ? 74  ASN A CA  1 
ATOM   598  C C   . ASN A 1 74  ? 8.14365   -12.94352 3.79713   1.000 8.23657  ? 74  ASN A C   1 
ATOM   599  O O   . ASN A 1 74  ? 7.96921   -13.86933 3.01566   1.000 11.30776 ? 74  ASN A O   1 
ATOM   600  C CB  . ASN A 1 74  ? 10.54287  -12.75461 2.98204   1.000 9.20114  ? 74  ASN A CB  1 
ATOM   601  C CG  . ASN A 1 74  ? 10.12656  -12.48530 1.55720   1.000 10.86760 ? 74  ASN A CG  1 
ATOM   602  O OD1 . ASN A 1 74  ? 9.17807   -11.74639 1.30046   1.000 12.80305 ? 74  ASN A OD1 1 
ATOM   603  N ND2 . ASN A 1 74  ? 10.84652  -13.08209 0.60595   1.000 10.12551 ? 74  ASN A ND2 1 
ATOM   604  N N   . LEU A 1 75  ? 7.13917   -12.44553 4.52087   1.000 10.97145 ? 75  LEU A N   1 
ATOM   605  C CA  . LEU A 1 75  ? 5.85771   -13.15069 4.55984   1.000 11.78338 ? 75  LEU A CA  1 
ATOM   606  C C   . LEU A 1 75  ? 5.06546   -13.02066 3.26285   1.000 9.42328  ? 75  LEU A C   1 
ATOM   607  O O   . LEU A 1 75  ? 4.18941   -13.85472 3.00217   1.000 12.02116 ? 75  LEU A O   1 
ATOM   608  C CB  . LEU A 1 75  ? 5.01417   -12.66145 5.73796   1.000 14.76967 ? 75  LEU A CB  1 
ATOM   609  C CG  . LEU A 1 75  ? 5.58073   -12.92260 7.13636   1.000 18.37603 ? 75  LEU A CG  1 
ATOM   610  C CD1 . LEU A 1 75  ? 4.63739   -12.34941 8.17452   1.000 18.51918 ? 75  LEU A CD1 1 
ATOM   611  C CD2 . LEU A 1 75  ? 5.85772   -14.39987 7.39941   1.000 17.76911 ? 75  LEU A CD2 1 
ATOM   612  N N   . CYS A 1 76  ? 5.32882   -12.00855 2.44480   1.000 10.43402 ? 76  CYS A N   1 
ATOM   613  C CA  . CYS A 1 76  ? 4.71860   -11.94950 1.12224   1.000 9.53028  ? 76  CYS A CA  1 
ATOM   614  C C   . CYS A 1 76  ? 5.52769   -12.70329 0.07789   1.000 10.24264 ? 76  CYS A C   1 
ATOM   615  O O   . CYS A 1 76  ? 5.09437   -12.79768 -1.07549  1.000 9.68755  ? 76  CYS A O   1 
ATOM   616  C CB  . CYS A 1 76  ? 4.52882   -10.49412 0.68177   1.000 10.92939 ? 76  CYS A CB  1 
ATOM   617  S SG  . CYS A 1 76  ? 3.33945   -9.65394  1.75117   1.000 8.97066  ? 76  CYS A SG  1 
ATOM   618  N N   . ASN A 1 77  ? 6.68195   -13.25013 0.46879   1.000 10.71666 ? 77  ASN A N   1 
ATOM   619  C CA  . ASN A 1 77  ? 7.53509   -14.05173 -0.40485  1.000 10.39425 ? 77  ASN A CA  1 
ATOM   620  C C   . ASN A 1 77  ? 7.85592   -13.31387 -1.70116  1.000 10.00863 ? 77  ASN A C   1 
ATOM   621  O O   . ASN A 1 77  ? 7.66594   -13.82010 -2.80845  1.000 14.76492 ? 77  ASN A O   1 
ATOM   622  C CB  . ASN A 1 77  ? 6.89634   -15.41920 -0.65947  1.000 12.22317 ? 77  ASN A CB  1 
ATOM   623  C CG  . ASN A 1 77  ? 6.87051   -16.27416 0.60002   1.000 17.18607 ? 77  ASN A CG  1 
ATOM   624  O OD1 . ASN A 1 77  ? 7.91889   -16.68505 1.09717   1.000 21.04322 ? 77  ASN A OD1 1 
ATOM   625  N ND2 . ASN A 1 77  ? 5.67950   -16.53125 1.12810   1.000 27.95151 ? 77  ASN A ND2 1 
ATOM   626  N N   . ILE A 1 78  ? 8.37335   -12.09571 -1.55501  1.000 11.71085 ? 78  ILE A N   1 
ATOM   627  C CA  . ILE A 1 78  ? 8.72140   -11.26473 -2.70864  1.000 10.53200 ? 78  ILE A CA  1 
ATOM   628  C C   . ILE A 1 78  ? 9.95112   -10.42524 -2.39490  1.000 12.53569 ? 78  ILE A C   1 
ATOM   629  O O   . ILE A 1 78  ? 10.14376  -10.00643 -1.24448  1.000 10.70104 ? 78  ILE A O   1 
ATOM   630  C CB  . ILE A 1 78  ? 7.57403   -10.33125 -3.11534  1.000 13.63494 ? 78  ILE A CB  1 
ATOM   631  C CG1 . ILE A 1 78  ? 7.11144   -9.53485  -1.90369  1.000 11.80937 ? 78  ILE A CG1 1 
ATOM   632  C CG2 . ILE A 1 78  ? 6.43569   -11.10677 -3.80709  1.000 18.59194 ? 78  ILE A CG2 1 
ATOM   633  C CD1 . ILE A 1 78  ? 6.19354   -8.42991  -2.25664  1.000 21.33198 ? 78  ILE A CD1 1 
ATOM   634  N N   . PRO A 1 79  ? 10.78491  -10.12944 -3.38614  1.000 11.77094 ? 79  PRO A N   1 
ATOM   635  C CA  . PRO A 1 79  ? 11.79585  -9.08451  -3.20312  1.000 9.34508  ? 79  PRO A CA  1 
ATOM   636  C C   . PRO A 1 79  ? 11.11009  -7.74090  -3.01793  1.000 6.27430  ? 79  PRO A C   1 
ATOM   637  O O   . PRO A 1 79  ? 10.09952  -7.44652  -3.66042  1.000 10.06805 ? 79  PRO A O   1 
ATOM   638  C CB  . PRO A 1 79  ? 12.59848  -9.13437  -4.50587  1.000 10.06467 ? 79  PRO A CB  1 
ATOM   639  C CG  . PRO A 1 79  ? 11.64903  -9.69924  -5.50245  1.000 16.09913 ? 79  PRO A CG  1 
ATOM   640  C CD  . PRO A 1 79  ? 10.79140  -10.67528 -4.75288  1.000 10.80314 ? 79  PRO A CD  1 
ATOM   641  N N   . CYS A 1 80  ? 11.65420  -6.92563  -2.11116  1.000 6.99986  ? 80  CYS A N   1 
ATOM   642  C CA  . CYS A 1 80  ? 11.03877  -5.63012  -1.86521  1.000 8.89072  ? 80  CYS A CA  1 
ATOM   643  C C   . CYS A 1 80  ? 11.01717  -4.78289  -3.13133  1.000 6.92084  ? 80  CYS A C   1 
ATOM   644  O O   . CYS A 1 80  ? 10.11476  -3.96316  -3.31554  1.000 8.47558  ? 80  CYS A O   1 
ATOM   645  C CB  . CYS A 1 80  ? 11.77332  -4.90106  -0.72487  1.000 8.13758  ? 80  CYS A CB  1 
ATOM   646  S SG  . CYS A 1 80  ? 11.70204  -5.77030  0.85623   1.000 8.21997  ? 80  CYS A SG  1 
ATOM   647  N N   . SER A 1 81  ? 11.98152  -4.98792  -4.03216  1.000 9.64976  ? 81  SER A N   1 
ATOM   648  C CA  . SER A 1 81  ? 11.99866  -4.22588  -5.27401  1.000 8.84600  ? 81  SER A CA  1 
ATOM   649  C C   . SER A 1 81  ? 10.74512  -4.46912  -6.10388  1.000 10.97931 ? 81  SER A C   1 
ATOM   650  O O   . SER A 1 81  ? 10.33970  -3.59888  -6.88882  1.000 10.82607 ? 81  SER A O   1 
ATOM   651  C CB  . SER A 1 81  ? 13.26124  -4.57044  -6.07513  1.000 8.87137  ? 81  SER A CB  1 
ATOM   652  O OG  . SER A 1 81  ? 13.24955  -5.94146  -6.47627  1.000 12.16665 ? 81  SER A OG  1 
ATOM   653  N N   . ALA A 1 82  ? 10.10760  -5.63268  -5.93990  1.000 9.98711  ? 82  ALA A N   1 
ATOM   654  C CA  . ALA A 1 82  ? 8.88303   -5.90359  -6.68381  1.000 10.74611 ? 82  ALA A CA  1 
ATOM   655  C C   . ALA A 1 82  ? 7.75656   -4.96708  -6.28004  1.000 9.48392  ? 82  ALA A C   1 
ATOM   656  O O   . ALA A 1 82  ? 6.80642   -4.77589  -7.05211  1.000 10.26429 ? 82  ALA A O   1 
ATOM   657  C CB  . ALA A 1 82  ? 8.46572   -7.36000  -6.47969  1.000 13.88899 ? 82  ALA A CB  1 
ATOM   658  N N   . LEU A 1 83  ? 7.85141   -4.37593  -5.09500  1.000 11.00354 ? 83  LEU A N   1 
ATOM   659  C CA  . LEU A 1 83  ? 6.88593   -3.40421  -4.60003  1.000 9.64868  ? 83  LEU A CA  1 
ATOM   660  C C   . LEU A 1 83  ? 7.09380   -2.00645  -5.17474  1.000 10.40504 ? 83  LEU A C   1 
ATOM   661  O O   . LEU A 1 83  ? 6.30670   -1.10736  -4.85678  1.000 8.77151  ? 83  LEU A O   1 
ATOM   662  C CB  . LEU A 1 83  ? 6.96419   -3.35495  -3.07006  1.000 9.55982  ? 83  LEU A CB  1 
ATOM   663  C CG  . LEU A 1 83  ? 6.75923   -4.69074  -2.34637  1.000 11.65296 ? 83  LEU A CG  1 
ATOM   664  C CD1 . LEU A 1 83  ? 7.03528   -4.57145  -0.84967  1.000 11.90152 ? 83  LEU A CD1 1 
ATOM   665  C CD2 . LEU A 1 83  ? 5.31251   -5.12395  -2.58702  1.000 14.18834 ? 83  LEU A CD2 1 
ATOM   666  N N   . LEU A 1 84  ? 8.13316   -1.79579  -5.99168  1.000 9.66692  ? 84  LEU A N   1 
ATOM   667  C CA  . LEU A 1 84  ? 8.38015   -0.51214  -6.63807  1.000 8.14715  ? 84  LEU A CA  1 
ATOM   668  C C   . LEU A 1 84  ? 7.96935   -0.49813  -8.10401  1.000 12.21776 ? 84  LEU A C   1 
ATOM   669  O O   . LEU A 1 84  ? 8.14451   0.53007   -8.77810  1.000 14.17293 ? 84  LEU A O   1 
ATOM   670  C CB  . LEU A 1 84  ? 9.86401   -0.13822  -6.52168  1.000 11.19086 ? 84  LEU A CB  1 
ATOM   671  C CG  . LEU A 1 84  ? 10.48155  -0.09984  -5.12268  1.000 10.21203 ? 84  LEU A CG  1 
ATOM   672  C CD1 . LEU A 1 84  ? 11.92731  0.30136   -5.16124  1.000 10.45844 ? 84  LEU A CD1 1 
ATOM   673  C CD2 . LEU A 1 84  ? 9.75491   0.88325   -4.20656  1.000 8.63974  ? 84  LEU A CD2 1 
ATOM   674  N N   A SER A 1 85  ? 7.40983   -1.59766  -8.60283  0.612 9.98420  ? 85  SER A N   1 
ATOM   675  N N   B SER A 1 85  ? 7.43951   -1.60240  -8.61531  0.388 10.03567 ? 85  SER A N   1 
ATOM   676  C CA  A SER A 1 85  ? 7.04227   -1.71061  -10.01135 0.612 10.34984 ? 85  SER A CA  1 
ATOM   677  C CA  B SER A 1 85  ? 7.11165   -1.70088  -10.02933 0.388 10.43143 ? 85  SER A CA  1 
ATOM   678  C C   A SER A 1 85  ? 5.90755   -0.76383  -10.38776 0.612 13.75540 ? 85  SER A C   1 
ATOM   679  C C   B SER A 1 85  ? 5.92516   -0.81446  -10.38736 0.388 13.74525 ? 85  SER A C   1 
ATOM   680  O O   A SER A 1 85  ? 5.06768   -0.40233  -9.56019  0.612 14.09716 ? 85  SER A O   1 
ATOM   681  O O   B SER A 1 85  ? 5.04597   -0.54684  -9.56388  0.388 13.93741 ? 85  SER A O   1 
ATOM   682  C CB  A SER A 1 85  ? 6.61955   -3.14686  -10.32616 0.612 11.28126 ? 85  SER A CB  1 
ATOM   683  C CB  B SER A 1 85  ? 6.78828   -3.14685  -10.38362 0.388 11.67443 ? 85  SER A CB  1 
ATOM   684  O OG  A SER A 1 85  ? 6.10679   -3.22871  -11.64830 0.612 12.44834 ? 85  SER A OG  1 
ATOM   685  O OG  B SER A 1 85  ? 5.69735   -3.58741  -9.60247  0.388 11.05744 ? 85  SER A OG  1 
ATOM   686  N N   A SER A 1 86  ? 5.87052   -0.37774  -11.66917 0.612 13.28137 ? 86  SER A N   1 
ATOM   687  N N   B SER A 1 86  ? 5.89172   -0.37257  -11.64699 0.388 13.36662 ? 86  SER A N   1 
ATOM   688  C CA  A SER A 1 86  ? 4.72267   0.38791   -12.14669 0.612 16.47712 ? 86  SER A CA  1 
ATOM   689  C CA  B SER A 1 86  ? 4.73447   0.38333   -12.11438 0.388 16.39076 ? 86  SER A CA  1 
ATOM   690  C C   A SER A 1 86  ? 3.45712   -0.46185  -12.17161 0.612 11.04611 ? 86  SER A C   1 
ATOM   691  C C   B SER A 1 86  ? 3.46921   -0.46512  -12.13105 0.388 11.14215 ? 86  SER A C   1 
ATOM   692  O O   A SER A 1 86  ? 2.34620   0.08119   -12.15046 0.612 18.77331 ? 86  SER A O   1 
ATOM   693  O O   B SER A 1 86  ? 2.36607   0.08647   -12.05975 0.388 18.51781 ? 86  SER A O   1 
ATOM   694  C CB  A SER A 1 86  ? 5.01413   0.97919   -13.53029 0.612 18.73975 ? 86  SER A CB  1 
ATOM   695  C CB  B SER A 1 86  ? 5.00579   0.96243   -13.50385 0.388 18.68262 ? 86  SER A CB  1 
ATOM   696  O OG  A SER A 1 86  ? 6.06848   1.91837   -13.46470 0.612 25.40103 ? 86  SER A OG  1 
ATOM   697  O OG  B SER A 1 86  ? 5.37241   -0.05559  -14.41585 0.388 23.71666 ? 86  SER A OG  1 
ATOM   698  N N   . ASP A 1 87  ? 3.60435   -1.78506  -12.22174 1.000 9.69098  ? 87  ASP A N   1 
ATOM   699  C CA  . ASP A 1 87  ? 2.48064   -2.70512  -12.08329 1.000 10.27906 ? 87  ASP A CA  1 
ATOM   700  C C   . ASP A 1 87  ? 2.26290   -2.96496  -10.59257 1.000 10.54750 ? 87  ASP A C   1 
ATOM   701  O O   . ASP A 1 87  ? 3.17320   -3.45620  -9.91524  1.000 12.23674 ? 87  ASP A O   1 
ATOM   702  C CB  . ASP A 1 87  ? 2.80763   -3.99570  -12.83962 1.000 12.12558 ? 87  ASP A CB  1 
ATOM   703  C CG  . ASP A 1 87  ? 1.70304   -5.04242  -12.79739 1.000 23.45332 ? 87  ASP A CG  1 
ATOM   704  O OD1 . ASP A 1 87  ? 1.06415   -5.26517  -11.74840 1.000 16.27129 ? 87  ASP A OD1 1 
ATOM   705  O OD2 . ASP A 1 87  ? 1.49375   -5.69393  -13.84688 1.000 28.03378 ? 87  ASP A OD2 1 
ATOM   706  N N   . ILE A 1 88  ? 1.07163   -2.64887  -10.07343 1.000 10.70275 ? 88  ILE A N   1 
ATOM   707  C CA  . ILE A 1 88  ? 0.88434   -2.68213  -8.61982  1.000 7.43933  ? 88  ILE A CA  1 
ATOM   708  C C   . ILE A 1 88  ? 0.49695   -4.04992  -8.07300  1.000 8.73828  ? 88  ILE A C   1 
ATOM   709  O O   . ILE A 1 88  ? 0.23148   -4.17161  -6.87290  1.000 9.41202  ? 88  ILE A O   1 
ATOM   710  C CB  . ILE A 1 88  ? -0.14789  -1.63584  -8.14191  1.000 7.82460  ? 88  ILE A CB  1 
ATOM   711  C CG1 . ILE A 1 88  ? -1.57953  -1.97517  -8.57655  1.000 10.12529 ? 88  ILE A CG1 1 
ATOM   712  C CG2 . ILE A 1 88  ? 0.24259   -0.25125  -8.62296  1.000 9.61426  ? 88  ILE A CG2 1 
ATOM   713  C CD1 . ILE A 1 88  ? -2.63317  -1.05945  -7.92097  1.000 11.52358 ? 88  ILE A CD1 1 
ATOM   714  N N   . THR A 1 89  ? 0.50600   -5.09100  -8.91668  1.000 11.87770 ? 89  THR A N   1 
ATOM   715  C CA  . THR A 1 89  ? 0.06237   -6.42386  -8.49845  1.000 11.24430 ? 89  THR A CA  1 
ATOM   716  C C   . THR A 1 89  ? 0.76564   -6.89849  -7.22657  1.000 7.44874  ? 89  THR A C   1 
ATOM   717  O O   . THR A 1 89  ? 0.11226   -7.30307  -6.25224  1.000 9.19490  ? 89  THR A O   1 
ATOM   718  C CB  . THR A 1 89  ? 0.28613   -7.43995  -9.62260  1.000 13.90745 ? 89  THR A CB  1 
ATOM   719  O OG1 . THR A 1 89  ? -0.49778  -7.07296  -10.76708 1.000 13.49955 ? 89  THR A OG1 1 
ATOM   720  C CG2 . THR A 1 89  ? -0.12642  -8.83317  -9.17538  1.000 19.38653 ? 89  THR A CG2 1 
ATOM   721  N N   . ALA A 1 90  ? 2.10178   -6.85792  -7.20667  1.000 9.39146  ? 90  ALA A N   1 
ATOM   722  C CA  . ALA A 1 90  ? 2.81365   -7.37658  -6.03764  1.000 7.36064  ? 90  ALA A CA  1 
ATOM   723  C C   . ALA A 1 90  ? 2.46787   -6.57937  -4.78621  1.000 10.46074 ? 90  ALA A C   1 
ATOM   724  O O   . ALA A 1 90  ? 2.30826   -7.15058  -3.70005  1.000 11.33034 ? 90  ALA A O   1 
ATOM   725  C CB  . ALA A 1 90  ? 4.32526   -7.36728  -6.28049  1.000 10.64819 ? 90  ALA A CB  1 
ATOM   726  N N   . SER A 1 91  ? 2.34647   -5.25710  -4.91736  1.000 7.96224  ? 91  SER A N   1 
ATOM   727  C CA  . SER A 1 91  ? 1.96630   -4.43602  -3.76879  1.000 6.30366  ? 91  SER A CA  1 
ATOM   728  C C   . SER A 1 91  ? 0.56405   -4.77023  -3.28428  1.000 9.59011  ? 91  SER A C   1 
ATOM   729  O O   . SER A 1 91  ? 0.31321   -4.81772  -2.07503  1.000 7.65424  ? 91  SER A O   1 
ATOM   730  C CB  . SER A 1 91  ? 2.04771   -2.95410  -4.12411  1.000 8.37005  ? 91  SER A CB  1 
ATOM   731  O OG  . SER A 1 91  ? 3.38528   -2.49997  -3.99593  1.000 8.19224  ? 91  SER A OG  1 
ATOM   732  N N   . VAL A 1 92  ? -0.37626  -4.95146  -4.21067  1.000 8.34552  ? 92  VAL A N   1 
ATOM   733  C CA  . VAL A 1 92  ? -1.74321  -5.28491  -3.81366  1.000 7.15242  ? 92  VAL A CA  1 
ATOM   734  C C   . VAL A 1 92  ? -1.78709  -6.65269  -3.14667  1.000 9.00843  ? 92  VAL A C   1 
ATOM   735  O O   . VAL A 1 92  ? -2.44722  -6.83616  -2.11314  1.000 10.31762 ? 92  VAL A O   1 
ATOM   736  C CB  . VAL A 1 92  ? -2.67982  -5.22945  -5.03111  1.000 6.92103  ? 92  VAL A CB  1 
ATOM   737  C CG1 . VAL A 1 92  ? -4.04300  -5.85818  -4.67814  1.000 8.97658  ? 92  VAL A CG1 1 
ATOM   738  C CG2 . VAL A 1 92  ? -2.83035  -3.81067  -5.49093  1.000 8.27489  ? 92  VAL A CG2 1 
ATOM   739  N N   . ASN A 1 93  ? -1.12039  -7.64827  -3.74359  1.000 9.24498  ? 93  ASN A N   1 
ATOM   740  C CA  . ASN A 1 93  ? -1.17414  -8.98882  -3.17146  1.000 12.16910 ? 93  ASN A CA  1 
ATOM   741  C C   . ASN A 1 93  ? -0.57258  -9.01133  -1.77746  1.000 9.82606  ? 93  ASN A C   1 
ATOM   742  O O   . ASN A 1 93  ? -1.07277  -9.69777  -0.88226  1.000 9.74442  ? 93  ASN A O   1 
ATOM   743  C CB  . ASN A 1 93  ? -0.44679  -9.98665  -4.06998  1.000 11.03032 ? 93  ASN A CB  1 
ATOM   744  C CG  . ASN A 1 93  ? -1.21548  -10.30655 -5.31698  1.000 20.47943 ? 93  ASN A CG  1 
ATOM   745  O OD1 . ASN A 1 93  ? -2.40834  -10.02196 -5.41509  1.000 23.36068 ? 93  ASN A OD1 1 
ATOM   746  N ND2 . ASN A 1 93  ? -0.53604  -10.89519 -6.28564  1.000 21.71311 ? 93  ASN A ND2 1 
ATOM   747  N N   . CYS A 1 94  ? 0.49428   -8.24395  -1.56674  1.000 8.83311  ? 94  CYS A N   1 
ATOM   748  C CA  . CYS A 1 94  ? 1.10166   -8.20793  -0.24615  1.000 8.23081  ? 94  CYS A CA  1 
ATOM   749  C C   . CYS A 1 94  ? 0.23463   -7.41345  0.72887   1.000 9.91887  ? 94  CYS A C   1 
ATOM   750  O O   . CYS A 1 94  ? 0.04322   -7.83065  1.87865   1.000 9.24838  ? 94  CYS A O   1 
ATOM   751  C CB  . CYS A 1 94  ? 2.51343   -7.63420  -0.35961  1.000 8.97925  ? 94  CYS A CB  1 
ATOM   752  S SG  . CYS A 1 94  ? 3.45432   -7.70406  1.16348   1.000 8.48548  ? 94  CYS A SG  1 
ATOM   753  N N   . ALA A 1 95  ? -0.32406  -6.28583  0.27114   1.000 6.67051  ? 95  ALA A N   1 
ATOM   754  C CA  . ALA A 1 95  ? -1.25586  -5.51470  1.09080   1.000 9.98710  ? 95  ALA A CA  1 
ATOM   755  C C   . ALA A 1 95  ? -2.42546  -6.37183  1.57840   1.000 7.47060  ? 95  ALA A C   1 
ATOM   756  O O   . ALA A 1 95  ? -2.90832  -6.18963  2.70217   1.000 8.26993  ? 95  ALA A O   1 
ATOM   757  C CB  . ALA A 1 95  ? -1.76223  -4.30982  0.29217   1.000 8.18295  ? 95  ALA A CB  1 
ATOM   758  N N   . LYS A 1 96  ? -2.90775  -7.30094  0.74440   1.000 8.97956  ? 96  LYS A N   1 
ATOM   759  C CA  . LYS A 1 96  ? -3.99802  -8.17564  1.17360   1.000 7.19537  ? 96  LYS A CA  1 
ATOM   760  C C   . LYS A 1 96  ? -3.59173  -9.01637  2.37437   1.000 8.75925  ? 96  LYS A C   1 
ATOM   761  O O   . LYS A 1 96  ? -4.41156  -9.27706  3.26056   1.000 9.85535  ? 96  LYS A O   1 
ATOM   762  C CB  . LYS A 1 96  ? -4.45288  -9.07830  0.02230   1.000 7.08819  ? 96  LYS A CB  1 
ATOM   763  C CG  . LYS A 1 96  ? -5.24964  -8.32094  -1.04721  1.000 8.72527  ? 96  LYS A CG  1 
ATOM   764  C CD  . LYS A 1 96  ? -5.54475  -9.21440  -2.23967  1.000 11.78564 ? 96  LYS A CD  1 
ATOM   765  C CE  . LYS A 1 96  ? -6.36183  -8.45768  -3.27061  1.000 13.14953 ? 96  LYS A CE  1 
ATOM   766  N NZ  . LYS A 1 96  ? -6.64101  -9.26899  -4.47868  1.000 17.90064 ? 96  LYS A NZ  1 
ATOM   767  N N   . LYS A 1 97  ? -2.33549  -9.46656  2.41464   1.000 9.56876  ? 97  LYS A N   1 
ATOM   768  C CA  . LYS A 1 97  ? -1.86096  -10.22661 3.56876   1.000 9.92415  ? 97  LYS A CA  1 
ATOM   769  C C   . LYS A 1 97  ? -1.72227  -9.33149  4.79436   1.000 9.13220  ? 97  LYS A C   1 
ATOM   770  O O   . LYS A 1 97  ? -2.09611  -9.71676  5.91108   1.000 10.96855 ? 97  LYS A O   1 
ATOM   771  C CB  . LYS A 1 97  ? -0.52545  -10.89014 3.22810   1.000 12.46994 ? 97  LYS A CB  1 
ATOM   772  C CG  . LYS A 1 97  ? 0.02408   -11.77606 4.34065   1.000 22.63023 ? 97  LYS A CG  1 
ATOM   773  C CD  . LYS A 1 97  ? -0.90426  -12.94419 4.64397   1.000 32.22967 ? 97  LYS A CD  1 
ATOM   774  C CE  . LYS A 1 97  ? -0.12406  -14.10849 5.23216   1.000 38.04606 ? 97  LYS A CE  1 
ATOM   775  N NZ  . LYS A 1 97  ? 1.02083   -13.60802 6.05671   1.000 22.56314 ? 97  LYS A NZ  1 
ATOM   776  N N   . ILE A 1 98  ? -1.20651  -8.12208  4.60128   1.000 9.11018  ? 98  ILE A N   1 
ATOM   777  C CA  . ILE A 1 98  ? -0.97875  -7.20947  5.71571   1.000 8.63294  ? 98  ILE A CA  1 
ATOM   778  C C   . ILE A 1 98  ? -2.29183  -6.86031  6.40161   1.000 11.73650 ? 98  ILE A C   1 
ATOM   779  O O   . ILE A 1 98  ? -2.40522  -6.90659  7.63651   1.000 10.70684 ? 98  ILE A O   1 
ATOM   780  C CB  . ILE A 1 98  ? -0.25255  -5.94873  5.20876   1.000 6.86479  ? 98  ILE A CB  1 
ATOM   781  C CG1 . ILE A 1 98  ? 1.15429   -6.31756  4.74173   1.000 9.14032  ? 98  ILE A CG1 1 
ATOM   782  C CG2 . ILE A 1 98  ? -0.13953  -4.90251  6.30109   1.000 11.08794 ? 98  ILE A CG2 1 
ATOM   783  C CD1 . ILE A 1 98  ? 1.84395   -5.20466  4.00358   1.000 7.65079  ? 98  ILE A CD1 1 
ATOM   784  N N   . VAL A 1 99  ? -3.29790  -6.47164  5.61245   1.000 10.56411 ? 99  VAL A N   1 
ATOM   785  C CA  . VAL A 1 99  ? -4.57296  -6.03532  6.18183   1.000 8.95469  ? 99  VAL A CA  1 
ATOM   786  C C   . VAL A 1 99  ? -5.29239  -7.17295  6.88405   1.000 12.35402 ? 99  VAL A C   1 
ATOM   787  O O   . VAL A 1 99  ? -6.31335  -6.94940  7.54784   1.000 10.28702 ? 99  VAL A O   1 
ATOM   788  C CB  . VAL A 1 99  ? -5.44111  -5.41167  5.06636   1.000 7.17162  ? 99  VAL A CB  1 
ATOM   789  C CG1 . VAL A 1 99  ? -5.98639  -6.47958  4.11254   1.000 9.15647  ? 99  VAL A CG1 1 
ATOM   790  C CG2 . VAL A 1 99  ? -6.54672  -4.50963  5.66528   1.000 7.33233  ? 99  VAL A CG2 1 
ATOM   791  N N   . SER A 1 100 ? -4.77550  -8.38930  6.74506   1.000 15.35161 ? 100 SER A N   1 
ATOM   792  C CA  . SER A 1 100 ? -5.31229  -9.57190  7.39441   1.000 15.79815 ? 100 SER A CA  1 
ATOM   793  C C   . SER A 1 100 ? -4.58547  -9.91549  8.69058   1.000 15.49910 ? 100 SER A C   1 
ATOM   794  O O   . SER A 1 100 ? -4.90207  -10.94264 9.30452   1.000 20.35439 ? 100 SER A O   1 
ATOM   795  C CB  . SER A 1 100 ? -5.24082  -10.75161 6.41588   1.000 15.58397 ? 100 SER A CB  1 
ATOM   796  O OG  . SER A 1 100 ? -6.04494  -10.51435 5.26779   1.000 14.89056 ? 100 SER A OG  1 
ATOM   797  N N   . ASP A 1 101 ? -3.63504  -9.08498  9.13743   1.000 14.76777 ? 101 ASP A N   1 
ATOM   798  C CA  . ASP A 1 101 ? -2.78014  -9.45274  10.26771  1.000 16.61325 ? 101 ASP A CA  1 
ATOM   799  C C   . ASP A 1 101 ? -3.42672  -9.17809  11.61741  1.000 20.65959 ? 101 ASP A C   1 
ATOM   800  O O   . ASP A 1 101 ? -2.76695  -9.33635  12.65862  1.000 16.93578 ? 101 ASP A O   1 
ATOM   801  C CB  . ASP A 1 101 ? -1.39595  -8.76819  10.17081  1.000 13.69070 ? 101 ASP A CB  1 
ATOM   802  C CG  . ASP A 1 101 ? -1.38555  -7.28243  10.57562  1.000 22.95362 ? 101 ASP A CG  1 
ATOM   803  O OD1 . ASP A 1 101 ? -2.38950  -6.70913  11.05382  1.000 17.52088 ? 101 ASP A OD1 1 
ATOM   804  O OD2 . ASP A 1 101 ? -0.30687  -6.66849  10.41937  1.000 17.36511 ? 101 ASP A OD2 1 
ATOM   805  N N   . GLY A 1 102 ? -4.69616  -8.76965  11.62638  1.000 15.85076 ? 102 GLY A N   1 
ATOM   806  C CA  . GLY A 1 102 ? -5.44634  -8.55991  12.84608  1.000 21.67410 ? 102 GLY A CA  1 
ATOM   807  C C   . GLY A 1 102 ? -5.76336  -7.10726  13.12751  1.000 18.51253 ? 102 GLY A C   1 
ATOM   808  O O   . GLY A 1 102 ? -6.74189  -6.82334  13.83034  1.000 19.33036 ? 102 GLY A O   1 
ATOM   809  N N   . ASN A 1 103 ? -4.95987  -6.18171  12.60005  1.000 14.16343 ? 103 ASN A N   1 
ATOM   810  C CA  . ASN A 1 103 ? -5.18999  -4.75808  12.81001  1.000 11.91912 ? 103 ASN A CA  1 
ATOM   811  C C   . ASN A 1 103 ? -5.86055  -4.08166  11.62561  1.000 10.40797 ? 103 ASN A C   1 
ATOM   812  O O   . ASN A 1 103 ? -6.04418  -2.85795  11.65924  1.000 9.35509  ? 103 ASN A O   1 
ATOM   813  C CB  . ASN A 1 103 ? -3.87425  -4.03247  13.11658  1.000 17.35004 ? 103 ASN A CB  1 
ATOM   814  C CG  . ASN A 1 103 ? -3.43141  -4.21261  14.55474  1.000 29.72920 ? 103 ASN A CG  1 
ATOM   815  O OD1 . ASN A 1 103 ? -4.21043  -4.63347  15.41268  1.000 34.29957 ? 103 ASN A OD1 1 
ATOM   816  N ND2 . ASN A 1 103 ? -2.17271  -3.88712  14.82711  1.000 42.31265 ? 103 ASN A ND2 1 
ATOM   817  N N   . GLY A 1 104 ? -6.24642  -4.83337  10.59704  1.000 8.10396  ? 104 GLY A N   1 
ATOM   818  C CA  . GLY A 1 104 ? -6.93802  -4.19966  9.48363   1.000 7.78894  ? 104 GLY A CA  1 
ATOM   819  C C   . GLY A 1 104 ? -6.05128  -3.14109  8.85907   1.000 8.30255  ? 104 GLY A C   1 
ATOM   820  O O   . GLY A 1 104 ? -4.82710  -3.27861  8.83141   1.000 9.83534  ? 104 GLY A O   1 
ATOM   821  N N   . MET A 1 105 ? -6.65298  -2.05235  8.38635   1.000 7.35958  ? 105 MET A N   1 
ATOM   822  C CA  . MET A 1 105 ? -5.81249  -1.01590  7.79945   1.000 7.09537  ? 105 MET A CA  1 
ATOM   823  C C   . MET A 1 105 ? -5.08864  -0.15857  8.83140   1.000 6.33088  ? 105 MET A C   1 
ATOM   824  O O   . MET A 1 105 ? -4.27456  0.68403   8.42820   1.000 7.02873  ? 105 MET A O   1 
ATOM   825  C CB  . MET A 1 105 ? -6.59664  -0.13319  6.81314   1.000 5.74913  ? 105 MET A CB  1 
ATOM   826  C CG  . MET A 1 105 ? -6.96560  -0.85366  5.50696   1.000 5.06991  ? 105 MET A CG  1 
ATOM   827  S SD  . MET A 1 105 ? -7.63303  0.31166   4.27413   1.000 7.21347  ? 105 MET A SD  1 
ATOM   828  C CE  . MET A 1 105 ? -6.08897  1.02669   3.71070   1.000 6.31503  ? 105 MET A CE  1 
ATOM   829  N N   . ASN A 1 106 ? -5.26313  -0.40456  10.13305  1.000 6.49334  ? 106 ASN A N   1 
ATOM   830  C CA  . ASN A 1 106 ? -4.39805  0.24839   11.11212  1.000 5.68177  ? 106 ASN A CA  1 
ATOM   831  C C   . ASN A 1 106 ? -2.95439  -0.21372  10.98422  1.000 9.33096  ? 106 ASN A C   1 
ATOM   832  O O   . ASN A 1 106 ? -2.05288  0.43138   11.53654  1.000 8.48259  ? 106 ASN A O   1 
ATOM   833  C CB  . ASN A 1 106 ? -4.90169  -0.01934  12.52848  1.000 8.02401  ? 106 ASN A CB  1 
ATOM   834  C CG  . ASN A 1 106 ? -6.27534  0.54544   12.76585  1.000 8.26309  ? 106 ASN A CG  1 
ATOM   835  O OD1 . ASN A 1 106 ? -6.48164  1.77495   12.87501  1.000 9.70458  ? 106 ASN A OD1 1 
ATOM   836  N ND2 . ASN A 1 106 ? -7.23487  -0.35212  12.87622  1.000 10.24474 ? 106 ASN A ND2 1 
ATOM   837  N N   . ALA A 1 107 ? -2.72266  -1.29150  10.23784  1.000 8.26783  ? 107 ALA A N   1 
ATOM   838  C CA  . ALA A 1 107 ? -1.36376  -1.69973  9.89339   1.000 8.10107  ? 107 ALA A CA  1 
ATOM   839  C C   . ALA A 1 107 ? -0.59544  -0.59664  9.17870   1.000 9.89444  ? 107 ALA A C   1 
ATOM   840  O O   . ALA A 1 107 ? 0.63408   -0.55830  9.26644   1.000 11.59373 ? 107 ALA A O   1 
ATOM   841  C CB  . ALA A 1 107 ? -1.39736  -2.96095  9.03204   1.000 9.65110  ? 107 ALA A CB  1 
ATOM   842  N N   . TRP A 1 108 ? -1.28836  0.28267   8.45186   1.000 8.26858  ? 108 TRP A N   1 
ATOM   843  C CA  . TRP A 1 108 ? -0.68605  1.48012   7.85977   1.000 5.01726  ? 108 TRP A CA  1 
ATOM   844  C C   . TRP A 1 108 ? -0.90181  2.64946   8.80551   1.000 8.40479  ? 108 TRP A C   1 
ATOM   845  O O   . TRP A 1 108 ? -2.02667  3.12362   8.96365   1.000 8.02594  ? 108 TRP A O   1 
ATOM   846  C CB  . TRP A 1 108 ? -1.30177  1.77197   6.49699   1.000 6.82272  ? 108 TRP A CB  1 
ATOM   847  C CG  . TRP A 1 108 ? -0.86603  0.78853   5.46336   1.000 5.19477  ? 108 TRP A CG  1 
ATOM   848  C CD1 . TRP A 1 108 ? 0.24304   0.86796   4.68034   1.000 10.16689 ? 108 TRP A CD1 1 
ATOM   849  C CD2 . TRP A 1 108 ? -1.50547  -0.45059  5.13168   1.000 6.07729  ? 108 TRP A CD2 1 
ATOM   850  N NE1 . TRP A 1 108 ? 0.32179   -0.23604  3.86284   1.000 7.58975  ? 108 TRP A NE1 1 
ATOM   851  C CE2 . TRP A 1 108 ? -0.74603  -1.05609  4.12251   1.000 6.23289  ? 108 TRP A CE2 1 
ATOM   852  C CE3 . TRP A 1 108 ? -2.66021  -1.09762  5.58913   1.000 6.34009  ? 108 TRP A CE3 1 
ATOM   853  C CZ2 . TRP A 1 108 ? -1.08450  -2.28649  3.57407   1.000 7.93792  ? 108 TRP A CZ2 1 
ATOM   854  C CZ3 . TRP A 1 108 ? -3.01012  -2.30246  5.03454   1.000 8.80807  ? 108 TRP A CZ3 1 
ATOM   855  C CH2 . TRP A 1 108 ? -2.22923  -2.88742  4.02760   1.000 6.67256  ? 108 TRP A CH2 1 
ATOM   856  N N   . VAL A 1 109 ? 0.16507   3.10096   9.46383   1.000 10.59466 ? 109 VAL A N   1 
ATOM   857  C CA  . VAL A 1 109 ? -0.04910  4.12802   10.47635  1.000 13.10296 ? 109 VAL A CA  1 
ATOM   858  C C   . VAL A 1 109 ? -0.56047  5.40498   9.82148   1.000 13.04763 ? 109 VAL A C   1 
ATOM   859  O O   . VAL A 1 109 ? -1.38699  6.10781   10.41026  1.000 10.13486 ? 109 VAL A O   1 
ATOM   860  C CB  . VAL A 1 109 ? 1.22581   4.35251   11.32133  1.000 19.50405 ? 109 VAL A CB  1 
ATOM   861  C CG1 . VAL A 1 109 ? 2.31676   4.98935   10.52152  1.000 21.66272 ? 109 VAL A CG1 1 
ATOM   862  C CG2 . VAL A 1 109 ? 0.92125   5.23136   12.52017  1.000 24.27030 ? 109 VAL A CG2 1 
ATOM   863  N N   . ALA A 1 110 ? -0.15603  5.68373   8.57639   1.000 12.42238 ? 110 ALA A N   1 
ATOM   864  C CA  . ALA A 1 110 ? -0.68735  6.86673   7.90129   1.000 13.63012 ? 110 ALA A CA  1 
ATOM   865  C C   . ALA A 1 110 ? -2.17515  6.72991   7.60529   1.000 9.20823  ? 110 ALA A C   1 
ATOM   866  O O   . ALA A 1 110 ? -2.89739  7.72666   7.62267   1.000 11.91978 ? 110 ALA A O   1 
ATOM   867  C CB  . ALA A 1 110 ? 0.08244   7.15682   6.61557   1.000 13.80633 ? 110 ALA A CB  1 
ATOM   868  N N   . TRP A 1 111 ? -2.66475  5.52544   7.31560   1.000 9.22448  ? 111 TRP A N   1 
ATOM   869  C CA  . TRP A 1 111 ? -4.11122  5.37900   7.20881   1.000 6.77669  ? 111 TRP A CA  1 
ATOM   870  C C   . TRP A 1 111 ? -4.78431  5.69418   8.54398   1.000 7.64150  ? 111 TRP A C   1 
ATOM   871  O O   . TRP A 1 111 ? -5.73331  6.49137   8.60870   1.000 8.49922  ? 111 TRP A O   1 
ATOM   872  C CB  . TRP A 1 111 ? -4.48268  3.96803   6.72490   1.000 8.35703  ? 111 TRP A CB  1 
ATOM   873  C CG  . TRP A 1 111 ? -5.98569  3.79364   6.63492   1.000 7.23756  ? 111 TRP A CG  1 
ATOM   874  C CD1 . TRP A 1 111 ? -6.80208  4.13751   5.58872   1.000 6.96370  ? 111 TRP A CD1 1 
ATOM   875  C CD2 . TRP A 1 111 ? -6.83880  3.28841   7.66160   1.000 5.86435  ? 111 TRP A CD2 1 
ATOM   876  N NE1 . TRP A 1 111 ? -8.11627  3.85710   5.90574   1.000 8.12565  ? 111 TRP A NE1 1 
ATOM   877  C CE2 . TRP A 1 111 ? -8.16021  3.34247   7.17531   1.000 7.28231  ? 111 TRP A CE2 1 
ATOM   878  C CE3 . TRP A 1 111 ? -6.61201  2.79633   8.95019   1.000 7.20254  ? 111 TRP A CE3 1 
ATOM   879  C CZ2 . TRP A 1 111 ? -9.24825  2.90667   7.94095   1.000 7.18098  ? 111 TRP A CZ2 1 
ATOM   880  C CZ3 . TRP A 1 111 ? -7.68745  2.35936   9.70497   1.000 7.77585  ? 111 TRP A CZ3 1 
ATOM   881  C CH2 . TRP A 1 111 ? -8.98616  2.42050   9.19751   1.000 10.87570 ? 111 TRP A CH2 1 
ATOM   882  N N   . ARG A 1 112 ? -4.29313  5.09214   9.63566   1.000 9.05400  ? 112 ARG A N   1 
ATOM   883  C CA  . ARG A 1 112 ? -4.91794  5.31808   10.93659  1.000 7.38208  ? 112 ARG A CA  1 
ATOM   884  C C   . ARG A 1 112 ? -4.91142  6.79994   11.29123  1.000 6.51294  ? 112 ARG A C   1 
ATOM   885  O O   . ARG A 1 112 ? -5.90130  7.33326   11.80528  1.000 9.98312  ? 112 ARG A O   1 
ATOM   886  C CB  . ARG A 1 112 ? -4.20690  4.51129   12.03236  1.000 12.97183 ? 112 ARG A CB  1 
ATOM   887  C CG  . ARG A 1 112 ? -4.87687  4.68560   13.40088  1.000 16.05355 ? 112 ARG A CG  1 
ATOM   888  C CD  . ARG A 1 112 ? -4.28652  3.77282   14.46855  1.000 20.50801 ? 112 ARG A CD  1 
ATOM   889  N NE  . ARG A 1 112 ? -2.83128  3.80553   14.47295  1.000 30.72054 ? 112 ARG A NE  1 
ATOM   890  C CZ  . ARG A 1 112 ? -2.11466  4.64490   15.20826  1.000 38.55258 ? 112 ARG A CZ  1 
ATOM   891  N NH1 . ARG A 1 112 ? -2.69346  5.53453   16.00380  1.000 28.80118 ? 112 ARG A NH1 1 
ATOM   892  N NH2 . ARG A 1 112 ? -0.78648  4.59228   15.14450  1.000 30.18947 ? 112 ARG A NH2 1 
ATOM   893  N N   . ASN A 1 113 ? -3.83051  7.49525   10.96666  1.000 10.19625 ? 113 ASN A N   1 
ATOM   894  C CA  . ASN A 1 113 ? -3.69037  8.86150   11.45516  1.000 10.98063 ? 113 ASN A CA  1 
ATOM   895  C C   . ASN A 1 113 ? -4.27103  9.90706   10.51365  1.000 10.61535 ? 113 ASN A C   1 
ATOM   896  O O   . ASN A 1 113 ? -4.55218  11.02564  10.95756  1.000 13.52072 ? 113 ASN A O   1 
ATOM   897  C CB  . ASN A 1 113 ? -2.21297  9.16461   11.72524  1.000 10.73304 ? 113 ASN A CB  1 
ATOM   898  C CG  . ASN A 1 113 ? -1.72141  8.49421   12.99812  1.000 9.78728  ? 113 ASN A CG  1 
ATOM   899  O OD1 . ASN A 1 113 ? -2.49017  8.30159   13.94270  1.000 12.82760 ? 113 ASN A OD1 1 
ATOM   900  N ND2 . ASN A 1 113 ? -0.44795  8.13935   13.02613  1.000 11.57417 ? 113 ASN A ND2 1 
ATOM   901  N N   . ARG A 1 114 ? -4.45152  9.58599   9.22854   1.000 9.61690  ? 114 ARG A N   1 
ATOM   902  C CA  . ARG A 1 114 ? -4.84295  10.59422  8.24454   1.000 9.25534  ? 114 ARG A CA  1 
ATOM   903  C C   . ARG A 1 114 ? -6.02548  10.21620  7.38415   1.000 11.03608 ? 114 ARG A C   1 
ATOM   904  O O   . ARG A 1 114 ? -6.56787  11.09754  6.70000   1.000 11.81856 ? 114 ARG A O   1 
ATOM   905  C CB  . ARG A 1 114 ? -3.65891  10.91258  7.33122   1.000 8.33634  ? 114 ARG A CB  1 
ATOM   906  C CG  . ARG A 1 114 ? -2.45158  11.25505  8.16652   1.000 9.21621  ? 114 ARG A CG  1 
ATOM   907  C CD  . ARG A 1 114 ? -1.26465  11.55702  7.35087   1.000 10.06448 ? 114 ARG A CD  1 
ATOM   908  N NE  . ARG A 1 114 ? -1.34778  12.85726  6.69375   1.000 8.71036  ? 114 ARG A NE  1 
ATOM   909  C CZ  . ARG A 1 114 ? -0.34283  13.36542  5.99482   1.000 11.32387 ? 114 ARG A CZ  1 
ATOM   910  N NH1 . ARG A 1 114 ? 0.80336   12.72013  5.88501   1.000 10.25342 ? 114 ARG A NH1 1 
ATOM   911  N NH2 . ARG A 1 114 ? -0.48597  14.55429  5.41392   1.000 10.11083 ? 114 ARG A NH2 1 
ATOM   912  N N   . CYS A 1 115 ? -6.44112  8.95911   7.38212   1.000 6.61929  ? 115 CYS A N   1 
ATOM   913  C CA  . CYS A 1 115 ? -7.57938  8.55533   6.56743   1.000 7.59873  ? 115 CYS A CA  1 
ATOM   914  C C   . CYS A 1 115 ? -8.74228  8.06932   7.39782   1.000 6.30371  ? 115 CYS A C   1 
ATOM   915  O O   . CYS A 1 115 ? -9.90629  8.36371   7.08508   1.000 9.46222  ? 115 CYS A O   1 
ATOM   916  C CB  . CYS A 1 115 ? -7.16908  7.42691   5.61996   1.000 7.33891  ? 115 CYS A CB  1 
ATOM   917  S SG  . CYS A 1 115 ? -5.91075  7.91063   4.43966   1.000 7.98749  ? 115 CYS A SG  1 
ATOM   918  N N   . LYS A 1 116 ? -8.44002  7.30084   8.44624   1.000 7.96161  ? 116 LYS A N   1 
ATOM   919  C CA  . LYS A 1 116 ? -9.45884  6.67229   9.26724   1.000 6.18351  ? 116 LYS A CA  1 
ATOM   920  C C   . LYS A 1 116 ? -10.45046 7.70120   9.77602   1.000 11.56399 ? 116 LYS A C   1 
ATOM   921  O O   . LYS A 1 116 ? -10.05935 8.72844   10.34016  1.000 10.99703 ? 116 LYS A O   1 
ATOM   922  C CB  . LYS A 1 116 ? -8.78633  5.95830   10.43363  1.000 10.78621 ? 116 LYS A CB  1 
ATOM   923  C CG  . LYS A 1 116 ? -9.72401  5.22396   11.37139  1.000 8.00532  ? 116 LYS A CG  1 
ATOM   924  C CD  . LYS A 1 116 ? -8.89881  4.46483   12.39730  1.000 9.86319  ? 116 LYS A CD  1 
ATOM   925  C CE  . LYS A 1 116 ? -9.75736  3.70016   13.40106  1.000 11.28722 ? 116 LYS A CE  1 
ATOM   926  N NZ  . LYS A 1 116 ? -8.85223  2.93802   14.32148  1.000 11.41282 ? 116 LYS A NZ  1 
ATOM   927  N N   . GLY A 1 117 ? -11.73490 7.43005   9.53832   1.000 12.99107 ? 117 GLY A N   1 
ATOM   928  C CA  . GLY A 1 117 ? -12.79792 8.26427   10.04958  1.000 12.21250 ? 117 GLY A CA  1 
ATOM   929  C C   . GLY A 1 117 ? -13.12534 9.47343   9.21041   1.000 17.20599 ? 117 GLY A C   1 
ATOM   930  O O   . GLY A 1 117 ? -14.06628 10.20292  9.55052   1.000 21.38275 ? 117 GLY A O   1 
ATOM   931  N N   . THR A 1 118 ? -12.38686 9.71157   8.13486   1.000 12.17716 ? 118 THR A N   1 
ATOM   932  C CA  . THR A 1 118 ? -12.67964 10.78628  7.20005   1.000 11.89086 ? 118 THR A CA  1 
ATOM   933  C C   . THR A 1 118 ? -13.61271 10.30008  6.09527   1.000 12.60121 ? 118 THR A C   1 
ATOM   934  O O   . THR A 1 118 ? -13.96241 9.12009   6.00207   1.000 12.78662 ? 118 THR A O   1 
ATOM   935  C CB  . THR A 1 118 ? -11.38652 11.33570  6.58144   1.000 12.16266 ? 118 THR A CB  1 
ATOM   936  O OG1 . THR A 1 118 ? -10.80617 10.36940  5.68587   1.000 11.77893 ? 118 THR A OG1 1 
ATOM   937  C CG2 . THR A 1 118 ? -10.37213 11.68308  7.66683   1.000 15.20940 ? 118 THR A CG2 1 
ATOM   938  N N   . ASP A 1 119 ? -14.02593 11.24533  5.25342   1.000 14.17649 ? 119 ASP A N   1 
ATOM   939  C CA  . ASP A 1 119 ? -14.86943 10.96878  4.09322   1.000 15.39320 ? 119 ASP A CA  1 
ATOM   940  C C   . ASP A 1 119 ? -13.99044 10.41657  2.96612   1.000 14.07975 ? 119 ASP A C   1 
ATOM   941  O O   . ASP A 1 119 ? -13.69478 11.08043  1.97283   1.000 14.12718 ? 119 ASP A O   1 
ATOM   942  C CB  . ASP A 1 119 ? -15.58862 12.24660  3.68574   1.000 16.07251 ? 119 ASP A CB  1 
ATOM   943  C CG  . ASP A 1 119 ? -16.48117 12.06732  2.48738   1.000 24.77756 ? 119 ASP A CG  1 
ATOM   944  O OD1 . ASP A 1 119 ? -17.02908 10.96165  2.31135   1.000 26.14677 ? 119 ASP A OD1 1 
ATOM   945  O OD2 . ASP A 1 119 ? -16.62880 13.04704  1.71945   1.000 22.70264 ? 119 ASP A OD2 1 
ATOM   946  N N   . VAL A 1 120 ? -13.53742 9.17300   3.15262   1.000 12.50274 ? 120 VAL A N   1 
ATOM   947  C CA  . VAL A 1 120 ? -12.57651 8.59365   2.21230   1.000 9.56513  ? 120 VAL A CA  1 
ATOM   948  C C   . VAL A 1 120 ? -13.17179 8.40352   0.82719   1.000 12.06035 ? 120 VAL A C   1 
ATOM   949  O O   . VAL A 1 120 ? -12.42893 8.28642   -0.15219  1.000 10.88479 ? 120 VAL A O   1 
ATOM   950  C CB  . VAL A 1 120 ? -12.00753 7.24771   2.73800   1.000 8.99408  ? 120 VAL A CB  1 
ATOM   951  C CG1 . VAL A 1 120 ? -11.17016 7.47257   3.98481   1.000 10.92273 ? 120 VAL A CG1 1 
ATOM   952  C CG2 . VAL A 1 120 ? -13.11237 6.23590   2.97078   1.000 11.15665 ? 120 VAL A CG2 1 
ATOM   953  N N   . GLN A 1 121 ? -14.49880 8.35035   0.71259   1.000 11.94890 ? 121 GLN A N   1 
ATOM   954  C CA  . GLN A 1 121 ? -15.09842 8.21103   -0.60490  1.000 10.52633 ? 121 GLN A CA  1 
ATOM   955  C C   . GLN A 1 121 ? -14.77246 9.39732   -1.50602  1.000 11.60491 ? 121 GLN A C   1 
ATOM   956  O O   . GLN A 1 121 ? -14.72746 9.23370   -2.73072  1.000 13.95483 ? 121 GLN A O   1 
ATOM   957  C CB  . GLN A 1 121 ? -16.60741 8.02266   -0.46574  1.000 14.72963 ? 121 GLN A CB  1 
ATOM   958  C CG  . GLN A 1 121 ? -17.28505 7.58329   -1.74217  1.000 20.20294 ? 121 GLN A CG  1 
ATOM   959  C CD  . GLN A 1 121 ? -18.76277 7.33818   -1.53207  1.000 49.50083 ? 121 GLN A CD  1 
ATOM   960  O OE1 . GLN A 1 121 ? -19.26907 6.23549   -1.74673  1.000 56.57955 ? 121 GLN A OE1 1 
ATOM   961  N NE2 . GLN A 1 121 ? -19.45962 8.36980   -1.07240  1.000 33.99274 ? 121 GLN A NE2 1 
ATOM   962  N N   . ALA A 1 122 ? -14.47298 10.56530  -0.93339  1.000 10.67872 ? 122 ALA A N   1 
ATOM   963  C CA  . ALA A 1 122 ? -14.00401 11.68509  -1.74703  1.000 11.23401 ? 122 ALA A CA  1 
ATOM   964  C C   . ALA A 1 122 ? -12.81257 11.31065  -2.61689  1.000 17.29465 ? 122 ALA A C   1 
ATOM   965  O O   . ALA A 1 122 ? -12.58028 11.94516  -3.65096  1.000 14.13989 ? 122 ALA A O   1 
ATOM   966  C CB  . ALA A 1 122 ? -13.63489 12.86309  -0.84726  1.000 14.14569 ? 122 ALA A CB  1 
ATOM   967  N N   . TRP A 1 123 ? -12.05194 10.28152  -2.24049  1.000 12.99973 ? 123 TRP A N   1 
ATOM   968  C CA  . TRP A 1 123 ? -10.89456 9.91266   -3.04458  1.000 11.96348 ? 123 TRP A CA  1 
ATOM   969  C C   . TRP A 1 123 ? -11.25398 9.22723   -4.35632  1.000 13.24794 ? 123 TRP A C   1 
ATOM   970  O O   . TRP A 1 123 ? -10.42187 9.21374   -5.27206  1.000 12.81428 ? 123 TRP A O   1 
ATOM   971  C CB  . TRP A 1 123 ? -9.95055  9.02757   -2.22009  1.000 10.30461 ? 123 TRP A CB  1 
ATOM   972  C CG  . TRP A 1 123 ? -9.21491  9.83340   -1.21286  1.000 8.89166  ? 123 TRP A CG  1 
ATOM   973  C CD1 . TRP A 1 123 ? -9.47977  9.94684   0.11530   1.000 8.53897  ? 123 TRP A CD1 1 
ATOM   974  C CD2 . TRP A 1 123 ? -8.09815  10.68854  -1.47518  1.000 10.10841 ? 123 TRP A CD2 1 
ATOM   975  N NE1 . TRP A 1 123 ? -8.58720  10.82231  0.70283   1.000 10.29180 ? 123 TRP A NE1 1 
ATOM   976  C CE2 . TRP A 1 123 ? -7.73402  11.29171  -0.26127  1.000 12.11786 ? 123 TRP A CE2 1 
ATOM   977  C CE3 . TRP A 1 123 ? -7.38206  11.01581  -2.63452  1.000 13.15843 ? 123 TRP A CE3 1 
ATOM   978  C CZ2 . TRP A 1 123 ? -6.65853  12.17954  -0.16475  1.000 13.49003 ? 123 TRP A CZ2 1 
ATOM   979  C CZ3 . TRP A 1 123 ? -6.33020  11.89772  -2.54042  1.000 14.14458 ? 123 TRP A CZ3 1 
ATOM   980  C CH2 . TRP A 1 123 ? -5.98347  12.47933  -1.31576  1.000 13.88179 ? 123 TRP A CH2 1 
ATOM   981  N N   . ILE A 1 124 ? -12.45218 8.66466   -4.50026  1.000 13.65025 ? 124 ILE A N   1 
ATOM   982  C CA  A ILE A 1 124 ? -12.83070 8.00990   -5.74875  0.751 14.68841 ? 124 ILE A CA  1 
ATOM   983  C CA  B ILE A 1 124 ? -12.83682 8.00403   -5.74444  0.249 14.83307 ? 124 ILE A CA  1 
ATOM   984  C C   . ILE A 1 124 ? -13.94766 8.72710   -6.49048  1.000 17.08071 ? 124 ILE A C   1 
ATOM   985  O O   . ILE A 1 124 ? -14.25742 8.33817   -7.62908  1.000 15.43140 ? 124 ILE A O   1 
ATOM   986  C CB  A ILE A 1 124 ? -13.22386 6.53434   -5.52860  0.751 16.89864 ? 124 ILE A CB  1 
ATOM   987  C CB  B ILE A 1 124 ? -13.24465 6.53492   -5.50810  0.249 16.83570 ? 124 ILE A CB  1 
ATOM   988  C CG1 A ILE A 1 124 ? -14.41450 6.42749   -4.57806  0.751 17.34780 ? 124 ILE A CG1 1 
ATOM   989  C CG1 B ILE A 1 124 ? -14.50132 6.46013   -4.64262  0.249 17.44569 ? 124 ILE A CG1 1 
ATOM   990  C CG2 A ILE A 1 124 ? -12.02489 5.73510   -5.01638  0.751 16.81109 ? 124 ILE A CG2 1 
ATOM   991  C CG2 B ILE A 1 124 ? -12.09803 5.75870   -4.87318  0.249 16.58249 ? 124 ILE A CG2 1 
ATOM   992  C CD1 A ILE A 1 124 ? -15.07464 5.06371   -4.59134  0.751 24.12168 ? 124 ILE A CD1 1 
ATOM   993  C CD1 B ILE A 1 124 ? -15.09389 5.07274   -4.56335  0.249 23.81225 ? 124 ILE A CD1 1 
ATOM   994  N N   . ARG A 1 125 ? -14.55975 9.74755   -5.90333  0.885 16.78728 ? 125 ARG A N   1 
ATOM   995  C CA  . ARG A 1 125 ? -15.63276 10.44415  -6.59972  0.885 16.71704 ? 125 ARG A CA  1 
ATOM   996  C C   . ARG A 1 125 ? -15.09163 11.15484  -7.83099  0.885 19.47199 ? 125 ARG A C   1 
ATOM   997  O O   . ARG A 1 125 ? -13.98176 11.68722  -7.82425  0.885 17.64777 ? 125 ARG A O   1 
ATOM   998  C CB  . ARG A 1 125 ? -16.32774 11.40718  -5.64625  0.885 20.84969 ? 125 ARG A CB  1 
ATOM   999  C CG  . ARG A 1 125 ? -16.65260 10.69573  -4.35151  0.885 24.26809 ? 125 ARG A CG  1 
ATOM   1000 C CD  . ARG A 1 125 ? -17.95480 11.11084  -3.75124  0.885 31.23588 ? 125 ARG A CD  1 
ATOM   1001 N NE  . ARG A 1 125 ? -17.80455 12.46572  -3.25323  0.885 24.99093 ? 125 ARG A NE  1 
ATOM   1002 C CZ  . ARG A 1 125 ? -17.76840 12.77301  -1.96704  0.885 21.82272 ? 125 ARG A CZ  1 
ATOM   1003 N NH1 . ARG A 1 125 ? -17.88753 11.84251  -1.03294  0.885 29.13482 ? 125 ARG A NH1 1 
ATOM   1004 N NH2 . ARG A 1 125 ? -17.59538 14.04207  -1.60819  0.885 36.62829 ? 125 ARG A NH2 1 
ATOM   1005 N N   . GLY A 1 126 ? -15.86432 11.10904  -8.91307  1.000 19.62847 ? 126 GLY A N   1 
ATOM   1006 C CA  . GLY A 1 126 ? -15.41720 11.63206  -10.18370 1.000 20.78307 ? 126 GLY A CA  1 
ATOM   1007 C C   . GLY A 1 126 ? -14.49407 10.72481  -10.96863 1.000 21.33583 ? 126 GLY A C   1 
ATOM   1008 O O   . GLY A 1 126 ? -14.02883 11.12643  -12.04434 1.000 27.99665 ? 126 GLY A O   1 
ATOM   1009 N N   . CYS A 1 127 ? -14.21069 9.52350   -10.46760 1.000 15.63927 ? 127 CYS A N   1 
ATOM   1010 C CA  . CYS A 1 127 ? -13.38994 8.53694   -11.15543 1.000 22.79248 ? 127 CYS A CA  1 
ATOM   1011 C C   . CYS A 1 127 ? -14.27503 7.52714   -11.86527 1.000 16.64795 ? 127 CYS A C   1 
ATOM   1012 O O   . CYS A 1 127 ? -15.25432 7.03791   -11.29849 1.000 18.80206 ? 127 CYS A O   1 
ATOM   1013 C CB  . CYS A 1 127 ? -12.48589 7.78020   -10.17890 1.000 17.39594 ? 127 CYS A CB  1 
ATOM   1014 S SG  . CYS A 1 127 ? -11.34150 8.79124   -9.23222  1.000 14.26994 ? 127 CYS A SG  1 
ATOM   1015 N N   . ARG A 1 128 ? -13.90294 7.18037   -13.08907 1.000 17.95978 ? 128 ARG A N   1 
ATOM   1016 C CA  . ARG A 1 128 ? -14.60067 6.12500   -13.81222 1.000 24.45034 ? 128 ARG A CA  1 
ATOM   1017 C C   . ARG A 1 128 ? -14.15504 4.77671   -13.25420 1.000 35.05936 ? 128 ARG A C   1 
ATOM   1018 O O   . ARG A 1 128 ? -13.02631 4.33985   -13.49932 1.000 42.56178 ? 128 ARG A O   1 
ATOM   1019 C CB  . ARG A 1 128 ? -14.31999 6.24046   -15.30683 1.000 33.26735 ? 128 ARG A CB  1 
ATOM   1020 C CG  . ARG A 1 128 ? -15.41879 5.67558   -16.17866 1.000 34.78517 ? 128 ARG A CG  1 
ATOM   1021 C CD  . ARG A 1 128 ? -15.31603 6.22407   -17.58136 1.000 43.27936 ? 128 ARG A CD  1 
ATOM   1022 N NE  . ARG A 1 128 ? -16.05011 7.47158   -17.76484 1.000 55.19021 ? 128 ARG A NE  1 
ATOM   1023 C CZ  . ARG A 1 128 ? -17.36171 7.54882   -17.94868 1.000 48.04858 ? 128 ARG A CZ  1 
ATOM   1024 N NH1 . ARG A 1 128 ? -18.12394 6.46691   -17.95742 1.000 39.59623 ? 128 ARG A NH1 1 
ATOM   1025 N NH2 . ARG A 1 128 ? -17.92245 8.74158   -18.12627 1.000 49.90315 ? 128 ARG A NH2 1 
ATOM   1026 N N   . LEU A 1 129 ? -15.02712 4.13136   -12.48163 1.000 33.71890 ? 129 LEU A N   1 
ATOM   1027 C CA  . LEU A 1 129 ? -14.71632 2.84299   -11.85022 1.000 45.88465 ? 129 LEU A CA  1 
ATOM   1028 C C   . LEU A 1 129 ? -15.87013 1.85451   -11.94508 1.000 57.17866 ? 129 LEU A C   1 
ATOM   1029 O O   . LEU A 1 129 ? -17.04528 2.22571   -11.90756 1.000 58.66777 ? 129 LEU A O   1 
ATOM   1030 C CB  . LEU A 1 129 ? -14.35857 3.02207   -10.37569 1.000 37.30009 ? 129 LEU A CB  1 
ATOM   1031 C CG  . LEU A 1 129 ? -13.38948 4.12290   -9.97298  1.000 30.84919 ? 129 LEU A CG  1 
ATOM   1032 C CD1 . LEU A 1 129 ? -13.45036 4.30857   -8.48170  1.000 32.97439 ? 129 LEU A CD1 1 
ATOM   1033 C CD2 . LEU A 1 129 ? -11.98864 3.75919   -10.41399 1.000 35.04623 ? 129 LEU A CD2 1 
ATOM   1034 O OXT . LEU A 1 129 ? -15.65513 0.64598   -12.05563 1.000 54.00865 ? 129 LEU A OXT 1 
HETATM 1035 C CAA . 34G B 2 .   ? -10.67295 15.96286  -6.95161  1.000 21.26816 ? 201 34G A CAA 1 
HETATM 1036 C CAJ . 34G B 2 .   ? -9.94367  16.74302  -5.87619  1.000 32.38712 ? 201 34G A CAJ 1 
HETATM 1037 C CBE . 34G B 2 .   ? -8.85192  15.92434  -5.21312  1.000 19.67461 ? 201 34G A CBE 1 
HETATM 1038 C CAQ . 34G B 2 .   ? -9.46931  14.77835  -4.38743  1.000 18.18912 ? 201 34G A CAQ 1 
HETATM 1039 N NBI . 34G B 2 .   ? -9.52241  15.02840  -2.91491  1.000 16.21344 ? 201 34G A NBI 1 
HETATM 1040 C CAN . 34G B 2 .   ? -9.84001  13.80202  -2.15177  1.000 14.66394 ? 201 34G A CAN 1 
HETATM 1041 C CAM . 34G B 2 .   ? -10.11122 14.20007  -0.70148  1.000 18.78044 ? 201 34G A CAM 1 
HETATM 1042 C CAX . 34G B 2 .   ? -8.84082  14.77064  -0.11705  1.000 15.25984 ? 201 34G A CAX 1 
HETATM 1043 C CAG . 34G B 2 .   ? -8.53196  14.59192  1.22951   1.000 16.44029 ? 201 34G A CAG 1 
HETATM 1044 C CAZ . 34G B 2 .   ? -7.34501  15.11397  1.73954   1.000 19.71405 ? 201 34G A CAZ 1 
HETATM 1045 O OAT . 34G B 2 .   ? -6.99161  14.95166  3.05497   1.000 19.35748 ? 201 34G A OAT 1 
HETATM 1046 C CAC . 34G B 2 .   ? -7.72387  14.05815  3.89825   1.000 21.71157 ? 201 34G A CAC 1 
HETATM 1047 C CBB . 34G B 2 .   ? -6.48066  15.80746  0.92261   1.000 12.74198 ? 201 34G A CBB 1 
HETATM 1048 O OAV . 34G B 2 .   ? -5.32422  16.30299  1.46406   1.000 17.97589 ? 201 34G A OAV 1 
HETATM 1049 C CAE . 34G B 2 .   ? -4.24810  16.70427  0.61618   1.000 20.75516 ? 201 34G A CAE 1 
HETATM 1050 C CAI . 34G B 2 .   ? -6.78213  15.98465  -0.42191  1.000 16.64132 ? 201 34G A CAI 1 
HETATM 1051 C CBD . 34G B 2 .   ? -7.95259  15.44111  -0.94178  1.000 15.42104 ? 201 34G A CBD 1 
HETATM 1052 C CBH . 34G B 2 .   ? -8.30864  15.71229  -2.36301  1.000 26.04106 ? 201 34G A CBH 1 
HETATM 1053 C CAP . 34G B 2 .   ? -7.17172  15.87529  -3.35864  1.000 28.26011 ? 201 34G A CAP 1 
HETATM 1054 C CBF . 34G B 2 .   ? -7.97447  16.76719  -4.29176  1.000 20.79771 ? 201 34G A CBF 1 
HETATM 1055 C CAO . 34G B 2 .   ? -7.27374  18.03497  -4.81558  1.000 28.18021 ? 201 34G A CAO 1 
HETATM 1056 C CBG . 34G B 2 .   ? -6.05244  18.07955  -5.73470  1.000 25.02213 ? 201 34G A CBG 1 
HETATM 1057 N NAR . 34G B 2 .   ? -4.91716  17.18612  -5.48840  1.000 30.85916 ? 201 34G A NAR 1 
HETATM 1058 C CAK . 34G B 2 .   ? -3.97781  17.26511  -6.63846  1.000 18.64297 ? 201 34G A CAK 1 
HETATM 1059 C CAL . 34G B 2 .   ? -3.73575  18.66190  -7.24285  1.000 14.58315 ? 201 34G A CAL 1 
HETATM 1060 C CAW . 34G B 2 .   ? -4.43312  19.76930  -6.47764  1.000 18.90620 ? 201 34G A CAW 1 
HETATM 1061 C CAF . 34G B 2 .   ? -3.96019  21.08034  -6.52130  1.000 13.26130 ? 201 34G A CAF 1 
HETATM 1062 C CBC . 34G B 2 .   ? -5.54989  19.47794  -5.72558  1.000 16.25674 ? 201 34G A CBC 1 
HETATM 1063 C CAH . 34G B 2 .   ? -6.20215  20.48904  -5.02153  1.000 12.53855 ? 201 34G A CAH 1 
HETATM 1064 C CBA . 34G B 2 .   ? -5.72502  21.79445  -5.06546  1.000 13.80976 ? 201 34G A CBA 1 
HETATM 1065 O OAU . 34G B 2 .   ? -6.33342  22.81380  -4.38013  1.000 16.35753 ? 201 34G A OAU 1 
HETATM 1066 C CAD . 34G B 2 .   ? -7.47574  22.54877  -3.56245  1.000 20.67517 ? 201 34G A CAD 1 
HETATM 1067 C CAY . 34G B 2 .   ? -4.60283  22.08934  -5.81473  1.000 20.35633 ? 201 34G A CAY 1 
HETATM 1068 O OAS . 34G B 2 .   ? -4.15259  23.38688  -5.84382  1.000 18.24220 ? 201 34G A OAS 1 
HETATM 1069 C CAB . 34G B 2 .   ? -3.03702  23.74353  -6.65611  1.000 22.56334 ? 201 34G A CAB 1 
HETATM 1070 O O   . HOH C 3 .   ? 12.57379  -9.05007  5.16897   1.000 7.75322  ? 301 HOH A O   1 
HETATM 1071 O O   . HOH C 3 .   ? 2.24225   4.44123   7.72017   1.000 17.09076 ? 302 HOH A O   1 
HETATM 1072 O O   . HOH C 3 .   ? 7.49453   2.07465   -10.74543 1.000 22.03357 ? 303 HOH A O   1 
HETATM 1073 O O   . HOH C 3 .   ? -12.52610 2.00962   -13.98355 1.000 39.54330 ? 304 HOH A O   1 
HETATM 1074 O O   . HOH C 3 .   ? 3.46621   -15.79272 0.37714   1.000 27.01145 ? 305 HOH A O   1 
HETATM 1075 O O   . HOH C 3 .   ? 4.24909   0.18538   -5.42579  1.000 21.76587 ? 306 HOH A O   1 
HETATM 1076 O O   . HOH C 3 .   ? 1.54330   -8.21161  -13.72738 1.000 35.94964 ? 307 HOH A O   1 
HETATM 1077 O O   . HOH C 3 .   ? 13.95501  -13.22170 10.59651  1.000 32.20701 ? 308 HOH A O   1 
HETATM 1078 O O   . HOH C 3 .   ? -15.87144 -7.52146  1.30399   1.000 23.14617 ? 309 HOH A O   1 
HETATM 1079 O O   . HOH C 3 .   ? -18.87259 13.61733  0.62173   1.000 28.22671 ? 310 HOH A O   1 
HETATM 1080 O O   . HOH C 3 .   ? -3.28689  -8.18044  -14.96239 1.000 33.62481 ? 311 HOH A O   1 
HETATM 1081 O O   . HOH C 3 .   ? 3.66568   -0.96931  -7.43703  1.000 14.12982 ? 312 HOH A O   1 
HETATM 1082 O O   . HOH C 3 .   ? -2.22651  -11.99454 -1.10688  1.000 23.35911 ? 313 HOH A O   1 
HETATM 1083 O O   . HOH C 3 .   ? 4.75765   4.68197   6.41648   1.000 20.01411 ? 314 HOH A O   1 
HETATM 1084 O O   . HOH C 3 .   ? 0.07895   -4.44739  11.70060  1.000 22.00773 ? 315 HOH A O   1 
HETATM 1085 O O   . HOH C 3 .   ? 9.73744   0.17823   11.56830  1.000 29.84728 ? 316 HOH A O   1 
HETATM 1086 O O   . HOH C 3 .   ? -0.81335  11.98205  -9.16380  1.000 19.19887 ? 317 HOH A O   1 
HETATM 1087 O O   . HOH C 3 .   ? -1.11659  2.16663   13.37929  1.000 34.38652 ? 318 HOH A O   1 
HETATM 1088 O O   . HOH C 3 .   ? -16.89176 -0.96577  2.33488   1.000 29.69943 ? 319 HOH A O   1 
HETATM 1089 O O   . HOH C 3 .   ? -15.96819 15.44361  2.59445   1.000 35.50028 ? 320 HOH A O   1 
HETATM 1090 O O   . HOH C 3 .   ? 0.85265   0.68510   -14.23877 1.000 22.29798 ? 321 HOH A O   1 
HETATM 1091 O O   . HOH C 3 .   ? -7.68214  14.16556  -8.87418  1.000 31.99455 ? 322 HOH A O   1 
HETATM 1092 O O   . HOH C 3 .   ? -6.99008  -11.80158 10.69046  1.000 30.09280 ? 323 HOH A O   1 
HETATM 1093 O O   . HOH C 3 .   ? 1.91711   -2.56138  10.43538  1.000 17.76267 ? 324 HOH A O   1 
HETATM 1094 O O   . HOH C 3 .   ? 3.13930   8.57065   5.52057   1.000 14.89590 ? 325 HOH A O   1 
HETATM 1095 O O   . HOH C 3 .   ? -7.28314  7.74516   14.03857  1.000 22.84638 ? 326 HOH A O   1 
HETATM 1096 O O   . HOH C 3 .   ? 1.73806   3.54812   -17.12861 1.000 31.93533 ? 327 HOH A O   1 
HETATM 1097 O O   . HOH C 3 .   ? -6.36044  13.74641  6.90656   1.000 16.65929 ? 328 HOH A O   1 
HETATM 1098 O O   . HOH C 3 .   ? -17.33183 -2.41111  5.08096   1.000 17.46611 ? 329 HOH A O   1 
HETATM 1099 O O   . HOH C 3 .   ? 9.39190   9.38446   5.83287   1.000 31.97172 ? 330 HOH A O   1 
HETATM 1100 O O   . HOH C 3 .   ? 12.82460  5.99667   -3.37434  1.000 8.69208  ? 331 HOH A O   1 
HETATM 1101 O O   . HOH C 3 .   ? 6.77374   9.71976   -2.95539  1.000 19.64894 ? 332 HOH A O   1 
HETATM 1102 O O   . HOH C 3 .   ? 3.64658   -16.08384 4.39203   1.000 21.37787 ? 333 HOH A O   1 
HETATM 1103 O O   . HOH C 3 .   ? -16.15774 6.62297   -8.44461  1.000 22.65170 ? 334 HOH A O   1 
HETATM 1104 O O   . HOH C 3 .   ? 3.99866   1.88574   6.08063   1.000 29.57202 ? 335 HOH A O   1 
HETATM 1105 O O   . HOH C 3 .   ? 8.05990   7.28788   -10.07102 1.000 12.85785 ? 336 HOH A O   1 
HETATM 1106 O O   . HOH C 3 .   ? 8.41792   -16.57649 3.75451   1.000 35.26408 ? 337 HOH A O   1 
HETATM 1107 O O   . HOH C 3 .   ? 17.77929  -12.23524 2.94734   1.000 34.98651 ? 338 HOH A O   1 
HETATM 1108 O O   . HOH C 3 .   ? 1.29311   12.60061  0.46101   1.000 20.53354 ? 339 HOH A O   1 
HETATM 1109 O O   . HOH C 3 .   ? 0.79723   8.08206   -14.19589 1.000 25.87595 ? 340 HOH A O   1 
HETATM 1110 O O   . HOH C 3 .   ? 8.37038   5.01938   -13.35384 1.000 23.51279 ? 341 HOH A O   1 
HETATM 1111 O O   . HOH C 3 .   ? -3.37660  -8.36961  -7.35391  1.000 28.28819 ? 342 HOH A O   1 
HETATM 1112 O O   . HOH C 3 .   ? 16.13484  -2.12679  4.75593   1.000 11.81682 ? 343 HOH A O   1 
HETATM 1113 O O   . HOH C 3 .   ? -9.07628  -9.65257  10.20333  1.000 31.10273 ? 344 HOH A O   1 
HETATM 1114 O O   . HOH C 3 .   ? -13.56965 14.23277  -4.75983  1.000 25.64901 ? 345 HOH A O   1 
HETATM 1115 O O   . HOH C 3 .   ? 2.12758   -15.98464 6.82676   1.000 23.43681 ? 346 HOH A O   1 
HETATM 1116 O O   . HOH C 3 .   ? -11.07028 17.14432  -2.13045  1.000 19.64204 ? 347 HOH A O   1 
HETATM 1117 O O   . HOH C 3 .   ? 9.67155   -14.41256 -4.59837  1.000 29.28117 ? 348 HOH A O   1 
HETATM 1118 O O   . HOH C 3 .   ? 10.98559  -2.71525  -9.42803  1.000 17.71906 ? 349 HOH A O   1 
HETATM 1119 O O   . HOH C 3 .   ? -14.57718 10.91879  12.18287  1.000 31.90329 ? 350 HOH A O   1 
HETATM 1120 O O   . HOH C 3 .   ? -10.87546 -1.35599  -12.41774 1.000 29.78002 ? 351 HOH A O   1 
HETATM 1121 O O   . HOH C 3 .   ? -7.91121  4.94698   15.99041  1.000 20.57508 ? 352 HOH A O   1 
HETATM 1122 O O   . HOH C 3 .   ? -13.22491 -3.63679  7.83096   1.000 13.04137 ? 353 HOH A O   1 
HETATM 1123 O O   . HOH C 3 .   ? -7.51185  9.66766   10.93145  1.000 13.24176 ? 354 HOH A O   1 
HETATM 1124 O O   . HOH C 3 .   ? 14.65334  7.11075   3.72066   1.000 17.66779 ? 355 HOH A O   1 
HETATM 1125 O O   . HOH C 3 .   ? -2.46605  -9.68386  15.40445  1.000 21.32651 ? 356 HOH A O   1 
HETATM 1126 O O   . HOH C 3 .   ? -14.15042 6.57637   7.12643   1.000 16.96744 ? 357 HOH A O   1 
HETATM 1127 O O   . HOH C 3 .   ? -11.95276 13.20989  2.42964   1.000 21.24393 ? 358 HOH A O   1 
HETATM 1128 O O   . HOH C 3 .   ? -11.03601 10.94202  11.72745  1.000 27.30727 ? 359 HOH A O   1 
HETATM 1129 O O   . HOH C 3 .   ? 6.97689   5.40912   4.97715   1.000 15.06031 ? 360 HOH A O   1 
HETATM 1130 O O   . HOH C 3 .   ? -6.92784  -7.73588  10.15710  1.000 11.85271 ? 361 HOH A O   1 
HETATM 1131 O O   . HOH C 3 .   ? -10.62842 5.73004   -12.82468 1.000 28.57762 ? 362 HOH A O   1 
HETATM 1132 O O   . HOH C 3 .   ? -1.71564  -11.57655 7.98883   1.000 20.66531 ? 363 HOH A O   1 
HETATM 1133 O O   . HOH C 3 .   ? -1.51437  -8.92360  -12.63915 1.000 27.83565 ? 364 HOH A O   1 
HETATM 1134 O O   . HOH C 3 .   ? 3.24943   -9.80617  -3.51220  1.000 16.07793 ? 365 HOH A O   1 
HETATM 1135 O O   . HOH C 3 .   ? 3.76571   -0.84489  -1.65611  1.000 8.02945  ? 366 HOH A O   1 
HETATM 1136 O O   . HOH C 3 .   ? -7.14131  1.54739   16.09186  1.000 32.13915 ? 367 HOH A O   1 
HETATM 1137 O O   . HOH C 3 .   ? -11.93454 -4.52035  -6.05043  1.000 18.10961 ? 368 HOH A O   1 
HETATM 1138 O O   . HOH C 3 .   ? -12.23337 -9.64733  1.84472   1.000 19.02838 ? 369 HOH A O   1 
HETATM 1139 O O   . HOH C 3 .   ? 2.56310   -11.72394 -1.78561  1.000 13.74981 ? 370 HOH A O   1 
HETATM 1140 O O   . HOH C 3 .   ? -3.67330  14.47757  7.00664   1.000 13.12538 ? 371 HOH A O   1 
HETATM 1141 O O   . HOH C 3 .   ? -9.81665  11.44736  3.20515   1.000 18.22690 ? 372 HOH A O   1 
HETATM 1142 O O   . HOH C 3 .   ? 14.49486  -7.95750  4.24109   1.000 14.54814 ? 373 HOH A O   1 
HETATM 1143 O O   . HOH C 3 .   ? 3.78540   -6.25094  -9.65085  1.000 15.53790 ? 374 HOH A O   1 
HETATM 1144 O O   . HOH C 3 .   ? 6.27647   -6.48549  -9.31255  1.000 17.66383 ? 375 HOH A O   1 
HETATM 1145 O O   . HOH C 3 .   ? -5.40230  2.03046   -13.99807 1.000 23.00449 ? 376 HOH A O   1 
HETATM 1146 O O   . HOH C 3 .   ? -2.13132  14.33928  -5.59091  1.000 32.54125 ? 377 HOH A O   1 
HETATM 1147 O O   . HOH C 3 .   ? 13.75133  -11.02324 4.31202   1.000 19.27105 ? 378 HOH A O   1 
HETATM 1148 O O   . HOH C 3 .   ? 2.70432   1.78678   9.01545   1.000 23.09868 ? 379 HOH A O   1 
HETATM 1149 O O   . HOH C 3 .   ? -11.99402 5.02811   7.28650   1.000 16.96954 ? 380 HOH A O   1 
HETATM 1150 O O   . HOH C 3 .   ? 11.69028  5.51442   11.50986  1.000 34.06729 ? 381 HOH A O   1 
HETATM 1151 O O   . HOH C 3 .   ? 3.96227   -3.80423  -7.14507  1.000 11.84563 ? 382 HOH A O   1 
HETATM 1152 O O   . HOH C 3 .   ? 7.32609   -5.30010  8.82883   1.000 26.87217 ? 383 HOH A O   1 
HETATM 1153 O O   . HOH C 3 .   ? 7.89748   -16.27188 11.74231  1.000 27.83079 ? 384 HOH A O   1 
HETATM 1154 O O   . HOH C 3 .   ? 8.22686   -1.03769  -13.24860 1.000 20.30344 ? 385 HOH A O   1 
HETATM 1155 O O   . HOH C 3 .   ? 13.99049  -17.76681 13.58445  1.000 17.75697 ? 386 HOH A O   1 
HETATM 1156 O O   . HOH C 3 .   ? 10.50869  1.58983   7.54887   1.000 29.74747 ? 387 HOH A O   1 
HETATM 1157 O O   . HOH C 3 .   ? 1.61666   15.23333  3.51820   1.000 14.02907 ? 388 HOH A O   1 
HETATM 1158 O O   . HOH C 3 .   ? 4.78921   8.85353   -13.77150 1.000 26.26995 ? 389 HOH A O   1 
HETATM 1159 O O   . HOH C 3 .   ? -4.13226  15.18075  -3.50399  1.000 24.04631 ? 390 HOH A O   1 
HETATM 1160 O O   . HOH C 3 .   ? -11.71370 -7.07856  8.33015   1.000 27.11139 ? 391 HOH A O   1 
HETATM 1161 O O   . HOH C 3 .   ? -18.42590 9.63826   4.53317   1.000 26.13833 ? 392 HOH A O   1 
HETATM 1162 O O   . HOH C 3 .   ? 11.66388  -6.64908  -8.85859  1.000 19.79196 ? 393 HOH A O   1 
HETATM 1163 O O   . HOH C 3 .   ? -8.63079  -11.31019 -3.68986  1.000 27.83315 ? 394 HOH A O   1 
HETATM 1164 O O   . HOH C 3 .   ? 22.20640  -0.67638  1.74857   1.000 22.34934 ? 395 HOH A O   1 
HETATM 1165 O O   . HOH C 3 .   ? -6.00183  9.63830   -12.95066 1.000 17.32218 ? 396 HOH A O   1 
HETATM 1166 O O   . HOH C 3 .   ? 18.70728  -10.80943 -0.74244  1.000 14.05462 ? 397 HOH A O   1 
HETATM 1167 O O   . HOH C 3 .   ? -4.75969  -12.33605 2.46375   1.000 29.44122 ? 398 HOH A O   1 
HETATM 1168 O O   . HOH C 3 .   ? -3.84614  12.78708  -8.76317  1.000 23.33618 ? 399 HOH A O   1 
HETATM 1169 O O   . HOH C 3 .   ? 9.74343   -2.54333  11.16532  1.000 30.32451 ? 400 HOH A O   1 
HETATM 1170 O O   . HOH C 3 .   ? -11.01945 -4.47148  10.10531  1.000 5.27208  ? 401 HOH A O   1 
HETATM 1171 O O   . HOH C 3 .   ? -11.53056 11.54222  -13.67556 1.000 31.29544 ? 402 HOH A O   1 
HETATM 1172 O O   . HOH C 3 .   ? 0.28968   11.82299  -11.73254 1.000 20.18500 ? 403 HOH A O   1 
HETATM 1173 O O   . HOH C 3 .   ? 9.67081   -15.59144 5.90567   1.000 18.99721 ? 404 HOH A O   1 
HETATM 1174 O O   . HOH C 3 .   ? -13.71569 14.03365  6.38274   1.000 20.72938 ? 405 HOH A O   1 
HETATM 1175 O O   . HOH C 3 .   ? 4.23814   -2.49914  6.23955   1.000 16.26201 ? 406 HOH A O   1 
HETATM 1176 O O   . HOH C 3 .   ? -12.55621 -7.56526  -2.65031  1.000 29.67731 ? 407 HOH A O   1 
HETATM 1177 O O   . HOH C 3 .   ? -1.59551  16.83007  3.71695   1.000 16.57408 ? 408 HOH A O   1 
HETATM 1178 O O   . HOH C 3 .   ? -14.80965 4.73356   -0.69303  1.000 6.47279  ? 409 HOH A O   1 
HETATM 1179 O O   . HOH C 3 .   ? 10.71765  6.19276   9.37316   1.000 34.29841 ? 410 HOH A O   1 
HETATM 1180 O O   . HOH C 3 .   ? -16.40715 7.86484   3.06133   1.000 18.57212 ? 411 HOH A O   1 
HETATM 1181 O O   . HOH C 3 .   ? -11.62774 8.79867   -14.36404 1.000 24.87567 ? 412 HOH A O   1 
HETATM 1182 O O   . HOH C 3 .   ? 13.14765  -8.24226  13.50279  1.000 42.26001 ? 413 HOH A O   1 
HETATM 1183 O O   . HOH C 3 .   ? 18.74901  -11.25614 8.61703   0.50  32.52203 ? 414 HOH A O   1 
HETATM 1184 O O   . HOH C 3 .   ? -7.29737  11.60905  -11.40887 1.000 17.86785 ? 415 HOH A O   1 
HETATM 1185 O O   . HOH C 3 .   ? 16.85728  4.17727   2.08972   1.000 27.60361 ? 416 HOH A O   1 
HETATM 1186 O O   . HOH C 3 .   ? 14.11894  -4.46341  11.61212  1.000 33.30969 ? 417 HOH A O   1 
HETATM 1187 O O   . HOH C 3 .   ? 11.48782  -13.52993 -2.44546  1.000 19.22066 ? 418 HOH A O   1 
HETATM 1188 O O   . HOH C 3 .   ? 13.48259  -14.48341 1.68434   1.000 18.76766 ? 419 HOH A O   1 
HETATM 1189 O O   . HOH C 3 .   ? -1.12488  -1.79163  -12.26824 1.000 11.47081 ? 420 HOH A O   1 
HETATM 1190 O O   . HOH C 3 .   ? -14.45635 14.83268  -7.30923  1.000 25.85108 ? 421 HOH A O   1 
HETATM 1191 O O   . HOH C 3 .   ? -5.09292  13.96867  -5.67729  1.000 15.35750 ? 422 HOH A O   1 
HETATM 1192 O O   . HOH C 3 .   ? 14.21196  -11.84915 -2.77414  1.000 25.00869 ? 423 HOH A O   1 
HETATM 1193 O O   . HOH C 3 .   ? -3.21830  17.71756  -2.77908  1.000 24.84241 ? 424 HOH A O   1 
HETATM 1194 O O   . HOH C 3 .   ? 17.11480  -9.16314  5.02769   1.000 14.55255 ? 425 HOH A O   1 
HETATM 1195 O O   . HOH C 3 .   ? -16.68674 3.30945   3.83241   1.000 27.25086 ? 426 HOH A O   1 
HETATM 1196 O O   . HOH C 3 .   ? 12.62438  -13.26090 13.35977  1.000 33.06996 ? 427 HOH A O   1 
HETATM 1197 O O   . HOH C 3 .   ? 2.98834   -0.14794  7.00797   1.000 34.24231 ? 428 HOH A O   1 
HETATM 1198 O O   . HOH C 3 .   ? -7.20879  -8.48262  -14.65133 1.000 29.19352 ? 429 HOH A O   1 
HETATM 1199 O O   . HOH C 3 .   ? -4.03489  -7.70058  16.69349  1.000 35.40291 ? 430 HOH A O   1 
HETATM 1200 O O   . HOH C 3 .   ? -12.66167 13.18575  10.06886  1.000 30.56174 ? 431 HOH A O   1 
HETATM 1201 O O   . HOH C 3 .   ? 13.50393  -11.21409 15.05523  1.000 36.93098 ? 432 HOH A O   1 
HETATM 1202 O O   . HOH C 3 .   ? 14.53548  -5.24825  15.71488  1.000 33.61289 ? 433 HOH A O   1 
HETATM 1203 O O   . HOH C 3 .   ? 20.79629  4.17677   6.78901   1.000 37.74628 ? 434 HOH A O   1 
HETATM 1204 O O   . HOH C 3 .   ? 5.94963   -17.67094 4.33133   1.000 30.45661 ? 435 HOH A O   1 
HETATM 1205 O O   . HOH C 3 .   ? 8.18205   2.75972   13.73429  1.000 31.78861 ? 436 HOH A O   1 
HETATM 1206 O O   . HOH C 3 .   ? 0.67706   -12.31836 9.26675   1.000 12.72225 ? 437 HOH A O   1 
HETATM 1207 O O   . HOH C 3 .   ? -12.37056 6.96307   13.00544  1.000 15.65173 ? 438 HOH A O   1 
HETATM 1208 O O   . HOH C 3 .   ? 3.00344   -11.05259 -5.87209  1.000 22.15114 ? 439 HOH A O   1 
HETATM 1209 O O   . HOH C 3 .   ? -14.85657 13.59331  8.76454   1.000 35.24983 ? 440 HOH A O   1 
HETATM 1210 O O   . HOH C 3 .   ? 16.72549  -14.22995 1.78356   1.000 41.45674 ? 441 HOH A O   1 
HETATM 1211 O O   . HOH C 3 .   ? -2.11347  -4.34352  18.48809  1.000 25.40500 ? 442 HOH A O   1 
HETATM 1212 O O   . HOH C 3 .   ? 4.18894   6.88327   7.48805   1.000 35.43100 ? 443 HOH A O   1 
HETATM 1213 O O   . HOH C 3 .   ? 2.81602   -15.53237 -2.20613  1.000 31.86272 ? 444 HOH A O   1 
HETATM 1214 O O   . HOH C 3 .   ? 14.83161  7.85144   16.41104  1.000 36.53554 ? 445 HOH A O   1 
HETATM 1215 O O   . HOH C 3 .   ? -15.80475 -7.87743  5.86141   1.000 29.48276 ? 446 HOH A O   1 
HETATM 1216 O O   . HOH C 3 .   ? 9.45949   0.75920   -14.78477 1.000 31.20688 ? 447 HOH A O   1 
HETATM 1217 O O   . HOH C 3 .   ? 13.88890  -13.68660 4.72202   1.000 26.51095 ? 448 HOH A O   1 
HETATM 1218 O O   . HOH C 3 .   ? 23.50977  -5.70849  4.81170   1.000 30.95809 ? 449 HOH A O   1 
HETATM 1219 O O   . HOH C 3 .   ? 9.95628   -2.60402  -12.12253 1.000 21.47540 ? 450 HOH A O   1 
HETATM 1220 O O   . HOH C 3 .   ? 3.18492   -8.63488  -11.34299 1.000 25.64574 ? 451 HOH A O   1 
HETATM 1221 O O   . HOH C 3 .   ? 7.17241   -4.32474  11.59793  1.000 32.36612 ? 452 HOH A O   1 
HETATM 1222 O O   . HOH C 3 .   ? -16.82188 3.14385   -2.71630  1.000 35.71294 ? 453 HOH A O   1 
HETATM 1223 O O   . HOH C 3 .   ? -2.25713  0.36415   -13.97259 1.000 31.14588 ? 454 HOH A O   1 
HETATM 1224 O O   . HOH C 3 .   ? 8.30613   -6.63954  -10.64566 1.000 34.85373 ? 455 HOH A O   1 
HETATM 1225 O O   . HOH C 3 .   ? -12.45551 9.45480   -16.90369 1.000 33.34363 ? 456 HOH A O   1 
HETATM 1226 O O   . HOH C 3 .   ? -2.79315  -13.64460 1.31497   1.000 35.35016 ? 457 HOH A O   1 
HETATM 1227 O O   . HOH C 3 .   ? -18.16317 11.31266  6.61825   1.000 23.36634 ? 458 HOH A O   1 
HETATM 1228 O O   . HOH C 3 .   ? -12.79702 -9.54934  -0.99265  1.000 32.67187 ? 459 HOH A O   1 
HETATM 1229 O O   . HOH C 3 .   ? -11.47186 14.81747  5.25331   1.000 32.05080 ? 460 HOH A O   1 
HETATM 1230 O O   . HOH C 3 .   ? 17.08156  7.64978   5.44909   0.50  29.12145 ? 461 HOH A O   1 
HETATM 1231 O O   . HOH C 3 .   ? -1.95778  -16.83539 5.63608   1.000 28.32154 ? 462 HOH A O   1 
HETATM 1232 O O   . HOH C 3 .   ? -9.98461  7.52528   14.62540  1.000 19.35672 ? 463 HOH A O   1 
HETATM 1233 O O   . HOH C 3 .   ? 0.45813   -13.52838 -2.56845  1.000 30.21001 ? 464 HOH A O   1 
HETATM 1234 O O   . HOH C 3 .   ? -17.91285 12.10253  10.93187  1.000 26.65476 ? 465 HOH A O   1 
HETATM 1235 O O   . HOH C 3 .   ? -13.82757 13.38865  12.77507  1.000 37.50329 ? 466 HOH A O   1 
HETATM 1236 O O   . HOH C 3 .   ? -12.57753 15.54436  1.61280   1.000 28.62971 ? 467 HOH A O   1 
HETATM 1237 O O   . HOH C 3 .   ? 14.32964  -16.88414 6.57373   1.000 26.09336 ? 468 HOH A O   1 
HETATM 1238 O O   . HOH C 3 .   ? 9.15081   -10.40076 -7.87873  1.000 30.17131 ? 469 HOH A O   1 
HETATM 1239 O O   . HOH C 3 .   ? 10.92391  -9.20570  -9.13855  1.000 30.49109 ? 470 HOH A O   1 
HETATM 1240 O O   . HOH C 3 .   ? 4.71376   -10.83148 -8.04654  1.000 29.62875 ? 471 HOH A O   1 
HETATM 1241 O O   . HOH C 3 .   ? 6.54035   -9.32785  -9.02382  1.000 25.09088 ? 472 HOH A O   1 
# 
